data_1LFU
#
_entry.id   1LFU
#
loop_
_entity.id
_entity.type
_entity.pdbx_description
1 polymer "5'-D(*GP*CP*GP*CP*AP*TP*GP*AP*TP*TP*GP*CP*CP*C)-3'"
2 polymer "5'-D(*GP*GP*GP*CP*AP*AP*TP*CP*AP*TP*GP*CP*GP*C)-3'"
3 polymer 'homeobox protein PBX1'
#
loop_
_entity_poly.entity_id
_entity_poly.type
_entity_poly.pdbx_seq_one_letter_code
_entity_poly.pdbx_strand_id
1 'polydeoxyribonucleotide' (DG)(DC)(DG)(DC)(DA)(DT)(DG)(DA)(DT)(DT)(DG)(DC)(DC)(DC) A
2 'polydeoxyribonucleotide' (DG)(DG)(DG)(DC)(DA)(DA)(DT)(DC)(DA)(DT)(DG)(DC)(DG)(DC) B
3 'polypeptide(L)'
;MARRKRRNFNKQATEILNEYFYSHLSNPYPSEEAKEELAKKSGITVSQVSNWFGNKRIRYKKNIGKFQEEANIYAAKTAV
TA
;
P
#
loop_
_chem_comp.id
_chem_comp.type
_chem_comp.name
_chem_comp.formula
DA DNA linking 2'-DEOXYADENOSINE-5'-MONOPHOSPHATE 'C10 H14 N5 O6 P'
DC DNA linking 2'-DEOXYCYTIDINE-5'-MONOPHOSPHATE 'C9 H14 N3 O7 P'
DG DNA linking 2'-DEOXYGUANOSINE-5'-MONOPHOSPHATE 'C10 H14 N5 O7 P'
DT DNA linking THYMIDINE-5'-MONOPHOSPHATE 'C10 H15 N2 O8 P'
#
# COMPACT_ATOMS: atom_id res chain seq x y z
N MET C 1 17.56 4.49 16.26
CA MET C 1 16.45 3.79 15.55
C MET C 1 15.19 3.75 16.39
N ALA C 2 15.31 3.19 17.60
CA ALA C 2 14.17 3.09 18.52
C ALA C 2 13.23 1.96 18.10
N ARG C 3 12.18 1.75 18.87
CA ARG C 3 11.20 0.71 18.57
C ARG C 3 10.73 0.79 17.12
N ARG C 4 9.75 1.65 16.84
CA ARG C 4 9.25 1.77 15.48
C ARG C 4 8.20 2.88 15.35
N LYS C 5 7.83 3.17 14.09
CA LYS C 5 6.82 4.19 13.80
C LYS C 5 6.55 4.26 12.30
N ARG C 6 7.63 4.35 11.53
CA ARG C 6 7.56 4.47 10.07
C ARG C 6 8.91 4.10 9.46
N ARG C 7 9.70 5.12 9.09
CA ARG C 7 11.05 4.96 8.52
C ARG C 7 11.11 3.94 7.37
N ASN C 8 10.54 2.76 7.58
CA ASN C 8 10.55 1.71 6.59
C ASN C 8 9.98 2.18 5.25
N PHE C 9 8.70 1.90 4.96
CA PHE C 9 8.08 2.29 3.71
C PHE C 9 8.16 3.79 3.49
N ASN C 10 9.10 4.20 2.68
CA ASN C 10 9.29 5.60 2.35
C ASN C 10 8.12 6.12 1.52
N LYS C 11 8.13 7.42 1.22
CA LYS C 11 7.06 8.04 0.44
C LYS C 11 6.87 7.34 -0.91
N GLN C 12 7.88 6.61 -1.36
CA GLN C 12 7.78 5.90 -2.64
C GLN C 12 6.90 4.66 -2.52
N ALA C 13 7.14 3.87 -1.48
CA ALA C 13 6.37 2.66 -1.26
C ALA C 13 4.90 2.96 -0.99
N THR C 14 4.64 3.98 -0.20
CA THR C 14 3.28 4.35 0.14
C THR C 14 2.44 4.61 -1.12
N GLU C 15 2.91 5.52 -1.97
CA GLU C 15 2.20 5.85 -3.20
C GLU C 15 1.93 4.60 -4.03
N ILE C 16 2.92 3.71 -4.08
CA ILE C 16 2.83 2.48 -4.85
C ILE C 16 1.89 1.45 -4.23
N LEU C 17 2.16 1.10 -2.98
CA LEU C 17 1.36 0.08 -2.29
C LEU C 17 -0.12 0.45 -2.20
N ASN C 18 -0.44 1.71 -1.88
CA ASN C 18 -1.84 2.11 -1.77
C ASN C 18 -2.59 1.92 -3.09
N GLU C 19 -2.04 2.49 -4.17
CA GLU C 19 -2.66 2.37 -5.49
C GLU C 19 -3.07 0.94 -5.80
N TYR C 20 -2.21 -0.01 -5.47
CA TYR C 20 -2.50 -1.41 -5.71
C TYR C 20 -3.48 -1.94 -4.65
N PHE C 21 -3.30 -1.48 -3.42
CA PHE C 21 -4.17 -1.88 -2.31
C PHE C 21 -5.64 -1.66 -2.66
N TYR C 22 -5.95 -0.47 -3.18
CA TYR C 22 -7.33 -0.13 -3.54
C TYR C 22 -7.87 -1.01 -4.67
N SER C 23 -7.17 -2.08 -5.01
CA SER C 23 -7.63 -3.00 -6.05
C SER C 23 -7.94 -4.36 -5.44
N HIS C 24 -7.34 -4.65 -4.30
CA HIS C 24 -7.57 -5.93 -3.61
C HIS C 24 -8.11 -5.69 -2.20
N LEU C 25 -8.92 -4.65 -2.03
CA LEU C 25 -9.52 -4.36 -0.72
C LEU C 25 -10.09 -5.64 -0.10
N SER C 26 -11.00 -6.29 -0.83
CA SER C 26 -11.63 -7.51 -0.34
C SER C 26 -10.59 -8.60 -0.03
N ASN C 27 -9.33 -8.33 -0.39
CA ASN C 27 -8.23 -9.24 -0.14
C ASN C 27 -7.00 -8.43 0.24
N PRO C 28 -6.97 -7.90 1.48
CA PRO C 28 -5.87 -7.04 1.98
C PRO C 28 -4.52 -7.75 2.08
N TYR C 29 -4.13 -8.43 1.01
CA TYR C 29 -2.86 -9.13 0.97
C TYR C 29 -2.37 -9.28 -0.47
N PRO C 30 -1.17 -8.76 -0.78
CA PRO C 30 -0.58 -8.84 -2.13
C PRO C 30 -0.58 -10.28 -2.68
N SER C 31 0.39 -10.59 -3.52
CA SER C 31 0.55 -11.92 -4.09
C SER C 31 2.03 -12.15 -4.24
N GLU C 32 2.47 -13.36 -4.53
CA GLU C 32 3.91 -13.61 -4.67
C GLU C 32 4.54 -12.60 -5.61
N GLU C 33 3.98 -12.45 -6.80
CA GLU C 33 4.51 -11.50 -7.77
C GLU C 33 4.24 -10.07 -7.33
N ALA C 34 3.14 -9.88 -6.59
CA ALA C 34 2.77 -8.55 -6.11
C ALA C 34 3.80 -8.05 -5.10
N LYS C 35 4.05 -8.83 -4.05
CA LYS C 35 5.05 -8.43 -3.06
C LYS C 35 6.41 -8.26 -3.72
N GLU C 36 6.59 -8.94 -4.85
CA GLU C 36 7.83 -8.83 -5.61
C GLU C 36 7.87 -7.51 -6.35
N GLU C 37 6.90 -7.29 -7.24
CA GLU C 37 6.84 -6.05 -8.00
C GLU C 37 6.74 -4.86 -7.05
N LEU C 38 5.83 -4.94 -6.08
CA LEU C 38 5.65 -3.89 -5.11
C LEU C 38 6.96 -3.57 -4.41
N ALA C 39 7.50 -4.56 -3.73
CA ALA C 39 8.75 -4.40 -2.99
C ALA C 39 9.89 -3.88 -3.88
N LYS C 40 9.84 -4.23 -5.17
CA LYS C 40 10.86 -3.78 -6.11
C LYS C 40 10.60 -2.33 -6.46
N LYS C 41 9.34 -2.06 -6.75
CA LYS C 41 8.87 -0.74 -7.12
C LYS C 41 8.97 0.23 -5.95
N SER C 42 8.52 -0.21 -4.79
CA SER C 42 8.52 0.60 -3.58
C SER C 42 9.92 0.76 -2.99
N GLY C 43 10.58 -0.37 -2.79
CA GLY C 43 11.92 -0.36 -2.21
C GLY C 43 11.92 -1.06 -0.87
N ILE C 44 10.91 -1.88 -0.64
CA ILE C 44 10.76 -2.65 0.58
C ILE C 44 11.04 -4.12 0.30
N THR C 45 10.63 -5.00 1.21
CA THR C 45 10.81 -6.42 1.02
C THR C 45 9.45 -7.09 1.05
N VAL C 46 9.28 -8.11 0.22
CA VAL C 46 8.01 -8.84 0.15
C VAL C 46 7.22 -8.77 1.46
N SER C 47 7.68 -9.52 2.46
CA SER C 47 7.02 -9.57 3.76
C SER C 47 6.58 -8.20 4.29
N GLN C 48 7.31 -7.14 3.97
CA GLN C 48 6.93 -5.81 4.44
C GLN C 48 5.63 -5.38 3.78
N VAL C 49 5.46 -5.72 2.51
CA VAL C 49 4.26 -5.37 1.78
C VAL C 49 3.01 -5.91 2.50
N SER C 50 3.01 -7.22 2.75
CA SER C 50 1.89 -7.86 3.45
C SER C 50 1.64 -7.17 4.79
N ASN C 51 2.72 -6.60 5.35
CA ASN C 51 2.64 -5.88 6.61
C ASN C 51 1.94 -4.54 6.39
N TRP C 52 2.44 -3.80 5.40
CA TRP C 52 1.89 -2.50 5.04
C TRP C 52 0.41 -2.61 4.69
N PHE C 53 0.13 -3.47 3.71
CA PHE C 53 -1.25 -3.67 3.23
C PHE C 53 -2.22 -3.88 4.38
N GLY C 54 -1.94 -4.87 5.23
CA GLY C 54 -2.82 -5.16 6.35
C GLY C 54 -3.22 -3.91 7.13
N ASN C 55 -2.29 -2.99 7.30
CA ASN C 55 -2.55 -1.76 8.04
C ASN C 55 -3.46 -0.81 7.26
N LYS C 56 -3.34 -0.82 5.94
CA LYS C 56 -4.16 0.05 5.11
C LYS C 56 -5.65 -0.19 5.29
N ARG C 57 -6.06 -1.45 5.31
CA ARG C 57 -7.46 -1.78 5.51
C ARG C 57 -7.92 -1.25 6.86
N ILE C 58 -7.12 -1.48 7.88
CA ILE C 58 -7.46 -1.05 9.22
C ILE C 58 -7.75 0.44 9.21
N ARG C 59 -6.73 1.24 8.86
CA ARG C 59 -6.90 2.69 8.79
C ARG C 59 -8.15 3.06 7.98
N TYR C 60 -8.46 2.23 6.99
CA TYR C 60 -9.65 2.45 6.14
C TYR C 60 -10.91 2.53 7.01
N LYS C 61 -11.18 1.44 7.72
CA LYS C 61 -12.34 1.33 8.62
C LYS C 61 -12.53 2.55 9.53
N LYS C 62 -11.49 3.35 9.66
CA LYS C 62 -11.55 4.53 10.52
C LYS C 62 -12.23 5.70 9.82
N ASN C 63 -11.96 5.86 8.54
CA ASN C 63 -12.53 6.96 7.78
C ASN C 63 -13.09 6.53 6.41
N ILE C 64 -13.76 5.38 6.38
CA ILE C 64 -14.36 4.83 5.16
C ILE C 64 -14.46 5.81 3.98
N GLY C 65 -15.38 6.78 4.09
CA GLY C 65 -15.60 7.76 3.03
C GLY C 65 -14.33 8.46 2.55
N LYS C 66 -13.33 8.49 3.41
CA LYS C 66 -12.06 9.12 3.08
C LYS C 66 -11.29 8.23 2.11
N PHE C 67 -11.37 6.93 2.34
CA PHE C 67 -10.67 5.95 1.52
C PHE C 67 -11.44 5.66 0.22
N GLN C 68 -12.76 5.80 0.26
CA GLN C 68 -13.56 5.58 -0.93
C GLN C 68 -13.10 6.49 -2.05
N GLU C 69 -13.27 7.79 -1.86
CA GLU C 69 -12.85 8.77 -2.86
C GLU C 69 -11.40 8.55 -3.27
N GLU C 70 -10.55 8.28 -2.29
CA GLU C 70 -9.14 8.00 -2.55
C GLU C 70 -9.04 6.81 -3.47
N ALA C 71 -9.72 5.74 -3.08
CA ALA C 71 -9.74 4.50 -3.86
C ALA C 71 -9.92 4.81 -5.34
N ASN C 72 -10.80 5.76 -5.64
CA ASN C 72 -11.04 6.16 -7.02
C ASN C 72 -9.87 6.98 -7.56
N ILE C 73 -9.31 7.81 -6.69
CA ILE C 73 -8.18 8.66 -7.06
C ILE C 73 -6.98 7.81 -7.45
N TYR C 74 -6.51 7.00 -6.51
CA TYR C 74 -5.36 6.15 -6.72
C TYR C 74 -5.65 5.07 -7.77
N ALA C 75 -6.90 4.62 -7.82
CA ALA C 75 -7.30 3.59 -8.77
C ALA C 75 -6.99 3.99 -10.21
N ALA C 76 -7.53 5.14 -10.62
CA ALA C 76 -7.32 5.63 -11.98
C ALA C 76 -5.85 5.71 -12.35
N LYS C 77 -4.98 5.84 -11.35
CA LYS C 77 -3.54 5.93 -11.59
C LYS C 77 -2.85 4.59 -11.37
N THR C 78 -3.48 3.51 -11.80
CA THR C 78 -2.90 2.17 -11.65
C THR C 78 -2.06 1.79 -12.86
N ALA C 79 -2.27 2.48 -13.98
CA ALA C 79 -1.52 2.22 -15.20
C ALA C 79 -0.15 2.88 -15.18
N VAL C 80 0.19 3.53 -14.06
CA VAL C 80 1.48 4.20 -13.93
C VAL C 80 2.58 3.22 -13.53
N THR C 81 3.69 3.27 -14.25
CA THR C 81 4.83 2.40 -13.97
C THR C 81 4.40 0.93 -13.93
N ALA C 82 4.57 0.24 -15.05
CA ALA C 82 4.20 -1.17 -15.14
C ALA C 82 2.72 -1.37 -14.87
N MET C 1 7.84 -3.57 21.25
CA MET C 1 6.36 -3.43 21.32
C MET C 1 5.83 -2.47 20.26
N ALA C 2 6.47 -1.31 20.14
CA ALA C 2 6.05 -0.31 19.16
C ALA C 2 7.12 0.78 19.02
N ARG C 3 8.36 0.44 19.31
CA ARG C 3 9.47 1.38 19.22
C ARG C 3 9.72 1.91 17.80
N ARG C 4 8.64 2.14 17.02
CA ARG C 4 8.79 2.64 15.66
C ARG C 4 7.43 2.87 15.02
N LYS C 5 7.44 3.25 13.74
CA LYS C 5 6.19 3.45 13.01
C LYS C 5 6.43 3.85 11.54
N ARG C 6 7.40 4.73 11.29
CA ARG C 6 7.69 5.17 9.93
C ARG C 6 9.17 5.50 9.75
N ARG C 7 9.69 5.13 8.58
CA ARG C 7 11.08 5.33 8.21
C ARG C 7 11.46 4.31 7.15
N ASN C 8 10.78 3.17 7.19
CA ASN C 8 11.01 2.08 6.27
C ASN C 8 10.58 2.45 4.84
N PHE C 9 9.29 2.29 4.53
CA PHE C 9 8.80 2.61 3.19
C PHE C 9 8.85 4.10 2.94
N ASN C 10 9.68 4.50 2.00
CA ASN C 10 9.81 5.91 1.66
C ASN C 10 8.58 6.39 0.89
N LYS C 11 8.55 7.69 0.57
CA LYS C 11 7.42 8.26 -0.16
C LYS C 11 7.16 7.52 -1.47
N GLN C 12 8.17 6.81 -1.96
CA GLN C 12 8.03 6.05 -3.21
C GLN C 12 7.27 4.75 -2.97
N ALA C 13 7.68 4.02 -1.94
CA ALA C 13 7.04 2.76 -1.59
C ALA C 13 5.58 2.96 -1.22
N THR C 14 5.31 4.01 -0.45
CA THR C 14 3.96 4.31 -0.01
C THR C 14 3.00 4.48 -1.18
N GLU C 15 3.32 5.37 -2.11
CA GLU C 15 2.48 5.62 -3.27
C GLU C 15 2.23 4.33 -4.05
N ILE C 16 3.30 3.56 -4.20
CA ILE C 16 3.25 2.29 -4.92
C ILE C 16 2.30 1.31 -4.26
N LEU C 17 2.59 0.98 -3.01
CA LEU C 17 1.76 0.03 -2.27
C LEU C 17 0.31 0.54 -2.20
N ASN C 18 0.13 1.82 -1.85
CA ASN C 18 -1.20 2.41 -1.75
C ASN C 18 -2.02 2.15 -3.01
N GLU C 19 -1.55 2.68 -4.14
CA GLU C 19 -2.23 2.51 -5.42
C GLU C 19 -2.76 1.08 -5.59
N TYR C 20 -1.89 0.10 -5.36
CA TYR C 20 -2.27 -1.30 -5.49
C TYR C 20 -3.30 -1.68 -4.43
N PHE C 21 -3.08 -1.23 -3.21
CA PHE C 21 -4.00 -1.51 -2.10
C PHE C 21 -5.43 -1.12 -2.46
N TYR C 22 -5.62 0.12 -2.90
CA TYR C 22 -6.95 0.63 -3.27
C TYR C 22 -7.59 -0.19 -4.39
N SER C 23 -6.95 -1.29 -4.79
CA SER C 23 -7.49 -2.15 -5.84
C SER C 23 -7.99 -3.46 -5.26
N HIS C 24 -7.48 -3.82 -4.08
CA HIS C 24 -7.88 -5.05 -3.41
C HIS C 24 -8.39 -4.79 -1.99
N LEU C 25 -9.07 -3.67 -1.80
CA LEU C 25 -9.63 -3.35 -0.47
C LEU C 25 -10.32 -4.56 0.15
N SER C 26 -11.29 -5.13 -0.57
CA SER C 26 -12.04 -6.26 -0.03
C SER C 26 -11.11 -7.42 0.36
N ASN C 27 -9.86 -7.36 -0.12
CA ASN C 27 -8.85 -8.38 0.18
C ASN C 27 -7.47 -7.73 0.00
N PRO C 28 -7.11 -6.81 0.92
CA PRO C 28 -5.85 -6.05 0.86
C PRO C 28 -4.60 -6.80 1.24
N TYR C 29 -4.42 -7.98 0.66
CA TYR C 29 -3.21 -8.76 0.92
C TYR C 29 -2.54 -9.13 -0.41
N PRO C 30 -1.29 -8.69 -0.62
CA PRO C 30 -0.54 -8.93 -1.85
C PRO C 30 -0.57 -10.39 -2.29
N SER C 31 0.45 -10.80 -3.03
CA SER C 31 0.59 -12.15 -3.52
C SER C 31 2.07 -12.37 -3.75
N GLU C 32 2.48 -13.59 -4.05
CA GLU C 32 3.91 -13.85 -4.29
C GLU C 32 4.49 -12.83 -5.26
N GLU C 33 3.86 -12.69 -6.41
CA GLU C 33 4.34 -11.75 -7.41
C GLU C 33 4.12 -10.31 -6.93
N ALA C 34 3.05 -10.09 -6.19
CA ALA C 34 2.74 -8.75 -5.67
C ALA C 34 3.83 -8.28 -4.72
N LYS C 35 4.10 -9.07 -3.67
CA LYS C 35 5.15 -8.70 -2.73
C LYS C 35 6.49 -8.58 -3.45
N GLU C 36 6.62 -9.28 -4.57
CA GLU C 36 7.83 -9.23 -5.37
C GLU C 36 7.88 -7.92 -6.15
N GLU C 37 6.89 -7.71 -7.02
CA GLU C 37 6.82 -6.49 -7.81
C GLU C 37 6.77 -5.27 -6.91
N LEU C 38 5.89 -5.31 -5.91
CA LEU C 38 5.75 -4.21 -4.97
C LEU C 38 7.08 -3.90 -4.30
N ALA C 39 7.63 -4.89 -3.60
CA ALA C 39 8.89 -4.74 -2.90
C ALA C 39 10.01 -4.26 -3.83
N LYS C 40 9.93 -4.63 -5.10
CA LYS C 40 10.92 -4.24 -6.08
C LYS C 40 10.70 -2.79 -6.48
N LYS C 41 9.44 -2.49 -6.75
CA LYS C 41 9.00 -1.17 -7.14
C LYS C 41 9.13 -0.17 -6.00
N SER C 42 8.70 -0.58 -4.82
CA SER C 42 8.73 0.26 -3.64
C SER C 42 10.16 0.41 -3.08
N GLY C 43 10.83 -0.71 -2.91
CA GLY C 43 12.17 -0.70 -2.37
C GLY C 43 12.22 -1.38 -1.01
N ILE C 44 11.18 -2.16 -0.73
CA ILE C 44 11.06 -2.90 0.51
C ILE C 44 11.29 -4.39 0.25
N THR C 45 10.88 -5.23 1.18
CA THR C 45 11.00 -6.66 1.02
C THR C 45 9.63 -7.28 1.13
N VAL C 46 9.40 -8.34 0.36
CA VAL C 46 8.11 -9.03 0.35
C VAL C 46 7.38 -8.85 1.69
N SER C 47 7.83 -9.58 2.70
CA SER C 47 7.21 -9.55 4.03
C SER C 47 6.84 -8.14 4.50
N GLN C 48 7.59 -7.11 4.08
CA GLN C 48 7.27 -5.75 4.49
C GLN C 48 5.95 -5.30 3.87
N VAL C 49 5.69 -5.79 2.66
CA VAL C 49 4.45 -5.46 1.98
C VAL C 49 3.26 -6.00 2.74
N SER C 50 3.21 -7.32 2.95
CA SER C 50 2.12 -7.94 3.69
C SER C 50 1.94 -7.22 5.04
N ASN C 51 3.05 -6.69 5.53
CA ASN C 51 3.04 -5.95 6.78
C ASN C 51 2.40 -4.60 6.55
N TRP C 52 2.90 -3.89 5.53
CA TRP C 52 2.38 -2.59 5.15
C TRP C 52 0.90 -2.66 4.84
N PHE C 53 0.55 -3.48 3.83
CA PHE C 53 -0.84 -3.65 3.42
C PHE C 53 -1.74 -3.89 4.62
N GLY C 54 -1.43 -4.93 5.39
CA GLY C 54 -2.22 -5.28 6.58
C GLY C 54 -2.82 -4.07 7.29
N ASN C 55 -1.96 -3.26 7.88
CA ASN C 55 -2.42 -2.08 8.62
C ASN C 55 -3.21 -1.11 7.75
N LYS C 56 -2.76 -0.92 6.51
CA LYS C 56 -3.42 0.01 5.59
C LYS C 56 -4.94 -0.14 5.60
N ARG C 57 -5.44 -1.35 5.36
CA ARG C 57 -6.88 -1.56 5.37
C ARG C 57 -7.43 -1.16 6.73
N ILE C 58 -6.76 -1.59 7.79
CA ILE C 58 -7.20 -1.26 9.13
C ILE C 58 -7.33 0.25 9.25
N ARG C 59 -6.28 0.96 8.85
CA ARG C 59 -6.28 2.42 8.87
C ARG C 59 -7.52 2.96 8.14
N TYR C 60 -7.87 2.32 7.04
CA TYR C 60 -9.04 2.70 6.24
C TYR C 60 -10.29 2.85 7.12
N LYS C 61 -10.65 1.76 7.78
CA LYS C 61 -11.81 1.70 8.67
C LYS C 61 -11.86 2.81 9.71
N LYS C 62 -10.72 3.42 9.95
CA LYS C 62 -10.65 4.51 10.92
C LYS C 62 -11.33 5.74 10.35
N ASN C 63 -11.15 5.95 9.05
CA ASN C 63 -11.74 7.10 8.39
C ASN C 63 -12.29 6.77 6.99
N ILE C 64 -13.01 5.65 6.90
CA ILE C 64 -13.63 5.20 5.64
C ILE C 64 -13.68 6.25 4.50
N GLY C 65 -14.51 7.27 4.69
CA GLY C 65 -14.68 8.32 3.67
C GLY C 65 -13.40 9.03 3.29
N LYS C 66 -12.45 9.04 4.20
CA LYS C 66 -11.17 9.68 3.95
C LYS C 66 -10.41 8.94 2.84
N PHE C 67 -10.47 7.62 2.90
CA PHE C 67 -9.79 6.78 1.93
C PHE C 67 -10.55 6.69 0.62
N GLN C 68 -11.87 6.84 0.68
CA GLN C 68 -12.68 6.79 -0.54
C GLN C 68 -12.10 7.76 -1.56
N GLU C 69 -12.11 9.04 -1.21
CA GLU C 69 -11.58 10.08 -2.07
C GLU C 69 -10.15 9.75 -2.51
N GLU C 70 -9.31 9.36 -1.54
CA GLU C 70 -7.93 8.99 -1.82
C GLU C 70 -7.93 7.90 -2.89
N ALA C 71 -8.65 6.82 -2.60
CA ALA C 71 -8.76 5.70 -3.50
C ALA C 71 -8.95 6.18 -4.94
N ASN C 72 -9.79 7.21 -5.11
CA ASN C 72 -10.03 7.77 -6.43
C ASN C 72 -8.84 8.60 -6.89
N ILE C 73 -8.18 9.26 -5.95
CA ILE C 73 -7.01 10.08 -6.25
C ILE C 73 -5.87 9.22 -6.76
N TYR C 74 -5.53 8.17 -6.00
CA TYR C 74 -4.45 7.26 -6.39
C TYR C 74 -4.82 6.49 -7.66
N ALA C 75 -6.13 6.34 -7.87
CA ALA C 75 -6.63 5.63 -9.04
C ALA C 75 -6.10 6.26 -10.33
N ALA C 76 -6.36 7.55 -10.50
CA ALA C 76 -5.92 8.28 -11.69
C ALA C 76 -4.42 8.49 -11.74
N LYS C 77 -3.71 8.13 -10.67
CA LYS C 77 -2.26 8.29 -10.64
C LYS C 77 -1.59 7.32 -11.61
N THR C 78 -0.25 7.26 -11.56
CA THR C 78 0.54 6.39 -12.43
C THR C 78 0.19 6.61 -13.89
N ALA C 79 1.20 7.00 -14.68
CA ALA C 79 1.02 7.26 -16.11
C ALA C 79 0.34 8.61 -16.35
N VAL C 80 0.13 9.37 -15.28
CA VAL C 80 -0.51 10.68 -15.37
C VAL C 80 0.52 11.76 -15.69
N THR C 81 0.15 12.69 -16.56
CA THR C 81 1.03 13.78 -16.95
C THR C 81 0.24 15.06 -17.21
N ALA C 82 0.89 16.20 -17.01
CA ALA C 82 0.24 17.49 -17.23
C ALA C 82 0.40 17.95 -18.67
N MET C 1 18.22 2.33 19.28
CA MET C 1 17.21 1.99 18.25
C MET C 1 15.79 2.12 18.82
N ALA C 2 15.04 3.08 18.29
CA ALA C 2 13.67 3.32 18.73
C ALA C 2 12.73 2.23 18.24
N ARG C 3 11.55 2.14 18.86
CA ARG C 3 10.57 1.12 18.49
C ARG C 3 10.29 1.14 16.98
N ARG C 4 9.21 1.82 16.55
CA ARG C 4 8.88 1.84 15.11
C ARG C 4 7.67 2.71 14.79
N LYS C 5 7.59 3.18 13.55
CA LYS C 5 6.43 3.94 13.10
C LYS C 5 6.55 4.39 11.66
N ARG C 6 7.75 4.77 11.26
CA ARG C 6 7.99 5.26 9.91
C ARG C 6 9.43 5.00 9.48
N ARG C 7 9.90 5.72 8.46
CA ARG C 7 11.26 5.53 7.93
C ARG C 7 11.27 4.30 7.04
N ASN C 8 10.48 3.31 7.44
CA ASN C 8 10.36 2.06 6.71
C ASN C 8 9.93 2.33 5.27
N PHE C 9 8.65 2.16 4.92
CA PHE C 9 8.18 2.42 3.57
C PHE C 9 8.29 3.91 3.26
N ASN C 10 9.20 4.25 2.37
CA ASN C 10 9.38 5.64 2.01
C ASN C 10 8.15 6.15 1.24
N LYS C 11 8.09 7.45 0.96
CA LYS C 11 6.96 8.02 0.25
C LYS C 11 6.75 7.37 -1.12
N GLN C 12 7.76 6.64 -1.59
CA GLN C 12 7.67 5.95 -2.87
C GLN C 12 6.88 4.66 -2.70
N ALA C 13 7.21 3.91 -1.67
CA ALA C 13 6.53 2.64 -1.39
C ALA C 13 5.06 2.85 -1.08
N THR C 14 4.78 3.87 -0.28
CA THR C 14 3.41 4.17 0.11
C THR C 14 2.50 4.38 -1.10
N GLU C 15 2.89 5.30 -1.98
CA GLU C 15 2.10 5.57 -3.18
C GLU C 15 1.88 4.31 -3.99
N ILE C 16 2.93 3.51 -4.10
CA ILE C 16 2.89 2.26 -4.84
C ILE C 16 1.93 1.25 -4.22
N LEU C 17 2.17 0.90 -2.97
CA LEU C 17 1.33 -0.06 -2.29
C LEU C 17 -0.12 0.41 -2.21
N ASN C 18 -0.34 1.68 -1.85
CA ASN C 18 -1.68 2.24 -1.76
C ASN C 18 -2.45 1.98 -3.06
N GLU C 19 -1.93 2.50 -4.16
CA GLU C 19 -2.57 2.33 -5.47
C GLU C 19 -3.03 0.89 -5.69
N TYR C 20 -2.18 -0.07 -5.35
CA TYR C 20 -2.52 -1.46 -5.52
C TYR C 20 -3.48 -1.92 -4.42
N PHE C 21 -3.29 -1.40 -3.21
CA PHE C 21 -4.15 -1.72 -2.08
C PHE C 21 -5.62 -1.49 -2.43
N TYR C 22 -5.91 -0.30 -2.96
CA TYR C 22 -7.28 0.08 -3.34
C TYR C 22 -7.88 -0.86 -4.39
N SER C 23 -7.22 -1.98 -4.64
CA SER C 23 -7.71 -2.96 -5.59
C SER C 23 -8.04 -4.28 -4.88
N HIS C 24 -7.48 -4.45 -3.69
CA HIS C 24 -7.71 -5.66 -2.89
C HIS C 24 -8.20 -5.31 -1.49
N LEU C 25 -8.97 -4.23 -1.38
CA LEU C 25 -9.49 -3.80 -0.08
C LEU C 25 -10.03 -4.96 0.76
N SER C 26 -11.09 -5.61 0.27
CA SER C 26 -11.70 -6.71 1.02
C SER C 26 -10.70 -7.84 1.31
N ASN C 27 -9.49 -7.72 0.81
CA ASN C 27 -8.45 -8.71 1.02
C ASN C 27 -7.07 -8.04 0.91
N PRO C 28 -6.70 -7.23 1.92
CA PRO C 28 -5.43 -6.51 1.94
C PRO C 28 -4.22 -7.40 2.10
N TYR C 29 -3.92 -8.17 1.06
CA TYR C 29 -2.77 -9.04 1.08
C TYR C 29 -2.29 -9.27 -0.35
N PRO C 30 -1.03 -8.89 -0.65
CA PRO C 30 -0.44 -9.04 -1.98
C PRO C 30 -0.52 -10.46 -2.50
N SER C 31 0.44 -10.85 -3.33
CA SER C 31 0.54 -12.19 -3.89
C SER C 31 2.01 -12.43 -4.10
N GLU C 32 2.43 -13.65 -4.39
CA GLU C 32 3.85 -13.91 -4.59
C GLU C 32 4.46 -12.89 -5.53
N GLU C 33 3.87 -12.75 -6.70
CA GLU C 33 4.35 -11.80 -7.68
C GLU C 33 4.11 -10.37 -7.21
N ALA C 34 2.99 -10.16 -6.50
CA ALA C 34 2.67 -8.83 -5.99
C ALA C 34 3.73 -8.34 -5.01
N LYS C 35 3.98 -9.12 -3.95
CA LYS C 35 4.99 -8.72 -2.97
C LYS C 35 6.35 -8.57 -3.66
N GLU C 36 6.52 -9.26 -4.78
CA GLU C 36 7.75 -9.17 -5.55
C GLU C 36 7.78 -7.85 -6.32
N GLU C 37 6.80 -7.66 -7.20
CA GLU C 37 6.73 -6.43 -7.98
C GLU C 37 6.66 -5.22 -7.07
N LEU C 38 5.73 -5.27 -6.11
CA LEU C 38 5.57 -4.17 -5.16
C LEU C 38 6.89 -3.84 -4.48
N ALA C 39 7.42 -4.82 -3.74
CA ALA C 39 8.67 -4.65 -3.02
C ALA C 39 9.81 -4.15 -3.91
N LYS C 40 9.76 -4.50 -5.19
CA LYS C 40 10.79 -4.07 -6.13
C LYS C 40 10.55 -2.61 -6.49
N LYS C 41 9.28 -2.32 -6.71
CA LYS C 41 8.82 -0.99 -7.06
C LYS C 41 8.95 -0.01 -5.89
N SER C 42 8.49 -0.44 -4.73
CA SER C 42 8.52 0.38 -3.53
C SER C 42 9.93 0.49 -2.93
N GLY C 43 10.57 -0.66 -2.73
CA GLY C 43 11.89 -0.68 -2.14
C GLY C 43 11.87 -1.37 -0.78
N ILE C 44 10.82 -2.15 -0.55
CA ILE C 44 10.63 -2.90 0.68
C ILE C 44 10.96 -4.36 0.44
N THR C 45 10.58 -5.22 1.37
CA THR C 45 10.78 -6.64 1.23
C THR C 45 9.43 -7.33 1.20
N VAL C 46 9.27 -8.30 0.31
CA VAL C 46 8.00 -9.03 0.18
C VAL C 46 7.20 -9.00 1.48
N SER C 47 7.62 -9.81 2.45
CA SER C 47 6.95 -9.90 3.74
C SER C 47 6.53 -8.54 4.29
N GLN C 48 7.27 -7.47 3.97
CA GLN C 48 6.93 -6.15 4.46
C GLN C 48 5.59 -5.71 3.86
N VAL C 49 5.40 -6.04 2.58
CA VAL C 49 4.17 -5.71 1.89
C VAL C 49 2.96 -6.32 2.59
N SER C 50 2.95 -7.65 2.72
CA SER C 50 1.85 -8.35 3.39
C SER C 50 1.57 -7.72 4.75
N ASN C 51 2.62 -7.15 5.34
CA ASN C 51 2.50 -6.47 6.62
C ASN C 51 1.80 -5.14 6.40
N TRP C 52 2.30 -4.40 5.41
CA TRP C 52 1.75 -3.10 5.04
C TRP C 52 0.28 -3.20 4.66
N PHE C 53 0.00 -4.00 3.63
CA PHE C 53 -1.37 -4.17 3.12
C PHE C 53 -2.37 -4.43 4.24
N GLY C 54 -2.18 -5.50 5.01
CA GLY C 54 -3.09 -5.81 6.09
C GLY C 54 -3.39 -4.59 6.94
N ASN C 55 -2.34 -3.89 7.34
CA ASN C 55 -2.46 -2.69 8.14
C ASN C 55 -3.17 -1.58 7.36
N LYS C 56 -2.99 -1.60 6.04
CA LYS C 56 -3.58 -0.59 5.17
C LYS C 56 -5.11 -0.58 5.24
N ARG C 57 -5.73 -1.76 5.39
CA ARG C 57 -7.20 -1.80 5.50
C ARG C 57 -7.60 -1.25 6.85
N ILE C 58 -6.76 -1.53 7.85
CA ILE C 58 -7.03 -1.06 9.20
C ILE C 58 -7.22 0.44 9.14
N ARG C 59 -6.21 1.12 8.60
CA ARG C 59 -6.24 2.56 8.42
C ARG C 59 -7.55 2.98 7.74
N TYR C 60 -7.94 2.21 6.72
CA TYR C 60 -9.17 2.47 5.97
C TYR C 60 -10.37 2.51 6.93
N LYS C 61 -10.59 1.40 7.62
CA LYS C 61 -11.68 1.23 8.58
C LYS C 61 -11.90 2.42 9.52
N LYS C 62 -10.89 3.28 9.62
CA LYS C 62 -10.98 4.44 10.50
C LYS C 62 -11.78 5.57 9.88
N ASN C 63 -11.65 5.73 8.58
CA ASN C 63 -12.33 6.80 7.89
C ASN C 63 -12.84 6.43 6.49
N ILE C 64 -13.47 5.26 6.38
CA ILE C 64 -14.03 4.74 5.13
C ILE C 64 -14.15 5.79 3.99
N GLY C 65 -15.08 6.73 4.15
CA GLY C 65 -15.33 7.75 3.14
C GLY C 65 -14.09 8.51 2.71
N LYS C 66 -13.09 8.54 3.57
CA LYS C 66 -11.84 9.22 3.27
C LYS C 66 -11.02 8.39 2.30
N PHE C 67 -11.07 7.08 2.48
CA PHE C 67 -10.34 6.15 1.64
C PHE C 67 -11.07 5.91 0.32
N GLN C 68 -12.39 6.03 0.33
CA GLN C 68 -13.16 5.83 -0.88
C GLN C 68 -12.68 6.80 -1.96
N GLU C 69 -12.84 8.10 -1.70
CA GLU C 69 -12.40 9.13 -2.64
C GLU C 69 -10.95 8.90 -3.05
N GLU C 70 -10.12 8.54 -2.07
CA GLU C 70 -8.71 8.27 -2.35
C GLU C 70 -8.62 7.10 -3.31
N ALA C 71 -9.34 6.04 -2.98
CA ALA C 71 -9.38 4.84 -3.79
C ALA C 71 -9.53 5.21 -5.27
N ASN C 72 -10.37 6.20 -5.56
CA ASN C 72 -10.57 6.64 -6.93
C ASN C 72 -9.37 7.44 -7.42
N ILE C 73 -8.79 8.23 -6.52
CA ILE C 73 -7.63 9.04 -6.83
C ILE C 73 -6.44 8.19 -7.24
N TYR C 74 -5.99 7.35 -6.32
CA TYR C 74 -4.86 6.48 -6.55
C TYR C 74 -5.16 5.42 -7.60
N ALA C 75 -6.41 4.99 -7.67
CA ALA C 75 -6.83 3.98 -8.64
C ALA C 75 -6.49 4.40 -10.07
N ALA C 76 -6.97 5.57 -10.47
CA ALA C 76 -6.73 6.08 -11.82
C ALA C 76 -5.25 6.09 -12.17
N LYS C 77 -4.42 6.61 -11.27
CA LYS C 77 -2.99 6.68 -11.50
C LYS C 77 -2.36 5.29 -11.48
N THR C 78 -2.62 4.51 -12.54
CA THR C 78 -2.08 3.16 -12.65
C THR C 78 -0.72 3.16 -13.34
N ALA C 79 -0.31 4.32 -13.86
CA ALA C 79 0.97 4.45 -14.54
C ALA C 79 2.11 4.55 -13.53
N VAL C 80 2.26 5.72 -12.91
CA VAL C 80 3.31 5.96 -11.93
C VAL C 80 4.65 5.39 -12.38
N THR C 81 5.15 5.91 -13.50
CA THR C 81 6.43 5.46 -14.05
C THR C 81 7.57 6.34 -13.55
N ALA C 82 7.57 7.59 -13.98
CA ALA C 82 8.61 8.54 -13.58
C ALA C 82 9.99 8.05 -14.02
N MET C 1 14.77 1.17 23.14
CA MET C 1 15.20 2.46 22.50
C MET C 1 14.07 3.07 21.67
N ALA C 2 13.45 2.26 20.82
CA ALA C 2 12.36 2.73 19.98
C ALA C 2 11.61 1.57 19.33
N ARG C 3 10.39 1.33 19.81
CA ARG C 3 9.57 0.25 19.31
C ARG C 3 9.36 0.31 17.79
N ARG C 4 8.59 1.29 17.31
CA ARG C 4 8.31 1.39 15.87
C ARG C 4 7.49 2.63 15.51
N LYS C 5 7.57 3.05 14.25
CA LYS C 5 6.83 4.19 13.79
C LYS C 5 6.90 4.37 12.27
N ARG C 6 8.02 4.90 11.80
CA ARG C 6 8.19 5.20 10.38
C ARG C 6 9.66 5.22 10.01
N ARG C 7 9.93 5.02 8.72
CA ARG C 7 11.28 4.99 8.15
C ARG C 7 11.38 3.87 7.13
N ASN C 8 10.59 2.83 7.39
CA ASN C 8 10.55 1.65 6.53
C ASN C 8 10.14 2.01 5.11
N PHE C 9 8.86 1.86 4.74
CA PHE C 9 8.41 2.16 3.38
C PHE C 9 8.58 3.64 3.08
N ASN C 10 9.52 3.96 2.22
CA ASN C 10 9.75 5.34 1.85
C ASN C 10 8.58 5.85 1.01
N LYS C 11 8.60 7.14 0.67
CA LYS C 11 7.52 7.73 -0.13
C LYS C 11 7.30 6.98 -1.44
N GLN C 12 8.31 6.25 -1.87
CA GLN C 12 8.21 5.49 -3.12
C GLN C 12 7.36 4.24 -2.92
N ALA C 13 7.64 3.51 -1.86
CA ALA C 13 6.90 2.28 -1.54
C ALA C 13 5.43 2.57 -1.27
N THR C 14 5.18 3.60 -0.47
CA THR C 14 3.82 3.97 -0.13
C THR C 14 2.97 4.25 -1.37
N GLU C 15 3.45 5.14 -2.24
CA GLU C 15 2.73 5.48 -3.47
C GLU C 15 2.39 4.23 -4.26
N ILE C 16 3.33 3.30 -4.28
CA ILE C 16 3.21 2.05 -5.01
C ILE C 16 2.22 1.08 -4.35
N LEU C 17 2.44 0.78 -3.07
CA LEU C 17 1.60 -0.16 -2.37
C LEU C 17 0.13 0.27 -2.31
N ASN C 18 -0.12 1.55 -2.01
CA ASN C 18 -1.50 2.02 -1.94
C ASN C 18 -2.21 1.86 -3.28
N GLU C 19 -1.57 2.34 -4.34
CA GLU C 19 -2.14 2.22 -5.69
C GLU C 19 -2.69 0.82 -5.93
N TYR C 20 -1.99 -0.18 -5.42
CA TYR C 20 -2.42 -1.57 -5.55
C TYR C 20 -3.44 -1.93 -4.48
N PHE C 21 -3.28 -1.35 -3.30
CA PHE C 21 -4.19 -1.60 -2.19
C PHE C 21 -5.64 -1.33 -2.60
N TYR C 22 -5.87 -0.14 -3.13
CA TYR C 22 -7.21 0.29 -3.55
C TYR C 22 -7.85 -0.64 -4.60
N SER C 23 -7.25 -1.79 -4.85
CA SER C 23 -7.80 -2.75 -5.82
C SER C 23 -8.25 -4.03 -5.12
N HIS C 24 -7.74 -4.26 -3.91
CA HIS C 24 -8.09 -5.44 -3.14
C HIS C 24 -8.53 -5.07 -1.72
N LEU C 25 -9.15 -3.90 -1.58
CA LEU C 25 -9.62 -3.43 -0.27
C LEU C 25 -10.25 -4.55 0.56
N SER C 26 -11.33 -5.13 0.05
CA SER C 26 -12.04 -6.19 0.76
C SER C 26 -11.13 -7.41 1.06
N ASN C 27 -9.94 -7.43 0.47
CA ASN C 27 -9.02 -8.54 0.69
C ASN C 27 -7.66 -8.25 0.04
N PRO C 28 -6.90 -7.29 0.62
CA PRO C 28 -5.59 -6.91 0.09
C PRO C 28 -4.54 -7.97 0.34
N TYR C 29 -4.40 -8.89 -0.60
CA TYR C 29 -3.43 -9.97 -0.48
C TYR C 29 -2.49 -9.94 -1.68
N PRO C 30 -1.38 -9.20 -1.60
CA PRO C 30 -0.41 -9.11 -2.69
C PRO C 30 0.28 -10.43 -2.92
N SER C 31 -0.29 -11.22 -3.81
CA SER C 31 0.22 -12.55 -4.14
C SER C 31 1.74 -12.56 -4.16
N GLU C 32 2.30 -13.77 -4.20
CA GLU C 32 3.75 -13.94 -4.24
C GLU C 32 4.37 -12.97 -5.23
N GLU C 33 3.79 -12.88 -6.42
CA GLU C 33 4.30 -12.00 -7.45
C GLU C 33 4.03 -10.55 -7.09
N ALA C 34 2.92 -10.31 -6.41
CA ALA C 34 2.55 -8.97 -6.00
C ALA C 34 3.54 -8.43 -4.99
N LYS C 35 3.72 -9.15 -3.89
CA LYS C 35 4.67 -8.74 -2.87
C LYS C 35 6.08 -8.69 -3.45
N GLU C 36 6.28 -9.44 -4.52
CA GLU C 36 7.57 -9.45 -5.21
C GLU C 36 7.70 -8.17 -6.03
N GLU C 37 6.78 -7.96 -6.96
CA GLU C 37 6.79 -6.76 -7.78
C GLU C 37 6.69 -5.54 -6.89
N LEU C 38 5.75 -5.56 -5.95
CA LEU C 38 5.57 -4.45 -5.02
C LEU C 38 6.90 -4.14 -4.33
N ALA C 39 7.42 -5.13 -3.61
CA ALA C 39 8.67 -4.98 -2.88
C ALA C 39 9.81 -4.52 -3.79
N LYS C 40 9.78 -4.92 -5.06
CA LYS C 40 10.81 -4.54 -6.01
C LYS C 40 10.61 -3.09 -6.41
N LYS C 41 9.36 -2.79 -6.72
CA LYS C 41 8.94 -1.47 -7.14
C LYS C 41 9.04 -0.47 -5.98
N SER C 42 8.56 -0.90 -4.82
CA SER C 42 8.54 -0.07 -3.62
C SER C 42 9.93 0.08 -3.01
N GLY C 43 10.57 -1.05 -2.75
CA GLY C 43 11.89 -1.03 -2.14
C GLY C 43 11.87 -1.70 -0.78
N ILE C 44 10.83 -2.50 -0.54
CA ILE C 44 10.67 -3.22 0.71
C ILE C 44 10.98 -4.69 0.48
N THR C 45 10.61 -5.54 1.41
CA THR C 45 10.82 -6.97 1.29
C THR C 45 9.46 -7.65 1.25
N VAL C 46 9.31 -8.62 0.35
CA VAL C 46 8.04 -9.35 0.22
C VAL C 46 7.19 -9.27 1.49
N SER C 47 7.55 -10.07 2.48
CA SER C 47 6.83 -10.11 3.76
C SER C 47 6.44 -8.72 4.27
N GLN C 48 7.23 -7.71 3.92
CA GLN C 48 6.95 -6.36 4.35
C GLN C 48 5.66 -5.86 3.69
N VAL C 49 5.47 -6.25 2.44
CA VAL C 49 4.28 -5.86 1.69
C VAL C 49 3.02 -6.39 2.38
N SER C 50 2.96 -7.71 2.57
CA SER C 50 1.81 -8.33 3.22
C SER C 50 1.55 -7.67 4.58
N ASN C 51 2.62 -7.10 5.13
CA ASN C 51 2.52 -6.40 6.41
C ASN C 51 1.81 -5.07 6.19
N TRP C 52 2.30 -4.32 5.19
CA TRP C 52 1.73 -3.03 4.83
C TRP C 52 0.26 -3.14 4.47
N PHE C 53 -0.02 -3.94 3.44
CA PHE C 53 -1.39 -4.14 2.95
C PHE C 53 -2.36 -4.44 4.09
N GLY C 54 -2.11 -5.51 4.82
CA GLY C 54 -2.98 -5.88 5.92
C GLY C 54 -3.41 -4.70 6.76
N ASN C 55 -2.45 -3.87 7.14
CA ASN C 55 -2.71 -2.70 7.96
C ASN C 55 -3.35 -1.58 7.13
N LYS C 56 -3.05 -1.55 5.84
CA LYS C 56 -3.58 -0.52 4.95
C LYS C 56 -5.11 -0.54 4.90
N ARG C 57 -5.69 -1.74 4.88
CA ARG C 57 -7.15 -1.86 4.87
C ARG C 57 -7.68 -1.45 6.23
N ILE C 58 -6.92 -1.80 7.27
CA ILE C 58 -7.33 -1.49 8.63
C ILE C 58 -7.61 0.01 8.74
N ARG C 59 -6.64 0.83 8.37
CA ARG C 59 -6.83 2.28 8.41
C ARG C 59 -8.13 2.69 7.74
N TYR C 60 -8.43 2.07 6.59
CA TYR C 60 -9.65 2.36 5.86
C TYR C 60 -10.87 2.36 6.79
N LYS C 61 -11.11 1.23 7.42
CA LYS C 61 -12.22 1.04 8.37
C LYS C 61 -12.37 2.18 9.37
N LYS C 62 -11.31 2.96 9.56
CA LYS C 62 -11.33 4.06 10.52
C LYS C 62 -11.95 5.32 9.92
N ASN C 63 -11.65 5.57 8.67
CA ASN C 63 -12.15 6.78 8.01
C ASN C 63 -12.72 6.49 6.62
N ILE C 64 -13.43 5.37 6.49
CA ILE C 64 -14.06 4.94 5.24
C ILE C 64 -14.14 6.03 4.15
N GLY C 65 -15.01 7.02 4.37
CA GLY C 65 -15.21 8.09 3.40
C GLY C 65 -13.94 8.82 3.01
N LYS C 66 -12.96 8.82 3.90
CA LYS C 66 -11.69 9.47 3.63
C LYS C 66 -10.92 8.71 2.57
N PHE C 67 -10.98 7.39 2.65
CA PHE C 67 -10.29 6.51 1.72
C PHE C 67 -11.00 6.45 0.37
N GLN C 68 -12.32 6.59 0.38
CA GLN C 68 -13.09 6.56 -0.86
C GLN C 68 -12.55 7.61 -1.83
N GLU C 69 -12.63 8.87 -1.43
CA GLU C 69 -12.13 9.97 -2.26
C GLU C 69 -10.70 9.69 -2.71
N GLU C 70 -9.85 9.27 -1.77
CA GLU C 70 -8.47 8.93 -2.09
C GLU C 70 -8.47 7.88 -3.18
N ALA C 71 -9.22 6.81 -2.93
CA ALA C 71 -9.33 5.72 -3.88
C ALA C 71 -9.52 6.25 -5.30
N ASN C 72 -10.39 7.26 -5.44
CA ASN C 72 -10.63 7.86 -6.75
C ASN C 72 -9.41 8.66 -7.17
N ILE C 73 -8.73 9.26 -6.20
CA ILE C 73 -7.53 10.05 -6.46
C ILE C 73 -6.39 9.18 -6.96
N TYR C 74 -6.08 8.13 -6.18
CA TYR C 74 -5.02 7.20 -6.52
C TYR C 74 -5.35 6.40 -7.79
N ALA C 75 -6.58 6.52 -8.26
CA ALA C 75 -7.02 5.82 -9.46
C ALA C 75 -6.66 6.62 -10.71
N ALA C 76 -7.15 7.85 -10.77
CA ALA C 76 -6.91 8.74 -11.91
C ALA C 76 -5.46 9.19 -12.03
N LYS C 77 -4.72 9.19 -10.91
CA LYS C 77 -3.34 9.62 -10.93
C LYS C 77 -2.45 8.63 -11.69
N THR C 78 -1.22 8.41 -11.21
CA THR C 78 -0.27 7.50 -11.85
C THR C 78 0.04 7.96 -13.27
N ALA C 79 1.18 7.51 -13.79
CA ALA C 79 1.61 7.88 -15.14
C ALA C 79 2.11 9.32 -15.19
N VAL C 80 2.21 9.95 -14.03
CA VAL C 80 2.68 11.34 -13.95
C VAL C 80 4.21 11.39 -13.88
N THR C 81 4.77 12.54 -14.22
CA THR C 81 6.21 12.74 -14.19
C THR C 81 6.58 14.16 -13.78
N ALA C 82 7.22 14.28 -12.62
CA ALA C 82 7.62 15.59 -12.10
C ALA C 82 6.40 16.48 -11.87
N MET C 1 17.96 5.00 16.75
CA MET C 1 17.17 3.76 16.51
C MET C 1 16.33 3.39 17.74
N ALA C 2 15.24 2.67 17.51
CA ALA C 2 14.35 2.27 18.59
C ALA C 2 13.36 1.20 18.11
N ARG C 3 12.28 1.01 18.86
CA ARG C 3 11.28 0.00 18.50
C ARG C 3 10.90 0.06 17.02
N ARG C 4 9.92 0.89 16.66
CA ARG C 4 9.49 0.98 15.26
C ARG C 4 8.41 2.03 15.05
N LYS C 5 8.25 2.50 13.82
CA LYS C 5 7.22 3.45 13.52
C LYS C 5 7.20 3.82 12.03
N ARG C 6 8.24 4.51 11.55
CA ARG C 6 8.28 4.91 10.14
C ARG C 6 9.68 5.36 9.73
N ARG C 7 10.04 5.02 8.50
CA ARG C 7 11.33 5.32 7.90
C ARG C 7 11.60 4.34 6.77
N ASN C 8 11.01 3.15 6.92
CA ASN C 8 11.14 2.09 5.94
C ASN C 8 10.59 2.52 4.57
N PHE C 9 9.30 2.29 4.33
CA PHE C 9 8.69 2.64 3.05
C PHE C 9 8.78 4.13 2.80
N ASN C 10 9.71 4.50 1.96
CA ASN C 10 9.91 5.88 1.58
C ASN C 10 8.68 6.40 0.83
N LYS C 11 8.65 7.69 0.55
CA LYS C 11 7.52 8.29 -0.17
C LYS C 11 7.25 7.57 -1.48
N GLN C 12 8.23 6.81 -1.96
CA GLN C 12 8.09 6.06 -3.21
C GLN C 12 7.26 4.79 -2.99
N ALA C 13 7.60 4.06 -1.94
CA ALA C 13 6.90 2.82 -1.63
C ALA C 13 5.44 3.06 -1.29
N THR C 14 5.19 4.10 -0.50
CA THR C 14 3.83 4.44 -0.10
C THR C 14 2.91 4.67 -1.29
N GLU C 15 3.28 5.60 -2.17
CA GLU C 15 2.48 5.91 -3.34
C GLU C 15 2.15 4.65 -4.13
N ILE C 16 3.12 3.75 -4.20
CA ILE C 16 3.01 2.50 -4.92
C ILE C 16 2.06 1.50 -4.25
N LEU C 17 2.34 1.17 -3.00
CA LEU C 17 1.54 0.20 -2.28
C LEU C 17 0.06 0.59 -2.15
N ASN C 18 -0.22 1.86 -1.82
CA ASN C 18 -1.61 2.28 -1.68
C ASN C 18 -2.39 2.10 -2.97
N GLU C 19 -1.85 2.65 -4.07
CA GLU C 19 -2.49 2.52 -5.38
C GLU C 19 -2.95 1.10 -5.64
N TYR C 20 -2.15 0.12 -5.21
CA TYR C 20 -2.48 -1.28 -5.40
C TYR C 20 -3.47 -1.74 -4.34
N PHE C 21 -3.24 -1.30 -3.11
CA PHE C 21 -4.10 -1.66 -1.98
C PHE C 21 -5.57 -1.43 -2.35
N TYR C 22 -5.87 -0.26 -2.90
CA TYR C 22 -7.22 0.08 -3.30
C TYR C 22 -7.78 -0.86 -4.38
N SER C 23 -7.02 -1.90 -4.71
CA SER C 23 -7.46 -2.86 -5.72
C SER C 23 -7.83 -4.20 -5.08
N HIS C 24 -7.24 -4.49 -3.92
CA HIS C 24 -7.51 -5.73 -3.21
C HIS C 24 -7.97 -5.47 -1.77
N LEU C 25 -8.79 -4.42 -1.60
CA LEU C 25 -9.31 -4.09 -0.27
C LEU C 25 -9.84 -5.33 0.44
N SER C 26 -10.85 -5.97 -0.15
CA SER C 26 -11.45 -7.15 0.44
C SER C 26 -10.44 -8.30 0.59
N ASN C 27 -9.25 -8.12 0.04
CA ASN C 27 -8.20 -9.13 0.11
C ASN C 27 -6.83 -8.46 0.30
N PRO C 28 -6.61 -7.85 1.47
CA PRO C 28 -5.36 -7.16 1.80
C PRO C 28 -4.15 -8.10 1.89
N TYR C 29 -3.84 -8.76 0.78
CA TYR C 29 -2.70 -9.66 0.72
C TYR C 29 -2.19 -9.77 -0.71
N PRO C 30 -1.14 -8.99 -1.05
CA PRO C 30 -0.55 -8.97 -2.39
C PRO C 30 0.19 -10.26 -2.73
N SER C 31 -0.35 -10.99 -3.68
CA SER C 31 0.21 -12.26 -4.14
C SER C 31 1.73 -12.22 -4.11
N GLU C 32 2.32 -13.41 -4.10
CA GLU C 32 3.77 -13.52 -4.08
C GLU C 32 4.41 -12.60 -5.09
N GLU C 33 3.82 -12.55 -6.29
CA GLU C 33 4.36 -11.71 -7.35
C GLU C 33 4.03 -10.25 -7.10
N ALA C 34 2.98 -10.01 -6.34
CA ALA C 34 2.58 -8.66 -6.01
C ALA C 34 3.59 -8.02 -5.08
N LYS C 35 3.85 -8.71 -3.96
CA LYS C 35 4.83 -8.23 -3.00
C LYS C 35 6.21 -8.16 -3.63
N GLU C 36 6.39 -8.91 -4.71
CA GLU C 36 7.65 -8.90 -5.44
C GLU C 36 7.72 -7.62 -6.26
N GLU C 37 6.76 -7.44 -7.16
CA GLU C 37 6.71 -6.24 -7.98
C GLU C 37 6.63 -5.01 -7.10
N LEU C 38 5.76 -5.08 -6.08
CA LEU C 38 5.59 -3.98 -5.14
C LEU C 38 6.92 -3.65 -4.48
N ALA C 39 7.50 -4.62 -3.78
CA ALA C 39 8.77 -4.44 -3.09
C ALA C 39 9.86 -3.95 -4.04
N LYS C 40 9.77 -4.34 -5.31
CA LYS C 40 10.76 -3.92 -6.30
C LYS C 40 10.51 -2.47 -6.66
N LYS C 41 9.24 -2.20 -6.91
CA LYS C 41 8.77 -0.87 -7.25
C LYS C 41 8.96 0.08 -6.08
N SER C 42 8.50 -0.36 -4.92
CA SER C 42 8.59 0.41 -3.69
C SER C 42 10.01 0.44 -3.14
N GLY C 43 10.61 -0.73 -3.00
CA GLY C 43 11.96 -0.82 -2.47
C GLY C 43 11.98 -1.41 -1.07
N ILE C 44 10.95 -2.19 -0.75
CA ILE C 44 10.82 -2.84 0.55
C ILE C 44 11.20 -4.31 0.47
N THR C 45 10.93 -5.07 1.52
CA THR C 45 11.25 -6.49 1.54
C THR C 45 9.98 -7.34 1.47
N VAL C 46 9.57 -7.65 0.23
CA VAL C 46 8.38 -8.47 -0.04
C VAL C 46 7.43 -8.55 1.18
N SER C 47 7.73 -9.47 2.09
CA SER C 47 6.93 -9.66 3.30
C SER C 47 6.55 -8.33 3.95
N GLN C 48 7.34 -7.30 3.69
CA GLN C 48 7.07 -5.97 4.24
C GLN C 48 5.80 -5.44 3.61
N VAL C 49 5.62 -5.74 2.32
CA VAL C 49 4.45 -5.32 1.58
C VAL C 49 3.20 -5.83 2.29
N SER C 50 3.14 -7.14 2.52
CA SER C 50 2.00 -7.76 3.21
C SER C 50 1.80 -7.09 4.57
N ASN C 51 2.90 -6.59 5.13
CA ASN C 51 2.87 -5.90 6.42
C ASN C 51 2.22 -4.52 6.24
N TRP C 52 2.75 -3.77 5.29
CA TRP C 52 2.24 -2.44 4.98
C TRP C 52 0.75 -2.49 4.64
N PHE C 53 0.41 -3.34 3.67
CA PHE C 53 -0.98 -3.50 3.24
C PHE C 53 -1.90 -3.70 4.44
N GLY C 54 -1.58 -4.68 5.27
CA GLY C 54 -2.39 -4.95 6.45
C GLY C 54 -2.75 -3.70 7.23
N ASN C 55 -1.86 -2.71 7.22
CA ASN C 55 -2.10 -1.46 7.93
C ASN C 55 -3.12 -0.58 7.22
N LYS C 56 -2.89 -0.30 5.94
CA LYS C 56 -3.79 0.54 5.16
C LYS C 56 -5.25 0.26 5.49
N ARG C 57 -5.61 -1.01 5.58
CA ARG C 57 -6.99 -1.37 5.91
C ARG C 57 -7.30 -0.91 7.34
N ILE C 58 -6.38 -1.20 8.28
CA ILE C 58 -6.55 -0.77 9.66
C ILE C 58 -6.63 0.76 9.77
N ARG C 59 -6.66 1.41 8.62
CA ARG C 59 -6.77 2.85 8.54
C ARG C 59 -8.00 3.21 7.70
N TYR C 60 -8.38 2.29 6.83
CA TYR C 60 -9.53 2.41 5.96
C TYR C 60 -10.81 2.55 6.78
N LYS C 61 -11.17 1.45 7.45
CA LYS C 61 -12.35 1.39 8.33
C LYS C 61 -12.43 2.55 9.30
N LYS C 62 -11.28 3.15 9.55
CA LYS C 62 -11.23 4.29 10.44
C LYS C 62 -11.85 5.48 9.77
N ASN C 63 -11.62 5.60 8.46
CA ASN C 63 -12.15 6.70 7.69
C ASN C 63 -12.67 6.30 6.31
N ILE C 64 -13.19 5.08 6.22
CA ILE C 64 -13.76 4.53 4.97
C ILE C 64 -14.02 5.57 3.87
N GLY C 65 -14.99 6.46 4.11
CA GLY C 65 -15.35 7.47 3.11
C GLY C 65 -14.16 8.28 2.63
N LYS C 66 -13.17 8.41 3.48
CA LYS C 66 -11.96 9.15 3.14
C LYS C 66 -11.18 8.39 2.07
N PHE C 67 -11.14 7.07 2.20
CA PHE C 67 -10.44 6.23 1.24
C PHE C 67 -11.25 6.03 -0.02
N GLN C 68 -12.57 6.09 0.09
CA GLN C 68 -13.43 5.93 -1.08
C GLN C 68 -12.97 6.87 -2.18
N GLU C 69 -13.10 8.17 -1.93
CA GLU C 69 -12.68 9.18 -2.89
C GLU C 69 -11.25 8.95 -3.35
N GLU C 70 -10.36 8.68 -2.39
CA GLU C 70 -8.96 8.41 -2.70
C GLU C 70 -8.87 7.24 -3.67
N ALA C 71 -9.52 6.15 -3.28
CA ALA C 71 -9.55 4.93 -4.08
C ALA C 71 -9.77 5.26 -5.55
N ASN C 72 -10.64 6.23 -5.82
CA ASN C 72 -10.91 6.64 -7.20
C ASN C 72 -9.73 7.41 -7.77
N ILE C 73 -9.09 8.21 -6.91
CA ILE C 73 -7.93 9.01 -7.30
C ILE C 73 -6.75 8.12 -7.68
N TYR C 74 -6.37 7.23 -6.75
CA TYR C 74 -5.25 6.33 -6.98
C TYR C 74 -5.61 5.28 -8.03
N ALA C 75 -6.89 4.97 -8.13
CA ALA C 75 -7.37 3.98 -9.08
C ALA C 75 -6.96 4.33 -10.51
N ALA C 76 -7.34 5.52 -10.97
CA ALA C 76 -7.01 5.96 -12.31
C ALA C 76 -5.51 5.86 -12.59
N LYS C 77 -4.70 6.39 -11.67
CA LYS C 77 -3.25 6.35 -11.82
C LYS C 77 -2.71 4.94 -11.71
N THR C 78 -1.94 4.53 -12.71
CA THR C 78 -1.35 3.19 -12.73
C THR C 78 -0.04 3.18 -13.49
N ALA C 79 0.73 2.10 -13.35
CA ALA C 79 2.01 1.96 -14.03
C ALA C 79 3.06 2.91 -13.47
N VAL C 80 2.80 3.48 -12.30
CA VAL C 80 3.74 4.40 -11.67
C VAL C 80 4.78 3.64 -10.86
N THR C 81 6.05 3.90 -11.14
CA THR C 81 7.14 3.25 -10.43
C THR C 81 8.34 4.18 -10.29
N ALA C 82 8.71 4.83 -11.38
CA ALA C 82 9.84 5.76 -11.38
C ALA C 82 11.12 5.05 -10.97
N MET C 1 17.54 2.04 19.08
CA MET C 1 16.24 2.74 18.91
C MET C 1 15.14 2.09 19.74
N ALA C 2 14.11 2.85 20.09
CA ALA C 2 13.01 2.34 20.88
C ALA C 2 12.13 1.38 20.07
N ARG C 3 10.84 1.31 20.39
CA ARG C 3 9.92 0.42 19.70
C ARG C 3 10.02 0.59 18.17
N ARG C 4 9.11 1.36 17.56
CA ARG C 4 9.10 1.56 16.11
C ARG C 4 8.00 2.54 15.70
N LYS C 5 7.94 2.89 14.41
CA LYS C 5 6.90 3.76 13.94
C LYS C 5 6.97 4.01 12.42
N ARG C 6 7.90 4.86 11.96
CA ARG C 6 7.99 5.16 10.52
C ARG C 6 9.40 5.47 10.08
N ARG C 7 9.63 5.25 8.78
CA ARG C 7 10.92 5.46 8.10
C ARG C 7 11.11 4.38 7.05
N ASN C 8 10.44 3.25 7.29
CA ASN C 8 10.50 2.10 6.41
C ASN C 8 10.10 2.41 4.96
N PHE C 9 8.83 2.21 4.59
CA PHE C 9 8.38 2.47 3.23
C PHE C 9 8.45 3.96 2.92
N ASN C 10 9.29 4.32 1.97
CA ASN C 10 9.45 5.71 1.58
C ASN C 10 8.24 6.17 0.76
N LYS C 11 8.22 7.44 0.36
CA LYS C 11 7.11 7.99 -0.42
C LYS C 11 6.86 7.18 -1.69
N GLN C 12 7.89 6.51 -2.18
CA GLN C 12 7.76 5.70 -3.39
C GLN C 12 7.00 4.41 -3.10
N ALA C 13 7.42 3.72 -2.06
CA ALA C 13 6.78 2.47 -1.67
C ALA C 13 5.32 2.67 -1.30
N THR C 14 5.04 3.74 -0.58
CA THR C 14 3.68 4.06 -0.15
C THR C 14 2.73 4.19 -1.34
N GLU C 15 3.07 5.06 -2.29
CA GLU C 15 2.22 5.27 -3.47
C GLU C 15 1.98 3.95 -4.20
N ILE C 16 3.06 3.20 -4.35
CA ILE C 16 3.01 1.91 -5.02
C ILE C 16 2.04 0.95 -4.34
N LEU C 17 2.32 0.63 -3.09
CA LEU C 17 1.47 -0.28 -2.34
C LEU C 17 0.02 0.22 -2.30
N ASN C 18 -0.17 1.51 -2.02
CA ASN C 18 -1.50 2.09 -1.97
C ASN C 18 -2.29 1.82 -3.25
N GLU C 19 -1.77 2.30 -4.38
CA GLU C 19 -2.41 2.11 -5.68
C GLU C 19 -2.92 0.67 -5.83
N TYR C 20 -2.14 -0.29 -5.34
CA TYR C 20 -2.52 -1.69 -5.42
C TYR C 20 -3.52 -2.02 -4.32
N PHE C 21 -3.32 -1.46 -3.14
CA PHE C 21 -4.21 -1.68 -2.00
C PHE C 21 -5.65 -1.37 -2.38
N TYR C 22 -5.87 -0.16 -2.89
CA TYR C 22 -7.20 0.30 -3.30
C TYR C 22 -7.85 -0.62 -4.34
N SER C 23 -7.22 -1.75 -4.64
CA SER C 23 -7.75 -2.69 -5.60
C SER C 23 -8.25 -3.96 -4.91
N HIS C 24 -7.75 -4.20 -3.70
CA HIS C 24 -8.14 -5.38 -2.93
C HIS C 24 -8.56 -5.02 -1.51
N LEU C 25 -9.20 -3.86 -1.34
CA LEU C 25 -9.65 -3.42 -0.01
C LEU C 25 -10.29 -4.56 0.79
N SER C 26 -11.38 -5.12 0.30
CA SER C 26 -12.07 -6.19 1.02
C SER C 26 -11.16 -7.39 1.30
N ASN C 27 -9.96 -7.39 0.71
CA ASN C 27 -8.99 -8.46 0.91
C ASN C 27 -7.60 -7.94 0.55
N PRO C 28 -7.07 -7.00 1.36
CA PRO C 28 -5.77 -6.38 1.11
C PRO C 28 -4.59 -7.23 1.51
N TYR C 29 -4.48 -8.40 0.91
CA TYR C 29 -3.35 -9.28 1.18
C TYR C 29 -2.68 -9.64 -0.13
N PRO C 30 -1.48 -9.08 -0.40
CA PRO C 30 -0.74 -9.32 -1.63
C PRO C 30 -0.72 -10.79 -2.06
N SER C 31 0.31 -11.18 -2.77
CA SER C 31 0.48 -12.55 -3.23
C SER C 31 1.97 -12.75 -3.44
N GLU C 32 2.41 -13.96 -3.67
CA GLU C 32 3.83 -14.20 -3.88
C GLU C 32 4.40 -13.23 -4.90
N GLU C 33 3.76 -13.15 -6.05
CA GLU C 33 4.21 -12.24 -7.10
C GLU C 33 3.95 -10.78 -6.69
N ALA C 34 2.86 -10.55 -5.95
CA ALA C 34 2.54 -9.19 -5.52
C ALA C 34 3.63 -8.66 -4.60
N LYS C 35 3.93 -9.39 -3.52
CA LYS C 35 4.98 -8.95 -2.60
C LYS C 35 6.31 -8.83 -3.36
N GLU C 36 6.43 -9.55 -4.45
CA GLU C 36 7.63 -9.48 -5.28
C GLU C 36 7.63 -8.20 -6.08
N GLU C 37 6.62 -8.02 -6.93
CA GLU C 37 6.51 -6.81 -7.74
C GLU C 37 6.47 -5.58 -6.86
N LEU C 38 5.61 -5.60 -5.84
CA LEU C 38 5.48 -4.49 -4.91
C LEU C 38 6.84 -4.16 -4.28
N ALA C 39 7.40 -5.13 -3.59
CA ALA C 39 8.68 -4.95 -2.91
C ALA C 39 9.79 -4.51 -3.86
N LYS C 40 9.70 -4.92 -5.12
CA LYS C 40 10.69 -4.53 -6.11
C LYS C 40 10.46 -3.10 -6.53
N LYS C 41 9.20 -2.81 -6.79
CA LYS C 41 8.76 -1.50 -7.21
C LYS C 41 8.92 -0.47 -6.10
N SER C 42 8.51 -0.85 -4.90
CA SER C 42 8.57 0.02 -3.74
C SER C 42 10.00 0.17 -3.21
N GLY C 43 10.67 -0.96 -3.03
CA GLY C 43 12.02 -0.95 -2.51
C GLY C 43 12.06 -1.56 -1.13
N ILE C 44 11.01 -2.31 -0.82
CA ILE C 44 10.87 -3.00 0.46
C ILE C 44 11.11 -4.49 0.26
N THR C 45 10.72 -5.30 1.24
CA THR C 45 10.85 -6.74 1.13
C THR C 45 9.47 -7.36 1.25
N VAL C 46 9.24 -8.44 0.51
CA VAL C 46 7.95 -9.14 0.54
C VAL C 46 7.22 -8.91 1.86
N SER C 47 7.68 -9.60 2.90
CA SER C 47 7.06 -9.52 4.22
C SER C 47 6.68 -8.08 4.62
N GLN C 48 7.42 -7.08 4.16
CA GLN C 48 7.09 -5.69 4.49
C GLN C 48 5.76 -5.30 3.86
N VAL C 49 5.49 -5.85 2.68
CA VAL C 49 4.26 -5.57 1.97
C VAL C 49 3.06 -6.10 2.76
N SER C 50 3.03 -7.41 2.99
CA SER C 50 1.94 -8.02 3.75
C SER C 50 1.75 -7.29 5.08
N ASN C 51 2.84 -6.70 5.55
CA ASN C 51 2.84 -5.93 6.78
C ASN C 51 2.14 -4.59 6.52
N TRP C 52 2.60 -3.91 5.48
CA TRP C 52 2.05 -2.61 5.09
C TRP C 52 0.55 -2.72 4.80
N PHE C 53 0.20 -3.54 3.82
CA PHE C 53 -1.20 -3.73 3.43
C PHE C 53 -2.08 -3.94 4.65
N GLY C 54 -1.75 -4.94 5.45
CA GLY C 54 -2.51 -5.25 6.65
C GLY C 54 -3.06 -4.03 7.37
N ASN C 55 -2.16 -3.16 7.83
CA ASN C 55 -2.56 -1.96 8.56
C ASN C 55 -3.35 -0.98 7.70
N LYS C 56 -3.19 -1.05 6.37
CA LYS C 56 -3.89 -0.13 5.48
C LYS C 56 -5.40 -0.25 5.62
N ARG C 57 -5.93 -1.46 5.57
CA ARG C 57 -7.37 -1.66 5.72
C ARG C 57 -7.81 -1.24 7.11
N ILE C 58 -7.02 -1.62 8.11
CA ILE C 58 -7.33 -1.27 9.48
C ILE C 58 -7.48 0.23 9.57
N ARG C 59 -6.41 0.95 9.21
CA ARG C 59 -6.42 2.41 9.21
C ARG C 59 -7.60 2.95 8.39
N TYR C 60 -7.93 2.26 7.29
CA TYR C 60 -9.04 2.64 6.43
C TYR C 60 -10.30 2.88 7.26
N LYS C 61 -10.74 1.83 7.95
CA LYS C 61 -11.91 1.86 8.83
C LYS C 61 -11.94 3.05 9.79
N LYS C 62 -10.78 3.63 10.02
CA LYS C 62 -10.67 4.76 10.93
C LYS C 62 -11.21 6.02 10.27
N ASN C 63 -10.93 6.16 8.99
CA ASN C 63 -11.36 7.34 8.24
C ASN C 63 -11.93 7.00 6.87
N ILE C 64 -12.76 5.95 6.81
CA ILE C 64 -13.42 5.50 5.58
C ILE C 64 -13.39 6.51 4.41
N GLY C 65 -14.15 7.58 4.53
CA GLY C 65 -14.26 8.59 3.47
C GLY C 65 -12.93 9.20 3.07
N LYS C 66 -11.98 9.17 3.98
CA LYS C 66 -10.65 9.72 3.71
C LYS C 66 -9.97 8.90 2.62
N PHE C 67 -10.11 7.59 2.70
CA PHE C 67 -9.49 6.69 1.74
C PHE C 67 -10.26 6.65 0.42
N GLN C 68 -11.55 6.97 0.47
CA GLN C 68 -12.35 6.97 -0.75
C GLN C 68 -11.70 7.89 -1.78
N GLU C 69 -11.62 9.18 -1.43
CA GLU C 69 -11.00 10.17 -2.32
C GLU C 69 -9.61 9.71 -2.73
N GLU C 70 -8.81 9.26 -1.77
CA GLU C 70 -7.47 8.77 -2.05
C GLU C 70 -7.56 7.68 -3.11
N ALA C 71 -8.39 6.69 -2.82
CA ALA C 71 -8.60 5.57 -3.72
C ALA C 71 -8.74 6.06 -5.16
N ASN C 72 -9.51 7.13 -5.35
CA ASN C 72 -9.72 7.71 -6.67
C ASN C 72 -8.45 8.43 -7.14
N ILE C 73 -7.71 8.99 -6.19
CA ILE C 73 -6.47 9.71 -6.48
C ILE C 73 -5.40 8.76 -7.00
N TYR C 74 -5.08 7.75 -6.21
CA TYR C 74 -4.06 6.77 -6.59
C TYR C 74 -4.48 5.94 -7.79
N ALA C 75 -5.76 6.02 -8.14
CA ALA C 75 -6.28 5.30 -9.30
C ALA C 75 -6.03 6.07 -10.59
N ALA C 76 -6.56 7.27 -10.65
CA ALA C 76 -6.41 8.13 -11.83
C ALA C 76 -4.94 8.45 -12.13
N LYS C 77 -4.13 8.58 -11.09
CA LYS C 77 -2.72 8.89 -11.26
C LYS C 77 -1.96 7.73 -11.90
N THR C 78 -0.63 7.83 -11.90
CA THR C 78 0.25 6.80 -12.48
C THR C 78 -0.15 6.47 -13.91
N ALA C 79 0.79 6.67 -14.83
CA ALA C 79 0.55 6.40 -16.24
C ALA C 79 -0.51 7.33 -16.82
N VAL C 80 -0.72 8.47 -16.14
CA VAL C 80 -1.70 9.45 -16.59
C VAL C 80 -1.09 10.40 -17.60
N THR C 81 0.20 10.69 -17.44
CA THR C 81 0.90 11.60 -18.35
C THR C 81 2.36 11.16 -18.53
N ALA C 82 2.54 9.96 -19.07
CA ALA C 82 3.88 9.43 -19.29
C ALA C 82 4.42 9.85 -20.65
N MET C 1 18.44 4.34 18.04
CA MET C 1 17.48 3.41 17.37
C MET C 1 16.22 3.26 18.20
N ALA C 2 15.22 4.09 17.90
CA ALA C 2 13.95 4.04 18.63
C ALA C 2 13.14 2.81 18.24
N ARG C 3 12.03 2.60 18.96
CA ARG C 3 11.15 1.46 18.72
C ARG C 3 10.75 1.33 17.25
N ARG C 4 9.59 1.88 16.84
CA ARG C 4 9.17 1.72 15.45
C ARG C 4 7.89 2.45 15.07
N LYS C 5 7.82 2.87 13.81
CA LYS C 5 6.60 3.47 13.26
C LYS C 5 6.77 3.88 11.79
N ARG C 6 7.78 4.69 11.50
CA ARG C 6 8.01 5.13 10.11
C ARG C 6 9.49 5.38 9.83
N ARG C 7 9.89 5.03 8.63
CA ARG C 7 11.26 5.14 8.13
C ARG C 7 11.49 4.00 7.15
N ASN C 8 10.76 2.91 7.40
CA ASN C 8 10.82 1.72 6.58
C ASN C 8 10.36 2.03 5.15
N PHE C 9 9.08 1.79 4.82
CA PHE C 9 8.60 2.08 3.47
C PHE C 9 8.66 3.57 3.20
N ASN C 10 9.56 3.98 2.32
CA ASN C 10 9.73 5.38 1.99
C ASN C 10 8.51 5.89 1.21
N LYS C 11 8.46 7.20 0.94
CA LYS C 11 7.32 7.78 0.22
C LYS C 11 7.12 7.11 -1.14
N GLN C 12 8.14 6.44 -1.64
CA GLN C 12 8.06 5.75 -2.92
C GLN C 12 7.26 4.47 -2.77
N ALA C 13 7.60 3.70 -1.73
CA ALA C 13 6.94 2.44 -1.46
C ALA C 13 5.47 2.64 -1.12
N THR C 14 5.21 3.63 -0.27
CA THR C 14 3.84 3.93 0.16
C THR C 14 2.90 4.15 -1.03
N GLU C 15 3.24 5.10 -1.89
CA GLU C 15 2.42 5.40 -3.06
C GLU C 15 2.18 4.14 -3.89
N ILE C 16 3.21 3.33 -3.99
CA ILE C 16 3.15 2.09 -4.76
C ILE C 16 2.20 1.08 -4.13
N LEU C 17 2.44 0.75 -2.87
CA LEU C 17 1.63 -0.23 -2.17
C LEU C 17 0.16 0.21 -2.05
N ASN C 18 -0.09 1.45 -1.62
CA ASN C 18 -1.47 1.91 -1.49
C ASN C 18 -2.19 1.87 -2.84
N GLU C 19 -1.58 2.49 -3.86
CA GLU C 19 -2.16 2.51 -5.20
C GLU C 19 -2.68 1.12 -5.59
N TYR C 20 -1.98 0.09 -5.14
CA TYR C 20 -2.38 -1.28 -5.42
C TYR C 20 -3.45 -1.74 -4.44
N PHE C 21 -3.29 -1.38 -3.17
CA PHE C 21 -4.25 -1.75 -2.14
C PHE C 21 -5.67 -1.44 -2.60
N TYR C 22 -5.86 -0.19 -3.03
CA TYR C 22 -7.16 0.29 -3.50
C TYR C 22 -7.73 -0.57 -4.64
N SER C 23 -7.02 -1.62 -5.01
CA SER C 23 -7.48 -2.53 -6.06
C SER C 23 -7.95 -3.85 -5.46
N HIS C 24 -7.47 -4.16 -4.26
CA HIS C 24 -7.84 -5.38 -3.56
C HIS C 24 -8.26 -5.09 -2.13
N LEU C 25 -9.03 -4.02 -1.93
CA LEU C 25 -9.50 -3.65 -0.59
C LEU C 25 -10.01 -4.86 0.17
N SER C 26 -11.05 -5.50 -0.35
CA SER C 26 -11.65 -6.66 0.30
C SER C 26 -10.63 -7.78 0.52
N ASN C 27 -9.42 -7.59 0.01
CA ASN C 27 -8.35 -8.57 0.16
C ASN C 27 -7.02 -7.84 0.40
N PRO C 28 -6.84 -7.27 1.59
CA PRO C 28 -5.63 -6.51 1.95
C PRO C 28 -4.38 -7.38 2.04
N TYR C 29 -4.08 -8.09 0.96
CA TYR C 29 -2.91 -8.94 0.90
C TYR C 29 -2.46 -9.12 -0.55
N PRO C 30 -1.20 -8.79 -0.86
CA PRO C 30 -0.65 -8.91 -2.22
C PRO C 30 -0.70 -10.35 -2.72
N SER C 31 0.23 -10.70 -3.60
CA SER C 31 0.34 -12.05 -4.14
C SER C 31 1.83 -12.31 -4.30
N GLU C 32 2.22 -13.53 -4.65
CA GLU C 32 3.65 -13.81 -4.80
C GLU C 32 4.30 -12.81 -5.75
N GLU C 33 3.75 -12.69 -6.95
CA GLU C 33 4.29 -11.77 -7.94
C GLU C 33 4.01 -10.33 -7.54
N ALA C 34 2.98 -10.11 -6.72
CA ALA C 34 2.63 -8.76 -6.29
C ALA C 34 3.65 -8.26 -5.28
N LYS C 35 3.87 -9.04 -4.22
CA LYS C 35 4.84 -8.66 -3.21
C LYS C 35 6.24 -8.55 -3.82
N GLU C 36 6.43 -9.23 -4.95
CA GLU C 36 7.69 -9.16 -5.66
C GLU C 36 7.78 -7.82 -6.40
N GLU C 37 6.82 -7.58 -7.29
CA GLU C 37 6.79 -6.34 -8.04
C GLU C 37 6.71 -5.16 -7.10
N LEU C 38 5.79 -5.24 -6.12
CA LEU C 38 5.63 -4.19 -5.13
C LEU C 38 6.97 -3.92 -4.46
N ALA C 39 7.53 -4.95 -3.83
CA ALA C 39 8.81 -4.84 -3.13
C ALA C 39 9.92 -4.32 -4.03
N LYS C 40 9.86 -4.64 -5.32
CA LYS C 40 10.87 -4.19 -6.27
C LYS C 40 10.64 -2.73 -6.59
N LYS C 41 9.38 -2.43 -6.86
CA LYS C 41 8.94 -1.09 -7.19
C LYS C 41 9.08 -0.14 -6.01
N SER C 42 8.66 -0.61 -4.84
CA SER C 42 8.70 0.16 -3.62
C SER C 42 10.13 0.29 -3.07
N GLY C 43 10.79 -0.85 -2.94
CA GLY C 43 12.14 -0.86 -2.39
C GLY C 43 12.17 -1.58 -1.05
N ILE C 44 11.14 -2.39 -0.83
CA ILE C 44 11.00 -3.17 0.40
C ILE C 44 11.24 -4.65 0.09
N THR C 45 10.80 -5.52 0.98
CA THR C 45 10.94 -6.95 0.77
C THR C 45 9.56 -7.57 0.81
N VAL C 46 9.36 -8.60 -0.02
CA VAL C 46 8.07 -9.29 -0.08
C VAL C 46 7.28 -9.19 1.23
N SER C 47 7.74 -9.94 2.23
CA SER C 47 7.08 -9.97 3.54
C SER C 47 6.66 -8.59 4.05
N GLN C 48 7.42 -7.54 3.71
CA GLN C 48 7.06 -6.20 4.16
C GLN C 48 5.76 -5.76 3.51
N VAL C 49 5.57 -6.15 2.26
CA VAL C 49 4.36 -5.81 1.53
C VAL C 49 3.12 -6.38 2.22
N SER C 50 3.09 -7.69 2.40
CA SER C 50 1.95 -8.33 3.06
C SER C 50 1.68 -7.62 4.38
N ASN C 51 2.71 -7.55 5.21
CA ASN C 51 2.62 -6.89 6.50
C ASN C 51 2.01 -5.50 6.34
N TRP C 52 2.57 -4.73 5.41
CA TRP C 52 2.10 -3.37 5.13
C TRP C 52 0.63 -3.39 4.72
N PHE C 53 0.32 -4.18 3.70
CA PHE C 53 -1.04 -4.28 3.18
C PHE C 53 -2.06 -4.48 4.30
N GLY C 54 -1.83 -5.46 5.16
CA GLY C 54 -2.76 -5.69 6.25
C GLY C 54 -2.94 -4.48 7.16
N ASN C 55 -1.85 -3.74 7.39
CA ASN C 55 -1.90 -2.56 8.26
C ASN C 55 -2.76 -1.44 7.70
N LYS C 56 -2.24 -0.69 6.73
CA LYS C 56 -2.97 0.44 6.16
C LYS C 56 -4.46 0.15 5.94
N ARG C 57 -4.81 -1.07 5.50
CA ARG C 57 -6.23 -1.39 5.31
C ARG C 57 -6.98 -1.07 6.60
N ILE C 58 -6.41 -1.50 7.73
CA ILE C 58 -7.06 -1.29 9.01
C ILE C 58 -7.39 0.18 9.19
N ARG C 59 -6.40 1.07 9.03
CA ARG C 59 -6.66 2.50 9.18
C ARG C 59 -7.83 2.97 8.30
N TYR C 60 -8.09 2.24 7.22
CA TYR C 60 -9.21 2.59 6.34
C TYR C 60 -10.51 2.55 7.13
N LYS C 61 -10.82 1.39 7.68
CA LYS C 61 -12.02 1.17 8.52
C LYS C 61 -12.23 2.26 9.57
N LYS C 62 -11.20 3.04 9.81
CA LYS C 62 -11.26 4.12 10.80
C LYS C 62 -11.91 5.35 10.20
N ASN C 63 -11.64 5.60 8.93
CA ASN C 63 -12.18 6.78 8.26
C ASN C 63 -12.70 6.47 6.86
N ILE C 64 -13.31 5.30 6.71
CA ILE C 64 -13.89 4.84 5.43
C ILE C 64 -14.04 5.91 4.35
N GLY C 65 -14.95 6.86 4.57
CA GLY C 65 -15.21 7.92 3.61
C GLY C 65 -13.97 8.68 3.18
N LYS C 66 -12.98 8.69 4.05
CA LYS C 66 -11.73 9.37 3.77
C LYS C 66 -10.97 8.66 2.66
N PHE C 67 -10.99 7.33 2.70
CA PHE C 67 -10.30 6.53 1.70
C PHE C 67 -11.10 6.38 0.43
N GLN C 68 -12.43 6.53 0.53
CA GLN C 68 -13.27 6.42 -0.66
C GLN C 68 -12.80 7.43 -1.70
N GLU C 69 -12.95 8.71 -1.36
CA GLU C 69 -12.53 9.79 -2.25
C GLU C 69 -11.07 9.60 -2.68
N GLU C 70 -10.21 9.30 -1.72
CA GLU C 70 -8.80 9.07 -2.01
C GLU C 70 -8.67 7.97 -3.04
N ALA C 71 -9.30 6.84 -2.74
CA ALA C 71 -9.28 5.68 -3.62
C ALA C 71 -9.49 6.10 -5.07
N ASN C 72 -10.38 7.07 -5.29
CA ASN C 72 -10.65 7.56 -6.63
C ASN C 72 -9.49 8.44 -7.11
N ILE C 73 -8.89 9.16 -6.17
CA ILE C 73 -7.75 10.03 -6.47
C ILE C 73 -6.52 9.22 -6.85
N TYR C 74 -6.20 8.23 -6.02
CA TYR C 74 -5.04 7.37 -6.26
C TYR C 74 -5.25 6.51 -7.51
N ALA C 75 -6.43 5.91 -7.59
CA ALA C 75 -6.78 5.05 -8.72
C ALA C 75 -6.67 5.81 -10.04
N ALA C 76 -7.39 6.93 -10.14
CA ALA C 76 -7.41 7.74 -11.36
C ALA C 76 -6.08 8.42 -11.67
N LYS C 77 -5.32 8.80 -10.64
CA LYS C 77 -4.05 9.48 -10.85
C LYS C 77 -3.01 8.55 -11.47
N THR C 78 -2.95 7.32 -10.99
CA THR C 78 -1.99 6.34 -11.50
C THR C 78 -2.54 4.93 -11.43
N ALA C 79 -1.84 3.99 -12.06
CA ALA C 79 -2.26 2.59 -12.08
C ALA C 79 -3.51 2.40 -12.93
N VAL C 80 -3.91 3.43 -13.66
CA VAL C 80 -5.08 3.37 -14.52
C VAL C 80 -4.73 2.79 -15.89
N THR C 81 -5.46 1.75 -16.30
CA THR C 81 -5.22 1.12 -17.59
C THR C 81 -6.52 0.62 -18.20
N ALA C 82 -6.78 1.03 -19.44
CA ALA C 82 -8.00 0.62 -20.14
C ALA C 82 -9.24 1.09 -19.40
N MET C 1 9.03 -4.59 23.14
CA MET C 1 9.31 -3.56 22.10
C MET C 1 8.03 -2.92 21.59
N ALA C 2 8.16 -1.75 20.97
CA ALA C 2 6.99 -1.05 20.43
C ALA C 2 7.40 0.10 19.51
N ARG C 3 8.56 0.67 19.77
CA ARG C 3 9.06 1.78 18.99
C ARG C 3 8.97 1.49 17.49
N ARG C 4 7.82 1.83 16.88
CA ARG C 4 7.63 1.56 15.45
C ARG C 4 6.54 2.46 14.83
N LYS C 5 6.81 3.05 13.66
CA LYS C 5 5.77 3.85 13.01
C LYS C 5 6.20 4.45 11.66
N ARG C 6 7.48 4.71 11.45
CA ARG C 6 7.93 5.31 10.19
C ARG C 6 9.33 4.84 9.80
N ARG C 7 10.05 5.64 8.99
CA ARG C 7 11.41 5.32 8.50
C ARG C 7 11.45 4.00 7.73
N ASN C 8 10.60 3.08 8.13
CA ASN C 8 10.48 1.77 7.52
C ASN C 8 10.24 1.90 6.00
N PHE C 9 8.97 1.95 5.59
CA PHE C 9 8.63 2.10 4.18
C PHE C 9 8.73 3.56 3.77
N ASN C 10 9.59 3.83 2.81
CA ASN C 10 9.81 5.19 2.34
C ASN C 10 8.61 5.68 1.51
N LYS C 11 8.64 6.95 1.13
CA LYS C 11 7.55 7.54 0.34
C LYS C 11 7.34 6.76 -0.95
N GLN C 12 8.42 6.16 -1.46
CA GLN C 12 8.34 5.38 -2.69
C GLN C 12 7.48 4.14 -2.48
N ALA C 13 7.79 3.40 -1.43
CA ALA C 13 7.06 2.17 -1.11
C ALA C 13 5.60 2.47 -0.78
N THR C 14 5.38 3.54 -0.03
CA THR C 14 4.03 3.91 0.36
C THR C 14 3.12 4.12 -0.84
N GLU C 15 3.51 5.01 -1.75
CA GLU C 15 2.72 5.29 -2.95
C GLU C 15 2.44 4.00 -3.71
N ILE C 16 3.46 3.18 -3.83
CA ILE C 16 3.38 1.92 -4.53
C ILE C 16 2.41 0.96 -3.86
N LEU C 17 2.66 0.69 -2.58
CA LEU C 17 1.83 -0.25 -1.83
C LEU C 17 0.39 0.23 -1.68
N ASN C 18 0.17 1.49 -1.30
CA ASN C 18 -1.20 2.00 -1.14
C ASN C 18 -1.97 1.91 -2.45
N GLU C 19 -1.41 2.47 -3.52
CA GLU C 19 -2.05 2.45 -4.84
C GLU C 19 -2.62 1.07 -5.15
N TYR C 20 -1.84 0.02 -4.87
CA TYR C 20 -2.29 -1.34 -5.10
C TYR C 20 -3.35 -1.74 -4.09
N PHE C 21 -3.15 -1.32 -2.85
CA PHE C 21 -4.09 -1.63 -1.77
C PHE C 21 -5.52 -1.25 -2.14
N TYR C 22 -5.72 -0.04 -2.64
CA TYR C 22 -7.07 0.40 -3.02
C TYR C 22 -7.68 -0.44 -4.15
N SER C 23 -7.01 -1.54 -4.50
CA SER C 23 -7.51 -2.42 -5.55
C SER C 23 -8.07 -3.70 -4.94
N HIS C 24 -7.60 -4.05 -3.74
CA HIS C 24 -8.07 -5.25 -3.06
C HIS C 24 -8.51 -4.92 -1.62
N LEU C 25 -9.16 -3.77 -1.45
CA LEU C 25 -9.63 -3.36 -0.11
C LEU C 25 -10.25 -4.53 0.65
N SER C 26 -11.33 -5.10 0.12
CA SER C 26 -12.02 -6.20 0.79
C SER C 26 -11.10 -7.40 1.02
N ASN C 27 -9.93 -7.36 0.40
CA ASN C 27 -8.93 -8.43 0.54
C ASN C 27 -7.55 -7.81 0.37
N PRO C 28 -7.13 -6.98 1.34
CA PRO C 28 -5.85 -6.27 1.28
C PRO C 28 -4.65 -7.12 1.68
N TYR C 29 -4.51 -8.25 1.02
CA TYR C 29 -3.39 -9.13 1.26
C TYR C 29 -2.75 -9.49 -0.07
N PRO C 30 -1.52 -8.99 -0.33
CA PRO C 30 -0.79 -9.22 -1.58
C PRO C 30 -0.82 -10.69 -2.00
N SER C 31 0.21 -11.11 -2.73
CA SER C 31 0.33 -12.47 -3.17
C SER C 31 1.81 -12.75 -3.38
N GLU C 32 2.16 -13.97 -3.74
CA GLU C 32 3.57 -14.28 -3.95
C GLU C 32 4.20 -13.30 -4.93
N GLU C 33 3.58 -13.15 -6.09
CA GLU C 33 4.10 -12.23 -7.10
C GLU C 33 3.86 -10.78 -6.73
N ALA C 34 2.84 -10.50 -5.90
CA ALA C 34 2.57 -9.13 -5.49
C ALA C 34 3.70 -8.64 -4.62
N LYS C 35 4.01 -9.42 -3.60
CA LYS C 35 5.10 -9.11 -2.69
C LYS C 35 6.40 -8.92 -3.47
N GLU C 36 6.51 -9.63 -4.58
CA GLU C 36 7.69 -9.52 -5.43
C GLU C 36 7.68 -8.18 -6.15
N GLU C 37 6.64 -7.93 -6.92
CA GLU C 37 6.52 -6.67 -7.64
C GLU C 37 6.55 -5.50 -6.67
N LEU C 38 5.72 -5.56 -5.63
CA LEU C 38 5.65 -4.50 -4.64
C LEU C 38 7.02 -4.28 -3.97
N ALA C 39 7.53 -5.32 -3.31
CA ALA C 39 8.81 -5.22 -2.60
C ALA C 39 9.95 -4.79 -3.50
N LYS C 40 9.88 -5.14 -4.79
CA LYS C 40 10.91 -4.77 -5.73
C LYS C 40 10.77 -3.30 -6.08
N LYS C 41 9.54 -2.94 -6.36
CA LYS C 41 9.17 -1.59 -6.72
C LYS C 41 9.36 -0.63 -5.54
N SER C 42 8.86 -1.05 -4.38
CA SER C 42 8.93 -0.26 -3.17
C SER C 42 10.32 -0.28 -2.53
N GLY C 43 10.85 -1.47 -2.32
CA GLY C 43 12.16 -1.61 -1.70
C GLY C 43 12.08 -2.29 -0.34
N ILE C 44 10.96 -2.98 -0.12
CA ILE C 44 10.74 -3.70 1.13
C ILE C 44 10.97 -5.20 0.91
N THR C 45 10.54 -6.01 1.87
CA THR C 45 10.66 -7.44 1.76
C THR C 45 9.27 -8.06 1.74
N VAL C 46 9.04 -8.98 0.81
CA VAL C 46 7.73 -9.65 0.68
C VAL C 46 6.90 -9.55 1.96
N SER C 47 7.24 -10.37 2.94
CA SER C 47 6.52 -10.40 4.21
C SER C 47 6.20 -9.00 4.76
N GLN C 48 7.03 -8.02 4.43
CA GLN C 48 6.80 -6.66 4.89
C GLN C 48 5.53 -6.09 4.25
N VAL C 49 5.33 -6.44 2.99
CA VAL C 49 4.16 -5.99 2.23
C VAL C 49 2.87 -6.48 2.89
N SER C 50 2.73 -7.80 3.03
CA SER C 50 1.55 -8.38 3.67
C SER C 50 1.32 -7.76 5.04
N ASN C 51 2.43 -7.33 5.64
CA ASN C 51 2.40 -6.68 6.93
C ASN C 51 1.84 -5.27 6.77
N TRP C 52 2.43 -4.55 5.82
CA TRP C 52 2.03 -3.19 5.50
C TRP C 52 0.56 -3.13 5.10
N PHE C 53 0.22 -3.87 4.05
CA PHE C 53 -1.15 -3.91 3.52
C PHE C 53 -2.17 -4.13 4.62
N GLY C 54 -2.00 -5.20 5.39
CA GLY C 54 -2.93 -5.51 6.48
C GLY C 54 -3.36 -4.28 7.27
N ASN C 55 -2.39 -3.49 7.70
CA ASN C 55 -2.68 -2.28 8.48
C ASN C 55 -3.46 -1.25 7.66
N LYS C 56 -3.17 -1.17 6.36
CA LYS C 56 -3.83 -0.21 5.48
C LYS C 56 -5.35 -0.29 5.58
N ARG C 57 -5.89 -1.52 5.50
CA ARG C 57 -7.34 -1.69 5.59
C ARG C 57 -7.82 -1.19 6.95
N ILE C 58 -7.07 -1.55 7.98
CA ILE C 58 -7.42 -1.16 9.33
C ILE C 58 -7.58 0.36 9.40
N ARG C 59 -6.52 1.07 9.05
CA ARG C 59 -6.54 2.54 9.04
C ARG C 59 -7.72 3.05 8.23
N TYR C 60 -8.10 2.32 7.19
CA TYR C 60 -9.23 2.69 6.34
C TYR C 60 -10.50 2.86 7.19
N LYS C 61 -10.89 1.77 7.84
CA LYS C 61 -12.07 1.72 8.72
C LYS C 61 -12.15 2.90 9.71
N LYS C 62 -11.03 3.56 9.92
CA LYS C 62 -10.98 4.69 10.84
C LYS C 62 -11.65 5.91 10.23
N ASN C 63 -11.45 6.08 8.94
CA ASN C 63 -12.01 7.22 8.24
C ASN C 63 -12.54 6.86 6.85
N ILE C 64 -13.25 5.75 6.74
CA ILE C 64 -13.85 5.27 5.49
C ILE C 64 -13.89 6.30 4.35
N GLY C 65 -14.73 7.33 4.52
CA GLY C 65 -14.89 8.36 3.49
C GLY C 65 -13.59 9.04 3.10
N LYS C 66 -12.64 9.04 4.01
CA LYS C 66 -11.34 9.65 3.76
C LYS C 66 -10.58 8.83 2.71
N PHE C 67 -10.68 7.51 2.85
CA PHE C 67 -10.00 6.61 1.92
C PHE C 67 -10.74 6.47 0.61
N GLN C 68 -12.06 6.66 0.64
CA GLN C 68 -12.84 6.56 -0.60
C GLN C 68 -12.24 7.50 -1.65
N GLU C 69 -12.24 8.79 -1.33
CA GLU C 69 -11.69 9.79 -2.23
C GLU C 69 -10.27 9.42 -2.65
N GLU C 70 -9.46 9.03 -1.67
CA GLU C 70 -8.09 8.60 -1.95
C GLU C 70 -8.12 7.47 -2.97
N ALA C 71 -8.93 6.48 -2.66
CA ALA C 71 -9.10 5.32 -3.52
C ALA C 71 -9.26 5.76 -4.97
N ASN C 72 -10.06 6.78 -5.20
CA ASN C 72 -10.28 7.30 -6.55
C ASN C 72 -9.06 8.11 -7.02
N ILE C 73 -8.38 8.76 -6.08
CA ILE C 73 -7.21 9.55 -6.39
C ILE C 73 -6.07 8.67 -6.87
N TYR C 74 -5.63 7.77 -6.00
CA TYR C 74 -4.54 6.87 -6.30
C TYR C 74 -4.90 5.89 -7.41
N ALA C 75 -6.17 5.51 -7.48
CA ALA C 75 -6.64 4.59 -8.50
C ALA C 75 -6.33 5.11 -9.90
N ALA C 76 -6.82 6.31 -10.20
CA ALA C 76 -6.62 6.93 -11.50
C ALA C 76 -5.13 7.02 -11.84
N LYS C 77 -4.27 7.01 -10.83
CA LYS C 77 -2.83 7.09 -11.07
C LYS C 77 -2.30 5.84 -11.74
N THR C 78 -2.38 5.81 -13.06
CA THR C 78 -1.90 4.66 -13.83
C THR C 78 -1.39 5.11 -15.20
N ALA C 79 -0.17 4.68 -15.54
CA ALA C 79 0.44 5.04 -16.81
C ALA C 79 0.81 6.52 -16.86
N VAL C 80 0.82 7.16 -15.70
CA VAL C 80 1.15 8.58 -15.61
C VAL C 80 2.66 8.78 -15.52
N THR C 81 3.14 9.88 -16.10
CA THR C 81 4.57 10.20 -16.08
C THR C 81 5.41 8.99 -16.50
N ALA C 82 6.73 9.12 -16.35
CA ALA C 82 7.64 8.04 -16.72
C ALA C 82 7.52 7.70 -18.20
N MET C 1 16.48 5.59 16.14
CA MET C 1 16.04 4.17 16.22
C MET C 1 15.34 3.89 17.56
N ALA C 2 14.21 3.20 17.50
CA ALA C 2 13.45 2.86 18.70
C ALA C 2 12.39 1.81 18.39
N ARG C 3 11.36 1.74 19.23
CA ARG C 3 10.29 0.77 19.05
C ARG C 3 9.78 0.73 17.61
N ARG C 4 8.80 1.59 17.26
CA ARG C 4 8.26 1.56 15.90
C ARG C 4 7.41 2.79 15.57
N LYS C 5 7.33 3.13 14.29
CA LYS C 5 6.50 4.24 13.82
C LYS C 5 6.53 4.38 12.31
N ARG C 6 7.72 4.62 11.76
CA ARG C 6 7.90 4.84 10.33
C ARG C 6 9.39 4.86 10.00
N ARG C 7 9.70 4.86 8.71
CA ARG C 7 11.08 4.89 8.19
C ARG C 7 11.23 3.83 7.11
N ASN C 8 10.47 2.75 7.29
CA ASN C 8 10.49 1.63 6.38
C ASN C 8 10.07 2.05 4.97
N PHE C 9 8.78 1.95 4.64
CA PHE C 9 8.30 2.30 3.31
C PHE C 9 8.31 3.82 3.09
N ASN C 10 9.19 4.27 2.21
CA ASN C 10 9.28 5.68 1.90
C ASN C 10 8.09 6.12 1.03
N LYS C 11 8.07 7.38 0.61
CA LYS C 11 6.98 7.88 -0.23
C LYS C 11 6.83 7.07 -1.50
N GLN C 12 7.95 6.63 -2.06
CA GLN C 12 7.93 5.82 -3.27
C GLN C 12 7.07 4.57 -3.07
N ALA C 13 7.35 3.86 -1.98
CA ALA C 13 6.61 2.64 -1.67
C ALA C 13 5.14 2.93 -1.38
N THR C 14 4.89 3.95 -0.57
CA THR C 14 3.53 4.32 -0.21
C THR C 14 2.69 4.59 -1.45
N GLU C 15 3.18 5.48 -2.32
CA GLU C 15 2.47 5.82 -3.54
C GLU C 15 2.19 4.56 -4.36
N ILE C 16 3.17 3.67 -4.41
CA ILE C 16 3.08 2.43 -5.17
C ILE C 16 2.14 1.41 -4.54
N LEU C 17 2.40 1.05 -3.30
CA LEU C 17 1.61 0.04 -2.60
C LEU C 17 0.13 0.42 -2.55
N ASN C 18 -0.17 1.71 -2.30
CA ASN C 18 -1.57 2.15 -2.20
C ASN C 18 -2.32 1.88 -3.51
N GLU C 19 -1.80 2.38 -4.62
CA GLU C 19 -2.45 2.22 -5.93
C GLU C 19 -2.96 0.79 -6.12
N TYR C 20 -2.11 -0.18 -5.85
CA TYR C 20 -2.46 -1.58 -5.99
C TYR C 20 -3.41 -2.01 -4.87
N PHE C 21 -3.21 -1.45 -3.67
CA PHE C 21 -4.06 -1.77 -2.52
C PHE C 21 -5.53 -1.54 -2.82
N TYR C 22 -5.87 -0.37 -3.38
CA TYR C 22 -7.26 -0.06 -3.69
C TYR C 22 -7.82 -0.95 -4.80
N SER C 23 -7.11 -2.04 -5.10
CA SER C 23 -7.55 -2.98 -6.12
C SER C 23 -7.92 -4.32 -5.48
N HIS C 24 -7.34 -4.58 -4.31
CA HIS C 24 -7.61 -5.82 -3.57
C HIS C 24 -8.14 -5.52 -2.17
N LEU C 25 -8.90 -4.44 -2.04
CA LEU C 25 -9.48 -4.07 -0.74
C LEU C 25 -10.08 -5.28 -0.04
N SER C 26 -11.04 -5.93 -0.69
CA SER C 26 -11.70 -7.09 -0.10
C SER C 26 -10.69 -8.19 0.25
N ASN C 27 -9.45 -8.02 -0.21
CA ASN C 27 -8.37 -8.96 0.07
C ASN C 27 -7.09 -8.18 0.28
N PRO C 28 -7.00 -7.45 1.42
CA PRO C 28 -5.85 -6.60 1.75
C PRO C 28 -4.55 -7.36 1.94
N TYR C 29 -4.16 -8.11 0.92
CA TYR C 29 -2.93 -8.87 0.95
C TYR C 29 -2.41 -9.11 -0.47
N PRO C 30 -1.20 -8.64 -0.79
CA PRO C 30 -0.58 -8.79 -2.11
C PRO C 30 -0.63 -10.25 -2.60
N SER C 31 0.34 -10.63 -3.41
CA SER C 31 0.47 -11.98 -3.92
C SER C 31 1.95 -12.25 -4.08
N GLU C 32 2.36 -13.48 -4.33
CA GLU C 32 3.79 -13.77 -4.48
C GLU C 32 4.43 -12.79 -5.46
N GLU C 33 3.87 -12.69 -6.65
CA GLU C 33 4.41 -11.78 -7.65
C GLU C 33 4.18 -10.33 -7.24
N ALA C 34 3.08 -10.08 -6.52
CA ALA C 34 2.77 -8.74 -6.07
C ALA C 34 3.82 -8.23 -5.09
N LYS C 35 4.07 -8.99 -4.02
CA LYS C 35 5.08 -8.58 -3.05
C LYS C 35 6.44 -8.46 -3.72
N GLU C 36 6.61 -9.19 -4.83
CA GLU C 36 7.84 -9.14 -5.59
C GLU C 36 7.90 -7.85 -6.40
N GLU C 37 6.94 -7.66 -7.29
CA GLU C 37 6.89 -6.46 -8.11
C GLU C 37 6.82 -5.23 -7.22
N LEU C 38 5.92 -5.26 -6.24
CA LEU C 38 5.76 -4.15 -5.32
C LEU C 38 7.08 -3.83 -4.63
N ALA C 39 7.60 -4.80 -3.90
CA ALA C 39 8.85 -4.64 -3.18
C ALA C 39 9.98 -4.14 -4.09
N LYS C 40 9.91 -4.51 -5.36
CA LYS C 40 10.91 -4.09 -6.34
C LYS C 40 10.67 -2.64 -6.71
N LYS C 41 9.39 -2.36 -6.96
CA LYS C 41 8.93 -1.03 -7.34
C LYS C 41 9.09 -0.02 -6.21
N SER C 42 8.64 -0.42 -5.02
CA SER C 42 8.69 0.43 -3.84
C SER C 42 10.11 0.55 -3.28
N GLY C 43 10.75 -0.59 -3.10
CA GLY C 43 12.10 -0.61 -2.54
C GLY C 43 12.12 -1.27 -1.17
N ILE C 44 11.10 -2.09 -0.92
CA ILE C 44 10.96 -2.82 0.33
C ILE C 44 11.23 -4.29 0.09
N THR C 45 10.79 -5.14 1.01
CA THR C 45 10.94 -6.56 0.86
C THR C 45 9.56 -7.20 0.92
N VAL C 46 9.37 -8.26 0.15
CA VAL C 46 8.09 -8.97 0.11
C VAL C 46 7.31 -8.81 1.43
N SER C 47 7.76 -9.51 2.46
CA SER C 47 7.12 -9.47 3.77
C SER C 47 6.71 -8.06 4.21
N GLN C 48 7.47 -7.04 3.82
CA GLN C 48 7.13 -5.67 4.20
C GLN C 48 5.84 -5.24 3.54
N VAL C 49 5.65 -5.66 2.29
CA VAL C 49 4.44 -5.33 1.56
C VAL C 49 3.20 -5.82 2.32
N SER C 50 3.18 -7.12 2.63
CA SER C 50 2.06 -7.70 3.38
C SER C 50 1.84 -6.94 4.67
N ASN C 51 2.91 -6.35 5.19
CA ASN C 51 2.84 -5.56 6.41
C ASN C 51 2.14 -4.23 6.12
N TRP C 52 2.62 -3.54 5.09
CA TRP C 52 2.05 -2.27 4.67
C TRP C 52 0.57 -2.42 4.35
N PHE C 53 0.28 -3.28 3.37
CA PHE C 53 -1.09 -3.54 2.95
C PHE C 53 -1.99 -3.79 4.15
N GLY C 54 -1.64 -4.79 4.95
CA GLY C 54 -2.43 -5.12 6.12
C GLY C 54 -2.80 -3.91 6.93
N ASN C 55 -1.90 -2.93 7.00
CA ASN C 55 -2.13 -1.71 7.75
C ASN C 55 -3.14 -0.80 7.05
N LYS C 56 -3.10 -0.82 5.72
CA LYS C 56 -4.01 0.00 4.92
C LYS C 56 -5.46 -0.27 5.28
N ARG C 57 -5.83 -1.54 5.36
CA ARG C 57 -7.21 -1.91 5.71
C ARG C 57 -7.54 -1.41 7.11
N ILE C 58 -6.60 -1.59 8.03
CA ILE C 58 -6.81 -1.16 9.40
C ILE C 58 -7.14 0.33 9.43
N ARG C 59 -6.15 1.16 9.12
CA ARG C 59 -6.36 2.61 9.11
C ARG C 59 -7.62 2.99 8.31
N TYR C 60 -7.96 2.15 7.33
CA TYR C 60 -9.15 2.36 6.51
C TYR C 60 -10.40 2.41 7.40
N LYS C 61 -10.66 1.29 8.07
CA LYS C 61 -11.81 1.14 8.98
C LYS C 61 -11.99 2.33 9.93
N LYS C 62 -10.94 3.12 10.09
CA LYS C 62 -10.98 4.27 10.98
C LYS C 62 -11.68 5.45 10.33
N ASN C 63 -11.44 5.63 9.04
CA ASN C 63 -12.02 6.76 8.31
C ASN C 63 -12.60 6.37 6.96
N ILE C 64 -13.29 5.23 6.91
CA ILE C 64 -13.93 4.73 5.68
C ILE C 64 -14.05 5.74 4.53
N GLY C 65 -14.96 6.71 4.70
CA GLY C 65 -15.21 7.73 3.68
C GLY C 65 -13.95 8.42 3.19
N LYS C 66 -12.93 8.44 4.03
CA LYS C 66 -11.67 9.07 3.68
C LYS C 66 -10.96 8.25 2.61
N PHE C 67 -11.08 6.93 2.71
CA PHE C 67 -10.45 6.03 1.76
C PHE C 67 -11.28 5.87 0.50
N GLN C 68 -12.59 6.15 0.60
CA GLN C 68 -13.46 6.04 -0.57
C GLN C 68 -12.94 6.99 -1.65
N GLU C 69 -13.06 8.29 -1.39
CA GLU C 69 -12.58 9.30 -2.33
C GLU C 69 -11.14 9.02 -2.75
N GLU C 70 -10.31 8.67 -1.79
CA GLU C 70 -8.91 8.34 -2.06
C GLU C 70 -8.85 7.19 -3.06
N ALA C 71 -9.55 6.11 -2.73
CA ALA C 71 -9.61 4.93 -3.57
C ALA C 71 -9.80 5.30 -5.04
N ASN C 72 -10.71 6.25 -5.29
CA ASN C 72 -10.98 6.71 -6.64
C ASN C 72 -9.93 7.72 -7.09
N ILE C 73 -9.32 8.41 -6.12
CA ILE C 73 -8.29 9.40 -6.41
C ILE C 73 -7.03 8.75 -6.97
N TYR C 74 -6.46 7.83 -6.20
CA TYR C 74 -5.24 7.15 -6.58
C TYR C 74 -5.47 6.29 -7.81
N ALA C 75 -6.63 5.65 -7.87
CA ALA C 75 -6.98 4.81 -9.02
C ALA C 75 -6.87 5.59 -10.32
N ALA C 76 -7.57 6.72 -10.38
CA ALA C 76 -7.58 7.57 -11.57
C ALA C 76 -6.22 8.23 -11.86
N LYS C 77 -5.18 7.92 -11.08
CA LYS C 77 -3.87 8.52 -11.31
C LYS C 77 -3.05 7.72 -12.32
N THR C 78 -3.72 6.95 -13.18
CA THR C 78 -3.03 6.16 -14.18
C THR C 78 -2.87 6.95 -15.47
N ALA C 79 -1.65 6.98 -16.00
CA ALA C 79 -1.37 7.71 -17.23
C ALA C 79 -1.50 9.21 -17.02
N VAL C 80 -1.48 9.63 -15.76
CA VAL C 80 -1.61 11.04 -15.42
C VAL C 80 -0.25 11.75 -15.48
N THR C 81 0.80 11.02 -15.16
CA THR C 81 2.15 11.58 -15.17
C THR C 81 2.83 11.31 -16.51
N ALA C 82 2.64 10.11 -17.04
CA ALA C 82 3.23 9.74 -18.32
C ALA C 82 4.75 9.83 -18.26
N MET C 1 8.82 -5.23 22.02
CA MET C 1 9.28 -3.96 21.41
C MET C 1 8.11 -3.04 21.08
N ALA C 2 8.43 -1.81 20.68
CA ALA C 2 7.41 -0.82 20.33
C ALA C 2 8.01 0.39 19.62
N ARG C 3 9.28 0.65 19.85
CA ARG C 3 9.92 1.78 19.23
C ARG C 3 9.91 1.66 17.70
N ARG C 4 8.81 2.03 17.06
CA ARG C 4 8.71 1.91 15.60
C ARG C 4 7.46 2.58 15.02
N LYS C 5 7.57 3.15 13.81
CA LYS C 5 6.40 3.74 13.16
C LYS C 5 6.72 4.31 11.78
N ARG C 6 7.87 4.98 11.62
CA ARG C 6 8.23 5.58 10.33
C ARG C 6 9.74 5.59 10.10
N ARG C 7 10.11 5.33 8.85
CA ARG C 7 11.50 5.28 8.38
C ARG C 7 11.66 4.12 7.41
N ASN C 8 10.77 3.13 7.56
CA ASN C 8 10.77 1.94 6.74
C ASN C 8 10.34 2.22 5.29
N PHE C 9 9.06 1.98 4.95
CA PHE C 9 8.57 2.19 3.59
C PHE C 9 8.76 3.63 3.16
N ASN C 10 9.66 3.84 2.23
CA ASN C 10 9.96 5.15 1.70
C ASN C 10 8.76 5.72 0.93
N LYS C 11 8.79 7.02 0.66
CA LYS C 11 7.72 7.67 -0.09
C LYS C 11 7.46 6.95 -1.42
N GLN C 12 8.48 6.26 -1.91
CA GLN C 12 8.36 5.50 -3.14
C GLN C 12 7.50 4.27 -2.91
N ALA C 13 7.80 3.55 -1.83
CA ALA C 13 7.07 2.35 -1.47
C ALA C 13 5.61 2.64 -1.16
N THR C 14 5.38 3.70 -0.40
CA THR C 14 4.03 4.08 0.00
C THR C 14 3.11 4.27 -1.21
N GLU C 15 3.50 5.14 -2.14
CA GLU C 15 2.69 5.40 -3.34
C GLU C 15 2.38 4.10 -4.08
N ILE C 16 3.37 3.24 -4.13
CA ILE C 16 3.26 1.95 -4.81
C ILE C 16 2.28 1.01 -4.11
N LEU C 17 2.51 0.75 -2.84
CA LEU C 17 1.67 -0.16 -2.07
C LEU C 17 0.21 0.32 -1.99
N ASN C 18 -0.01 1.60 -1.67
CA ASN C 18 -1.36 2.12 -1.58
C ASN C 18 -2.10 2.01 -2.91
N GLU C 19 -1.49 2.51 -3.97
CA GLU C 19 -2.09 2.45 -5.30
C GLU C 19 -2.63 1.06 -5.59
N TYR C 20 -1.90 0.04 -5.15
CA TYR C 20 -2.33 -1.35 -5.35
C TYR C 20 -3.41 -1.72 -4.34
N PHE C 21 -3.21 -1.29 -3.09
CA PHE C 21 -4.15 -1.55 -2.02
C PHE C 21 -5.58 -1.18 -2.43
N TYR C 22 -5.75 0.03 -2.94
CA TYR C 22 -7.05 0.54 -3.38
C TYR C 22 -7.68 -0.34 -4.46
N SER C 23 -7.06 -1.48 -4.76
CA SER C 23 -7.58 -2.40 -5.77
C SER C 23 -8.11 -3.67 -5.11
N HIS C 24 -7.60 -3.96 -3.91
CA HIS C 24 -8.02 -5.14 -3.16
C HIS C 24 -8.50 -4.78 -1.76
N LEU C 25 -9.19 -3.65 -1.64
CA LEU C 25 -9.71 -3.21 -0.34
C LEU C 25 -10.37 -4.34 0.43
N SER C 26 -11.44 -4.92 -0.12
CA SER C 26 -12.17 -5.98 0.54
C SER C 26 -11.27 -7.20 0.85
N ASN C 27 -10.09 -7.23 0.26
CA ASN C 27 -9.14 -8.32 0.48
C ASN C 27 -7.71 -7.81 0.26
N PRO C 28 -7.24 -6.90 1.13
CA PRO C 28 -5.91 -6.30 1.02
C PRO C 28 -4.80 -7.28 1.33
N TYR C 29 -4.67 -8.29 0.48
CA TYR C 29 -3.63 -9.30 0.65
C TYR C 29 -2.86 -9.48 -0.65
N PRO C 30 -1.62 -8.98 -0.75
CA PRO C 30 -0.80 -9.12 -1.96
C PRO C 30 -0.78 -10.57 -2.44
N SER C 31 0.30 -10.98 -3.08
CA SER C 31 0.43 -12.34 -3.56
C SER C 31 1.92 -12.58 -3.75
N GLU C 32 2.34 -13.81 -3.97
CA GLU C 32 3.76 -14.07 -4.16
C GLU C 32 4.36 -13.09 -5.14
N GLU C 33 3.73 -12.95 -6.29
CA GLU C 33 4.20 -12.02 -7.30
C GLU C 33 3.98 -10.58 -6.84
N ALA C 34 2.88 -10.34 -6.11
CA ALA C 34 2.58 -9.00 -5.62
C ALA C 34 3.65 -8.53 -4.64
N LYS C 35 3.85 -9.28 -3.55
CA LYS C 35 4.88 -8.91 -2.59
C LYS C 35 6.24 -8.82 -3.27
N GLU C 36 6.37 -9.53 -4.38
CA GLU C 36 7.60 -9.49 -5.16
C GLU C 36 7.67 -8.19 -5.94
N GLU C 37 6.68 -7.96 -6.79
CA GLU C 37 6.63 -6.73 -7.58
C GLU C 37 6.60 -5.51 -6.66
N LEU C 38 5.68 -5.53 -5.69
CA LEU C 38 5.57 -4.43 -4.75
C LEU C 38 6.93 -4.14 -4.09
N ALA C 39 7.45 -5.15 -3.40
CA ALA C 39 8.72 -5.02 -2.70
C ALA C 39 9.86 -4.59 -3.64
N LYS C 40 9.77 -5.00 -4.89
CA LYS C 40 10.80 -4.65 -5.88
C LYS C 40 10.60 -3.20 -6.31
N LYS C 41 9.36 -2.88 -6.58
CA LYS C 41 8.96 -1.56 -7.00
C LYS C 41 9.12 -0.54 -5.88
N SER C 42 8.67 -0.91 -4.70
CA SER C 42 8.72 -0.06 -3.52
C SER C 42 10.14 0.07 -2.96
N GLY C 43 10.78 -1.07 -2.73
CA GLY C 43 12.11 -1.07 -2.16
C GLY C 43 12.13 -1.72 -0.80
N ILE C 44 11.08 -2.49 -0.53
CA ILE C 44 10.92 -3.21 0.72
C ILE C 44 11.12 -4.70 0.48
N THR C 45 10.66 -5.52 1.41
CA THR C 45 10.75 -6.96 1.25
C THR C 45 9.35 -7.54 1.32
N VAL C 46 9.11 -8.60 0.57
CA VAL C 46 7.80 -9.26 0.54
C VAL C 46 7.05 -9.07 1.86
N SER C 47 7.47 -9.79 2.88
CA SER C 47 6.84 -9.75 4.20
C SER C 47 6.48 -8.33 4.65
N GLN C 48 7.26 -7.32 4.26
CA GLN C 48 6.94 -5.95 4.65
C GLN C 48 5.65 -5.49 4.00
N VAL C 49 5.43 -5.96 2.78
CA VAL C 49 4.22 -5.61 2.05
C VAL C 49 2.98 -6.11 2.78
N SER C 50 2.90 -7.41 3.02
CA SER C 50 1.77 -8.01 3.74
C SER C 50 1.56 -7.29 5.07
N ASN C 51 2.65 -6.74 5.59
CA ASN C 51 2.62 -6.00 6.84
C ASN C 51 1.97 -4.64 6.59
N TRP C 52 2.46 -3.94 5.58
CA TRP C 52 1.94 -2.64 5.19
C TRP C 52 0.45 -2.71 4.88
N PHE C 53 0.12 -3.56 3.89
CA PHE C 53 -1.26 -3.74 3.46
C PHE C 53 -2.21 -3.96 4.64
N GLY C 54 -1.94 -5.00 5.43
CA GLY C 54 -2.78 -5.31 6.58
C GLY C 54 -3.26 -4.08 7.33
N ASN C 55 -2.32 -3.26 7.78
CA ASN C 55 -2.66 -2.05 8.53
C ASN C 55 -3.33 -1.01 7.63
N LYS C 56 -3.09 -1.10 6.33
CA LYS C 56 -3.67 -0.16 5.38
C LYS C 56 -5.19 -0.18 5.41
N ARG C 57 -5.77 -1.37 5.42
CA ARG C 57 -7.24 -1.49 5.46
C ARG C 57 -7.75 -1.01 6.81
N ILE C 58 -7.05 -1.40 7.87
CA ILE C 58 -7.47 -1.01 9.21
C ILE C 58 -7.60 0.50 9.25
N ARG C 59 -6.55 1.18 8.80
CA ARG C 59 -6.54 2.65 8.74
C ARG C 59 -7.75 3.16 7.96
N TYR C 60 -8.08 2.46 6.87
CA TYR C 60 -9.22 2.82 6.03
C TYR C 60 -10.49 3.04 6.87
N LYS C 61 -10.89 1.99 7.58
CA LYS C 61 -12.08 1.99 8.43
C LYS C 61 -12.13 3.14 9.44
N LYS C 62 -11.00 3.75 9.69
CA LYS C 62 -10.94 4.86 10.62
C LYS C 62 -11.64 6.06 10.02
N ASN C 63 -11.46 6.23 8.72
CA ASN C 63 -12.05 7.36 8.02
C ASN C 63 -12.61 6.98 6.65
N ILE C 64 -13.34 5.87 6.60
CA ILE C 64 -13.97 5.36 5.36
C ILE C 64 -14.03 6.37 4.19
N GLY C 65 -14.88 7.39 4.33
CA GLY C 65 -15.06 8.39 3.28
C GLY C 65 -13.77 9.05 2.84
N LYS C 66 -12.79 9.03 3.71
CA LYS C 66 -11.49 9.62 3.42
C LYS C 66 -10.75 8.77 2.39
N PHE C 67 -10.85 7.46 2.55
CA PHE C 67 -10.18 6.52 1.66
C PHE C 67 -10.98 6.30 0.38
N GLN C 68 -12.29 6.52 0.44
CA GLN C 68 -13.12 6.34 -0.75
C GLN C 68 -12.60 7.24 -1.86
N GLU C 69 -12.68 8.55 -1.64
CA GLU C 69 -12.20 9.52 -2.62
C GLU C 69 -10.76 9.22 -3.01
N GLU C 70 -9.92 8.90 -2.02
CA GLU C 70 -8.53 8.56 -2.29
C GLU C 70 -8.47 7.37 -3.23
N ALA C 71 -9.18 6.32 -2.83
CA ALA C 71 -9.26 5.10 -3.61
C ALA C 71 -9.45 5.42 -5.09
N ASN C 72 -10.31 6.41 -5.38
CA ASN C 72 -10.56 6.82 -6.74
C ASN C 72 -9.37 7.59 -7.30
N ILE C 73 -8.77 8.42 -6.44
CA ILE C 73 -7.61 9.21 -6.83
C ILE C 73 -6.47 8.31 -7.27
N TYR C 74 -5.99 7.49 -6.33
CA TYR C 74 -4.90 6.58 -6.59
C TYR C 74 -5.30 5.49 -7.59
N ALA C 75 -6.59 5.21 -7.68
CA ALA C 75 -7.09 4.21 -8.62
C ALA C 75 -6.73 4.55 -10.05
N ALA C 76 -7.14 5.73 -10.49
CA ALA C 76 -6.88 6.17 -11.86
C ALA C 76 -5.40 6.09 -12.22
N LYS C 77 -4.54 6.54 -11.33
CA LYS C 77 -3.10 6.50 -11.57
C LYS C 77 -2.58 5.08 -11.57
N THR C 78 -1.26 4.92 -11.56
CA THR C 78 -0.61 3.61 -11.57
C THR C 78 -1.11 2.73 -12.71
N ALA C 79 -0.20 2.30 -13.56
CA ALA C 79 -0.55 1.46 -14.70
C ALA C 79 -1.40 2.21 -15.72
N VAL C 80 -1.47 3.53 -15.57
CA VAL C 80 -2.25 4.36 -16.47
C VAL C 80 -1.44 4.76 -17.71
N THR C 81 -1.84 4.23 -18.86
CA THR C 81 -1.15 4.52 -20.11
C THR C 81 0.29 4.02 -20.09
N ALA C 82 1.16 4.76 -19.41
CA ALA C 82 2.57 4.38 -19.31
C ALA C 82 3.22 4.30 -20.69
N MET C 1 19.20 3.47 16.98
CA MET C 1 18.18 2.39 16.87
C MET C 1 16.99 2.68 17.78
N ALA C 2 15.85 2.05 17.47
CA ALA C 2 14.64 2.24 18.25
C ALA C 2 13.59 1.18 17.91
N ARG C 3 12.52 1.16 18.70
CA ARG C 3 11.44 0.21 18.50
C ARG C 3 10.87 0.25 17.08
N ARG C 4 9.98 1.20 16.80
CA ARG C 4 9.36 1.30 15.48
C ARG C 4 8.55 2.59 15.33
N LYS C 5 8.13 2.90 14.08
CA LYS C 5 7.35 4.07 13.85
C LYS C 5 6.81 4.17 12.42
N ARG C 6 7.69 4.57 11.49
CA ARG C 6 7.24 4.86 10.14
C ARG C 6 8.40 5.13 9.16
N ARG C 7 9.62 4.76 9.55
CA ARG C 7 10.79 4.99 8.70
C ARG C 7 10.91 3.92 7.62
N ASN C 8 10.27 2.79 7.87
CA ASN C 8 10.32 1.67 6.95
C ASN C 8 9.87 2.06 5.54
N PHE C 9 8.60 1.86 5.19
CA PHE C 9 8.12 2.19 3.86
C PHE C 9 8.24 3.68 3.60
N ASN C 10 9.19 4.03 2.75
CA ASN C 10 9.42 5.41 2.38
C ASN C 10 8.28 5.94 1.51
N LYS C 11 8.33 7.23 1.19
CA LYS C 11 7.29 7.86 0.37
C LYS C 11 7.10 7.13 -0.97
N GLN C 12 8.11 6.39 -1.40
CA GLN C 12 8.04 5.67 -2.66
C GLN C 12 7.15 4.44 -2.52
N ALA C 13 7.40 3.67 -1.47
CA ALA C 13 6.64 2.45 -1.21
C ALA C 13 5.16 2.75 -0.95
N THR C 14 4.91 3.79 -0.17
CA THR C 14 3.54 4.16 0.17
C THR C 14 2.71 4.43 -1.08
N GLU C 15 3.19 5.33 -1.93
CA GLU C 15 2.48 5.68 -3.17
C GLU C 15 2.18 4.41 -3.98
N ILE C 16 3.14 3.51 -3.99
CA ILE C 16 3.03 2.25 -4.74
C ILE C 16 2.03 1.28 -4.11
N LEU C 17 2.24 0.96 -2.85
CA LEU C 17 1.39 0.00 -2.16
C LEU C 17 -0.08 0.44 -2.10
N ASN C 18 -0.35 1.72 -1.77
CA ASN C 18 -1.73 2.18 -1.70
C ASN C 18 -2.44 2.02 -3.03
N GLU C 19 -1.85 2.55 -4.10
CA GLU C 19 -2.44 2.44 -5.44
C GLU C 19 -2.94 1.03 -5.69
N TYR C 20 -2.21 0.04 -5.19
CA TYR C 20 -2.60 -1.35 -5.35
C TYR C 20 -3.62 -1.75 -4.30
N PHE C 21 -3.45 -1.22 -3.09
CA PHE C 21 -4.37 -1.50 -1.99
C PHE C 21 -5.81 -1.23 -2.42
N TYR C 22 -6.04 -0.04 -2.97
CA TYR C 22 -7.36 0.38 -3.42
C TYR C 22 -7.95 -0.57 -4.49
N SER C 23 -7.27 -1.67 -4.75
CA SER C 23 -7.74 -2.65 -5.74
C SER C 23 -8.20 -3.93 -5.05
N HIS C 24 -7.71 -4.16 -3.83
CA HIS C 24 -8.06 -5.35 -3.07
C HIS C 24 -8.52 -5.00 -1.66
N LEU C 25 -9.23 -3.88 -1.52
CA LEU C 25 -9.72 -3.43 -0.21
C LEU C 25 -10.36 -4.57 0.58
N SER C 26 -11.46 -5.11 0.07
CA SER C 26 -12.18 -6.18 0.74
C SER C 26 -11.32 -7.43 0.94
N ASN C 27 -10.17 -7.49 0.28
CA ASN C 27 -9.28 -8.64 0.39
C ASN C 27 -7.84 -8.24 0.04
N PRO C 28 -7.19 -7.44 0.91
CA PRO C 28 -5.83 -6.98 0.67
C PRO C 28 -4.78 -8.06 0.92
N TYR C 29 -4.57 -8.89 -0.08
CA TYR C 29 -3.59 -9.96 0.00
C TYR C 29 -2.71 -9.97 -1.24
N PRO C 30 -1.66 -9.11 -1.27
CA PRO C 30 -0.74 -9.03 -2.41
C PRO C 30 -0.01 -10.34 -2.62
N SER C 31 -0.55 -11.15 -3.51
CA SER C 31 -0.01 -12.46 -3.85
C SER C 31 1.51 -12.45 -3.85
N GLU C 32 2.09 -13.63 -3.86
CA GLU C 32 3.54 -13.77 -3.88
C GLU C 32 4.16 -12.82 -4.88
N GLU C 33 3.59 -12.76 -6.07
CA GLU C 33 4.11 -11.89 -7.11
C GLU C 33 3.81 -10.43 -6.80
N ALA C 34 2.71 -10.20 -6.11
CA ALA C 34 2.33 -8.85 -5.74
C ALA C 34 3.33 -8.27 -4.75
N LYS C 35 3.52 -8.96 -3.64
CA LYS C 35 4.47 -8.52 -2.63
C LYS C 35 5.88 -8.45 -3.23
N GLU C 36 6.09 -9.22 -4.29
CA GLU C 36 7.36 -9.23 -4.99
C GLU C 36 7.48 -7.97 -5.83
N GLU C 37 6.54 -7.79 -6.77
CA GLU C 37 6.54 -6.61 -7.61
C GLU C 37 6.45 -5.36 -6.74
N LEU C 38 5.54 -5.39 -5.77
CA LEU C 38 5.36 -4.29 -4.85
C LEU C 38 6.70 -3.97 -4.17
N ALA C 39 7.22 -4.95 -3.44
CA ALA C 39 8.48 -4.79 -2.73
C ALA C 39 9.61 -4.32 -3.64
N LYS C 40 9.55 -4.70 -4.91
CA LYS C 40 10.58 -4.29 -5.86
C LYS C 40 10.37 -2.84 -6.25
N LYS C 41 9.11 -2.54 -6.53
CA LYS C 41 8.69 -1.21 -6.92
C LYS C 41 8.85 -0.22 -5.77
N SER C 42 8.39 -0.63 -4.60
CA SER C 42 8.42 0.19 -3.40
C SER C 42 9.84 0.30 -2.81
N GLY C 43 10.47 -0.85 -2.60
CA GLY C 43 11.80 -0.87 -2.02
C GLY C 43 11.78 -1.51 -0.64
N ILE C 44 10.73 -2.28 -0.39
CA ILE C 44 10.55 -2.99 0.86
C ILE C 44 10.82 -4.48 0.65
N THR C 45 10.39 -5.30 1.59
CA THR C 45 10.54 -6.74 1.45
C THR C 45 9.17 -7.38 1.49
N VAL C 46 8.98 -8.41 0.68
CA VAL C 46 7.70 -9.12 0.60
C VAL C 46 6.88 -8.96 1.89
N SER C 47 7.27 -9.68 2.93
CA SER C 47 6.57 -9.66 4.22
C SER C 47 6.16 -8.25 4.66
N GLN C 48 6.91 -7.22 4.27
CA GLN C 48 6.55 -5.85 4.64
C GLN C 48 5.25 -5.45 3.95
N VAL C 49 5.07 -5.92 2.72
CA VAL C 49 3.87 -5.62 1.96
C VAL C 49 2.63 -6.16 2.68
N SER C 50 2.61 -7.47 2.91
CA SER C 50 1.48 -8.10 3.61
C SER C 50 1.24 -7.39 4.94
N ASN C 51 2.31 -6.83 5.49
CA ASN C 51 2.24 -6.09 6.74
C ASN C 51 1.57 -4.73 6.48
N TRP C 52 2.11 -4.03 5.49
CA TRP C 52 1.59 -2.71 5.09
C TRP C 52 0.11 -2.79 4.71
N PHE C 53 -0.17 -3.59 3.69
CA PHE C 53 -1.53 -3.77 3.20
C PHE C 53 -2.52 -4.03 4.32
N GLY C 54 -2.25 -5.07 5.11
CA GLY C 54 -3.13 -5.40 6.21
C GLY C 54 -3.57 -4.18 7.00
N ASN C 55 -2.62 -3.30 7.30
CA ASN C 55 -2.91 -2.08 8.05
C ASN C 55 -3.75 -1.09 7.24
N LYS C 56 -3.64 -1.17 5.91
CA LYS C 56 -4.39 -0.26 5.04
C LYS C 56 -5.90 -0.42 5.23
N ARG C 57 -6.37 -1.66 5.25
CA ARG C 57 -7.79 -1.91 5.45
C ARG C 57 -8.21 -1.45 6.84
N ILE C 58 -7.36 -1.68 7.82
CA ILE C 58 -7.65 -1.29 9.19
C ILE C 58 -7.94 0.21 9.22
N ARG C 59 -6.98 1.02 8.78
CA ARG C 59 -7.16 2.47 8.73
C ARG C 59 -8.47 2.83 8.05
N TYR C 60 -8.81 2.09 7.00
CA TYR C 60 -10.05 2.32 6.25
C TYR C 60 -11.24 2.47 7.22
N LYS C 61 -11.48 1.43 8.00
CA LYS C 61 -12.54 1.41 8.99
C LYS C 61 -12.62 2.68 9.83
N LYS C 62 -11.51 3.39 9.93
CA LYS C 62 -11.46 4.60 10.73
C LYS C 62 -11.90 5.84 9.95
N ASN C 63 -11.49 5.92 8.69
CA ASN C 63 -11.82 7.09 7.88
C ASN C 63 -12.26 6.75 6.45
N ILE C 64 -12.90 5.60 6.28
CA ILE C 64 -13.39 5.13 4.97
C ILE C 64 -13.40 6.20 3.87
N GLY C 65 -14.24 7.22 4.07
CA GLY C 65 -14.41 8.29 3.09
C GLY C 65 -13.11 8.91 2.62
N LYS C 66 -12.04 8.75 3.38
CA LYS C 66 -10.75 9.31 3.01
C LYS C 66 -10.13 8.48 1.91
N PHE C 67 -10.35 7.18 1.96
CA PHE C 67 -9.79 6.28 0.96
C PHE C 67 -10.55 6.38 -0.35
N GLN C 68 -11.85 6.65 -0.28
CA GLN C 68 -12.66 6.78 -1.48
C GLN C 68 -12.10 7.87 -2.40
N GLU C 69 -12.14 9.10 -1.91
CA GLU C 69 -11.65 10.25 -2.67
C GLU C 69 -10.20 10.03 -3.10
N GLU C 70 -9.35 9.69 -2.14
CA GLU C 70 -7.94 9.44 -2.43
C GLU C 70 -7.84 8.37 -3.49
N ALA C 71 -8.47 7.24 -3.23
CA ALA C 71 -8.47 6.11 -4.16
C ALA C 71 -8.66 6.60 -5.59
N ASN C 72 -9.56 7.57 -5.77
CA ASN C 72 -9.81 8.13 -7.09
C ASN C 72 -8.58 8.88 -7.58
N ILE C 73 -7.90 9.53 -6.64
CA ILE C 73 -6.70 10.30 -6.93
C ILE C 73 -5.54 9.36 -7.27
N TYR C 74 -5.37 8.31 -6.47
CA TYR C 74 -4.31 7.34 -6.69
C TYR C 74 -4.64 6.41 -7.86
N ALA C 75 -5.83 6.58 -8.44
CA ALA C 75 -6.27 5.76 -9.56
C ALA C 75 -5.78 6.34 -10.88
N ALA C 76 -6.16 7.58 -11.15
CA ALA C 76 -5.79 8.26 -12.39
C ALA C 76 -4.28 8.51 -12.47
N LYS C 77 -3.63 8.73 -11.33
CA LYS C 77 -2.20 8.99 -11.32
C LYS C 77 -1.40 7.74 -11.73
N THR C 78 -0.22 7.56 -11.12
CA THR C 78 0.66 6.42 -11.41
C THR C 78 1.46 6.63 -12.69
N ALA C 79 0.94 7.45 -13.60
CA ALA C 79 1.63 7.74 -14.85
C ALA C 79 2.72 8.80 -14.67
N VAL C 80 2.82 9.34 -13.45
CA VAL C 80 3.82 10.36 -13.16
C VAL C 80 5.16 9.73 -12.80
N THR C 81 6.23 10.51 -12.95
CA THR C 81 7.57 10.03 -12.65
C THR C 81 7.93 8.82 -13.50
N ALA C 82 8.66 9.06 -14.58
CA ALA C 82 9.06 7.99 -15.49
C ALA C 82 7.85 7.27 -16.08
N MET C 1 17.87 4.64 17.31
CA MET C 1 17.06 3.48 16.88
C MET C 1 15.58 3.74 17.08
N ALA C 2 15.12 3.66 18.33
CA ALA C 2 13.71 3.89 18.67
C ALA C 2 12.86 2.66 18.37
N ARG C 3 11.72 2.54 19.06
CA ARG C 3 10.83 1.40 18.87
C ARG C 3 10.49 1.18 17.38
N ARG C 4 9.38 1.76 16.90
CA ARG C 4 9.00 1.54 15.50
C ARG C 4 7.77 2.32 15.07
N LYS C 5 7.76 2.76 13.81
CA LYS C 5 6.58 3.41 13.26
C LYS C 5 6.76 3.84 11.80
N ARG C 6 7.82 4.58 11.49
CA ARG C 6 8.04 5.03 10.10
C ARG C 6 9.52 5.31 9.83
N ARG C 7 9.85 5.25 8.55
CA ARG C 7 11.21 5.44 8.03
C ARG C 7 11.48 4.38 6.97
N ASN C 8 10.80 3.25 7.15
CA ASN C 8 10.91 2.11 6.26
C ASN C 8 10.41 2.45 4.85
N PHE C 9 9.13 2.20 4.55
CA PHE C 9 8.57 2.48 3.23
C PHE C 9 8.71 3.94 2.86
N ASN C 10 9.62 4.23 1.94
CA ASN C 10 9.83 5.59 1.50
C ASN C 10 8.61 6.08 0.72
N LYS C 11 8.57 7.37 0.38
CA LYS C 11 7.44 7.93 -0.35
C LYS C 11 7.18 7.19 -1.66
N GLN C 12 8.18 6.48 -2.16
CA GLN C 12 8.05 5.73 -3.40
C GLN C 12 7.17 4.50 -3.17
N ALA C 13 7.47 3.76 -2.10
CA ALA C 13 6.72 2.56 -1.77
C ALA C 13 5.26 2.87 -1.47
N THR C 14 5.04 3.93 -0.72
CA THR C 14 3.67 4.32 -0.35
C THR C 14 2.79 4.49 -1.57
N GLU C 15 3.20 5.36 -2.51
CA GLU C 15 2.43 5.60 -3.72
C GLU C 15 2.12 4.30 -4.45
N ILE C 16 3.11 3.42 -4.48
CA ILE C 16 2.99 2.13 -5.16
C ILE C 16 2.06 1.17 -4.43
N LEU C 17 2.33 0.92 -3.17
CA LEU C 17 1.53 -0.02 -2.39
C LEU C 17 0.06 0.40 -2.30
N ASN C 18 -0.22 1.68 -2.02
CA ASN C 18 -1.61 2.13 -1.91
C ASN C 18 -2.38 1.93 -3.22
N GLU C 19 -1.84 2.44 -4.32
CA GLU C 19 -2.49 2.31 -5.62
C GLU C 19 -2.96 0.88 -5.87
N TYR C 20 -2.12 -0.09 -5.57
CA TYR C 20 -2.46 -1.49 -5.75
C TYR C 20 -3.47 -1.92 -4.68
N PHE C 21 -3.28 -1.42 -3.46
CA PHE C 21 -4.17 -1.72 -2.34
C PHE C 21 -5.62 -1.42 -2.72
N TYR C 22 -5.87 -0.22 -3.24
CA TYR C 22 -7.22 0.20 -3.64
C TYR C 22 -7.84 -0.75 -4.67
N SER C 23 -7.17 -1.85 -4.98
CA SER C 23 -7.67 -2.82 -5.94
C SER C 23 -8.09 -4.11 -5.24
N HIS C 24 -7.55 -4.34 -4.05
CA HIS C 24 -7.87 -5.53 -3.27
C HIS C 24 -8.34 -5.19 -1.86
N LEU C 25 -9.10 -4.11 -1.71
CA LEU C 25 -9.60 -3.72 -0.38
C LEU C 25 -10.16 -4.92 0.37
N SER C 26 -11.18 -5.57 -0.17
CA SER C 26 -11.80 -6.71 0.50
C SER C 26 -10.78 -7.82 0.78
N ASN C 27 -9.56 -7.69 0.23
CA ASN C 27 -8.51 -8.66 0.43
C ASN C 27 -7.14 -7.96 0.37
N PRO C 28 -6.86 -7.08 1.35
CA PRO C 28 -5.61 -6.31 1.39
C PRO C 28 -4.36 -7.13 1.69
N TYR C 29 -4.19 -8.21 0.96
CA TYR C 29 -3.03 -9.06 1.13
C TYR C 29 -2.43 -9.39 -0.22
N PRO C 30 -1.22 -8.87 -0.51
CA PRO C 30 -0.53 -9.07 -1.78
C PRO C 30 -0.51 -10.54 -2.23
N SER C 31 0.50 -10.90 -3.00
CA SER C 31 0.67 -12.26 -3.48
C SER C 31 2.15 -12.45 -3.70
N GLU C 32 2.60 -13.66 -3.96
CA GLU C 32 4.02 -13.89 -4.18
C GLU C 32 4.59 -12.89 -5.19
N GLU C 33 3.96 -12.80 -6.34
CA GLU C 33 4.40 -11.87 -7.37
C GLU C 33 4.14 -10.43 -6.93
N ALA C 34 3.05 -10.22 -6.19
CA ALA C 34 2.71 -8.87 -5.72
C ALA C 34 3.80 -8.35 -4.79
N LYS C 35 4.10 -9.09 -3.73
CA LYS C 35 5.14 -8.65 -2.80
C LYS C 35 6.47 -8.52 -3.54
N GLU C 36 6.61 -9.24 -4.64
CA GLU C 36 7.82 -9.16 -5.45
C GLU C 36 7.80 -7.87 -6.26
N GLU C 37 6.79 -7.70 -7.11
CA GLU C 37 6.68 -6.49 -7.92
C GLU C 37 6.61 -5.26 -7.02
N LEU C 38 5.75 -5.31 -6.01
CA LEU C 38 5.60 -4.20 -5.08
C LEU C 38 6.94 -3.85 -4.45
N ALA C 39 7.53 -4.82 -3.75
CA ALA C 39 8.80 -4.63 -3.07
C ALA C 39 9.90 -4.17 -4.03
N LYS C 40 9.82 -4.58 -5.29
CA LYS C 40 10.80 -4.19 -6.29
C LYS C 40 10.53 -2.76 -6.72
N LYS C 41 9.26 -2.51 -6.98
CA LYS C 41 8.78 -1.21 -7.40
C LYS C 41 8.92 -0.17 -6.28
N SER C 42 8.52 -0.58 -5.09
CA SER C 42 8.57 0.27 -3.92
C SER C 42 9.98 0.46 -3.39
N GLY C 43 10.68 -0.64 -3.19
CA GLY C 43 12.03 -0.60 -2.66
C GLY C 43 12.10 -1.22 -1.27
N ILE C 44 11.07 -2.01 -0.96
CA ILE C 44 10.97 -2.70 0.31
C ILE C 44 11.23 -4.19 0.10
N THR C 45 10.83 -5.00 1.06
CA THR C 45 10.98 -6.44 0.95
C THR C 45 9.61 -7.08 1.06
N VAL C 46 9.39 -8.16 0.31
CA VAL C 46 8.11 -8.86 0.33
C VAL C 46 7.37 -8.67 1.66
N SER C 47 7.85 -9.37 2.68
CA SER C 47 7.23 -9.31 4.02
C SER C 47 6.82 -7.90 4.44
N GLN C 48 7.55 -6.87 3.99
CA GLN C 48 7.20 -5.50 4.36
C GLN C 48 5.86 -5.12 3.73
N VAL C 49 5.62 -5.62 2.53
CA VAL C 49 4.38 -5.34 1.83
C VAL C 49 3.18 -5.87 2.63
N SER C 50 3.17 -7.17 2.89
CA SER C 50 2.09 -7.79 3.66
C SER C 50 1.89 -7.06 4.98
N ASN C 51 2.99 -6.47 5.46
CA ASN C 51 2.94 -5.69 6.70
C ASN C 51 2.24 -4.37 6.44
N TRP C 52 2.68 -3.68 5.40
CA TRP C 52 2.11 -2.40 4.99
C TRP C 52 0.62 -2.52 4.71
N PHE C 53 0.29 -3.35 3.73
CA PHE C 53 -1.09 -3.58 3.30
C PHE C 53 -2.02 -3.84 4.50
N GLY C 54 -1.70 -4.86 5.28
CA GLY C 54 -2.52 -5.19 6.43
C GLY C 54 -3.04 -3.98 7.19
N ASN C 55 -2.13 -3.07 7.53
CA ASN C 55 -2.50 -1.86 8.27
C ASN C 55 -3.35 -0.92 7.43
N LYS C 56 -3.22 -0.99 6.11
CA LYS C 56 -3.99 -0.12 5.22
C LYS C 56 -5.49 -0.29 5.43
N ARG C 57 -5.96 -1.53 5.43
CA ARG C 57 -7.37 -1.79 5.64
C ARG C 57 -7.79 -1.34 7.03
N ILE C 58 -6.96 -1.62 8.02
CA ILE C 58 -7.27 -1.25 9.39
C ILE C 58 -7.57 0.24 9.45
N ARG C 59 -6.65 1.06 8.96
CA ARG C 59 -6.84 2.51 8.93
C ARG C 59 -8.17 2.88 8.26
N TYR C 60 -8.56 2.05 7.28
CA TYR C 60 -9.80 2.26 6.54
C TYR C 60 -10.99 2.40 7.50
N LYS C 61 -11.24 1.34 8.26
CA LYS C 61 -12.33 1.29 9.24
C LYS C 61 -12.40 2.54 10.12
N LYS C 62 -11.28 3.26 10.22
CA LYS C 62 -11.24 4.47 11.02
C LYS C 62 -11.68 5.67 10.21
N ASN C 63 -11.33 5.66 8.93
CA ASN C 63 -11.64 6.79 8.07
C ASN C 63 -12.23 6.40 6.71
N ILE C 64 -12.97 5.30 6.67
CA ILE C 64 -13.60 4.80 5.44
C ILE C 64 -13.63 5.79 4.27
N GLY C 65 -14.43 6.85 4.40
CA GLY C 65 -14.59 7.84 3.35
C GLY C 65 -13.28 8.42 2.83
N LYS C 66 -12.22 8.29 3.62
CA LYS C 66 -10.92 8.81 3.22
C LYS C 66 -10.34 7.99 2.07
N PHE C 67 -10.53 6.67 2.12
CA PHE C 67 -10.03 5.80 1.07
C PHE C 67 -10.91 5.83 -0.17
N GLN C 68 -12.19 6.19 0.02
CA GLN C 68 -13.10 6.25 -1.12
C GLN C 68 -12.57 7.24 -2.14
N GLU C 69 -12.60 8.52 -1.80
CA GLU C 69 -12.11 9.57 -2.68
C GLU C 69 -10.70 9.26 -3.16
N GLU C 70 -9.83 8.86 -2.24
CA GLU C 70 -8.46 8.52 -2.58
C GLU C 70 -8.46 7.41 -3.61
N ALA C 71 -9.16 6.34 -3.28
CA ALA C 71 -9.29 5.20 -4.16
C ALA C 71 -9.55 5.65 -5.60
N ASN C 72 -10.42 6.62 -5.77
CA ASN C 72 -10.72 7.15 -7.10
C ASN C 72 -9.54 7.93 -7.64
N ILE C 73 -8.84 8.60 -6.74
CA ILE C 73 -7.67 9.40 -7.10
C ILE C 73 -6.52 8.50 -7.58
N TYR C 74 -6.06 7.64 -6.69
CA TYR C 74 -4.96 6.73 -6.99
C TYR C 74 -5.34 5.72 -8.06
N ALA C 75 -6.63 5.37 -8.13
CA ALA C 75 -7.11 4.42 -9.11
C ALA C 75 -6.75 4.86 -10.53
N ALA C 76 -7.20 6.05 -10.89
CA ALA C 76 -6.93 6.62 -12.22
C ALA C 76 -5.44 6.67 -12.51
N LYS C 77 -4.63 6.80 -11.45
CA LYS C 77 -3.18 6.87 -11.61
C LYS C 77 -2.60 5.54 -12.05
N THR C 78 -2.93 5.12 -13.27
CA THR C 78 -2.44 3.86 -13.82
C THR C 78 -1.14 4.08 -14.59
N ALA C 79 -0.94 5.29 -15.08
CA ALA C 79 0.26 5.62 -15.85
C ALA C 79 1.45 5.92 -14.94
N VAL C 80 1.29 5.70 -13.64
CA VAL C 80 2.36 5.95 -12.67
C VAL C 80 3.32 4.77 -12.61
N THR C 81 4.62 5.06 -12.56
CA THR C 81 5.65 4.02 -12.49
C THR C 81 5.58 3.12 -13.73
N ALA C 82 6.02 3.66 -14.86
CA ALA C 82 6.02 2.90 -16.11
C ALA C 82 7.12 3.39 -17.05
N MET C 1 18.07 4.00 18.07
CA MET C 1 17.39 2.73 17.73
C MET C 1 16.08 2.59 18.52
N ALA C 2 15.15 3.51 18.26
CA ALA C 2 13.86 3.50 18.94
C ALA C 2 12.96 2.39 18.40
N ARG C 3 11.81 2.21 19.02
CA ARG C 3 10.86 1.18 18.61
C ARG C 3 10.59 1.24 17.10
N ARG C 4 9.55 1.99 16.69
CA ARG C 4 9.22 2.09 15.27
C ARG C 4 8.06 3.06 15.03
N LYS C 5 7.85 3.43 13.76
CA LYS C 5 6.74 4.32 13.43
C LYS C 5 6.65 4.60 11.91
N ARG C 6 7.70 5.15 11.33
CA ARG C 6 7.71 5.51 9.91
C ARG C 6 9.13 5.77 9.44
N ARG C 7 9.69 4.80 8.74
CA ARG C 7 11.05 4.90 8.22
C ARG C 7 11.25 3.90 7.10
N ASN C 8 10.71 2.72 7.32
CA ASN C 8 10.81 1.62 6.38
C ASN C 8 10.33 2.01 4.98
N PHE C 9 9.04 1.84 4.66
CA PHE C 9 8.52 2.18 3.34
C PHE C 9 8.67 3.66 3.05
N ASN C 10 9.59 3.97 2.18
CA ASN C 10 9.83 5.36 1.78
C ASN C 10 8.65 5.88 0.96
N LYS C 11 8.70 7.16 0.59
CA LYS C 11 7.62 7.77 -0.18
C LYS C 11 7.39 7.04 -1.50
N GLN C 12 8.39 6.27 -1.94
CA GLN C 12 8.27 5.53 -3.18
C GLN C 12 7.38 4.30 -2.98
N ALA C 13 7.66 3.56 -1.92
CA ALA C 13 6.91 2.35 -1.60
C ALA C 13 5.45 2.66 -1.28
N THR C 14 5.24 3.74 -0.54
CA THR C 14 3.90 4.15 -0.14
C THR C 14 2.98 4.34 -1.35
N GLU C 15 3.39 5.19 -2.28
CA GLU C 15 2.59 5.46 -3.48
C GLU C 15 2.27 4.16 -4.22
N ILE C 16 3.27 3.30 -4.29
CA ILE C 16 3.15 2.02 -4.98
C ILE C 16 2.18 1.07 -4.27
N LEU C 17 2.45 0.79 -3.00
CA LEU C 17 1.63 -0.13 -2.23
C LEU C 17 0.17 0.35 -2.10
N ASN C 18 -0.03 1.63 -1.76
CA ASN C 18 -1.39 2.14 -1.61
C ASN C 18 -2.17 2.02 -2.91
N GLU C 19 -1.62 2.53 -4.00
CA GLU C 19 -2.27 2.46 -5.31
C GLU C 19 -2.82 1.07 -5.57
N TYR C 20 -2.06 0.06 -5.17
CA TYR C 20 -2.48 -1.33 -5.36
C TYR C 20 -3.52 -1.70 -4.31
N PHE C 21 -3.30 -1.25 -3.07
CA PHE C 21 -4.20 -1.53 -1.97
C PHE C 21 -5.65 -1.18 -2.32
N TYR C 22 -5.87 0.00 -2.91
CA TYR C 22 -7.23 0.42 -3.27
C TYR C 22 -7.82 -0.47 -4.37
N SER C 23 -7.18 -1.60 -4.65
CA SER C 23 -7.66 -2.53 -5.66
C SER C 23 -8.16 -3.81 -5.01
N HIS C 24 -7.62 -4.11 -3.82
CA HIS C 24 -8.01 -5.29 -3.07
C HIS C 24 -8.47 -4.92 -1.67
N LEU C 25 -9.17 -3.81 -1.55
CA LEU C 25 -9.69 -3.35 -0.24
C LEU C 25 -10.33 -4.50 0.53
N SER C 26 -11.39 -5.07 -0.02
CA SER C 26 -12.11 -6.15 0.64
C SER C 26 -11.22 -7.36 0.93
N ASN C 27 -10.05 -7.41 0.30
CA ASN C 27 -9.11 -8.52 0.50
C ASN C 27 -7.71 -8.12 0.05
N PRO C 28 -7.06 -7.21 0.81
CA PRO C 28 -5.71 -6.73 0.47
C PRO C 28 -4.64 -7.75 0.76
N TYR C 29 -4.48 -8.69 -0.15
CA TYR C 29 -3.48 -9.74 -0.01
C TYR C 29 -2.57 -9.76 -1.22
N PRO C 30 -1.46 -9.00 -1.20
CA PRO C 30 -0.52 -8.96 -2.31
C PRO C 30 0.14 -10.31 -2.51
N SER C 31 -0.47 -11.11 -3.37
CA SER C 31 0.01 -12.44 -3.67
C SER C 31 1.53 -12.49 -3.74
N GLU C 32 2.08 -13.69 -3.72
CA GLU C 32 3.51 -13.88 -3.80
C GLU C 32 4.12 -12.97 -4.84
N GLU C 33 3.49 -12.93 -6.01
CA GLU C 33 3.98 -12.09 -7.10
C GLU C 33 3.77 -10.63 -6.76
N ALA C 34 2.67 -10.33 -6.09
CA ALA C 34 2.35 -8.95 -5.71
C ALA C 34 3.41 -8.40 -4.76
N LYS C 35 3.60 -9.07 -3.63
CA LYS C 35 4.60 -8.64 -2.67
C LYS C 35 5.99 -8.64 -3.31
N GLU C 36 6.13 -9.43 -4.37
CA GLU C 36 7.37 -9.48 -5.11
C GLU C 36 7.50 -8.22 -5.98
N GLU C 37 6.52 -8.03 -6.87
CA GLU C 37 6.52 -6.85 -7.72
C GLU C 37 6.49 -5.60 -6.86
N LEU C 38 5.58 -5.56 -5.90
CA LEU C 38 5.48 -4.42 -4.99
C LEU C 38 6.83 -4.12 -4.37
N ALA C 39 7.36 -5.08 -3.63
CA ALA C 39 8.65 -4.93 -2.97
C ALA C 39 9.75 -4.52 -3.94
N LYS C 40 9.64 -4.96 -5.20
CA LYS C 40 10.63 -4.62 -6.20
C LYS C 40 10.42 -3.18 -6.65
N LYS C 41 9.15 -2.86 -6.85
CA LYS C 41 8.73 -1.53 -7.28
C LYS C 41 8.94 -0.50 -6.18
N SER C 42 8.53 -0.87 -4.98
CA SER C 42 8.62 0.01 -3.81
C SER C 42 10.06 0.14 -3.31
N GLY C 43 10.71 -0.99 -3.09
CA GLY C 43 12.06 -0.98 -2.56
C GLY C 43 12.11 -1.58 -1.17
N ILE C 44 11.08 -2.37 -0.86
CA ILE C 44 10.97 -3.04 0.42
C ILE C 44 11.22 -4.54 0.22
N THR C 45 10.81 -5.34 1.20
CA THR C 45 10.96 -6.78 1.09
C THR C 45 9.58 -7.41 1.16
N VAL C 46 9.36 -8.44 0.36
CA VAL C 46 8.07 -9.13 0.33
C VAL C 46 7.29 -8.94 1.63
N SER C 47 7.71 -9.67 2.67
CA SER C 47 7.04 -9.63 3.97
C SER C 47 6.66 -8.21 4.41
N GLN C 48 7.43 -7.20 4.01
CA GLN C 48 7.10 -5.82 4.37
C GLN C 48 5.79 -5.40 3.72
N VAL C 49 5.55 -5.90 2.51
CA VAL C 49 4.34 -5.58 1.79
C VAL C 49 3.12 -6.11 2.53
N SER C 50 3.07 -7.44 2.71
CA SER C 50 1.97 -8.07 3.43
C SER C 50 1.76 -7.38 4.77
N ASN C 51 2.83 -6.82 5.29
CA ASN C 51 2.79 -6.09 6.55
C ASN C 51 2.09 -4.75 6.34
N TRP C 52 2.55 -4.03 5.33
CA TRP C 52 1.99 -2.72 4.97
C TRP C 52 0.49 -2.82 4.69
N PHE C 53 0.16 -3.63 3.68
CA PHE C 53 -1.23 -3.81 3.25
C PHE C 53 -2.15 -4.08 4.44
N GLY C 54 -1.87 -5.14 5.18
CA GLY C 54 -2.69 -5.49 6.32
C GLY C 54 -3.17 -4.30 7.12
N ASN C 55 -2.23 -3.45 7.53
CA ASN C 55 -2.57 -2.26 8.30
C ASN C 55 -3.21 -1.18 7.44
N LYS C 56 -2.97 -1.23 6.14
CA LYS C 56 -3.53 -0.25 5.21
C LYS C 56 -5.05 -0.25 5.27
N ARG C 57 -5.64 -1.45 5.30
CA ARG C 57 -7.09 -1.57 5.39
C ARG C 57 -7.56 -1.15 6.77
N ILE C 58 -6.83 -1.58 7.80
CA ILE C 58 -7.19 -1.24 9.16
C ILE C 58 -7.30 0.28 9.24
N ARG C 59 -6.25 0.96 8.79
CA ARG C 59 -6.23 2.42 8.75
C ARG C 59 -7.48 2.93 8.03
N TYR C 60 -7.83 2.26 6.93
CA TYR C 60 -9.01 2.62 6.13
C TYR C 60 -10.25 2.75 7.03
N LYS C 61 -10.61 1.66 7.69
CA LYS C 61 -11.76 1.59 8.60
C LYS C 61 -11.85 2.77 9.59
N LYS C 62 -10.75 3.47 9.76
CA LYS C 62 -10.72 4.60 10.68
C LYS C 62 -11.42 5.80 10.06
N ASN C 63 -11.24 5.97 8.77
CA ASN C 63 -11.83 7.10 8.07
C ASN C 63 -12.43 6.72 6.72
N ILE C 64 -13.12 5.60 6.66
CA ILE C 64 -13.78 5.08 5.44
C ILE C 64 -13.88 6.10 4.28
N GLY C 65 -14.75 7.09 4.45
CA GLY C 65 -14.98 8.09 3.42
C GLY C 65 -13.73 8.82 2.96
N LYS C 66 -12.72 8.83 3.79
CA LYS C 66 -11.46 9.48 3.47
C LYS C 66 -10.69 8.66 2.45
N PHE C 67 -10.76 7.34 2.61
CA PHE C 67 -10.06 6.42 1.72
C PHE C 67 -10.82 6.22 0.41
N GLN C 68 -12.15 6.28 0.47
CA GLN C 68 -12.96 6.12 -0.73
C GLN C 68 -12.51 7.11 -1.79
N GLU C 69 -12.61 8.39 -1.47
CA GLU C 69 -12.20 9.46 -2.39
C GLU C 69 -10.77 9.22 -2.88
N GLU C 70 -9.88 8.88 -1.94
CA GLU C 70 -8.49 8.60 -2.30
C GLU C 70 -8.46 7.48 -3.33
N ALA C 71 -9.15 6.40 -3.00
CA ALA C 71 -9.22 5.24 -3.88
C ALA C 71 -9.45 5.69 -5.32
N ASN C 72 -10.32 6.68 -5.50
CA ASN C 72 -10.61 7.20 -6.84
C ASN C 72 -9.46 8.06 -7.34
N ILE C 73 -8.81 8.76 -6.41
CA ILE C 73 -7.68 9.62 -6.75
C ILE C 73 -6.50 8.80 -7.30
N TYR C 74 -6.07 7.81 -6.51
CA TYR C 74 -4.95 6.96 -6.91
C TYR C 74 -5.32 6.11 -8.13
N ALA C 75 -6.61 6.00 -8.39
CA ALA C 75 -7.10 5.23 -9.52
C ALA C 75 -6.72 5.87 -10.84
N ALA C 76 -7.14 7.13 -11.04
CA ALA C 76 -6.86 7.86 -12.28
C ALA C 76 -5.36 8.04 -12.54
N LYS C 77 -4.58 8.30 -11.49
CA LYS C 77 -3.14 8.52 -11.68
C LYS C 77 -2.41 7.23 -12.10
N THR C 78 -1.64 6.63 -11.17
CA THR C 78 -0.88 5.42 -11.45
C THR C 78 0.10 5.64 -12.61
N ALA C 79 1.24 4.98 -12.55
CA ALA C 79 2.27 5.12 -13.58
C ALA C 79 2.98 6.47 -13.46
N VAL C 80 2.31 7.52 -13.93
CA VAL C 80 2.85 8.89 -13.87
C VAL C 80 4.34 8.93 -14.26
N THR C 81 4.60 9.21 -15.53
CA THR C 81 5.96 9.29 -16.05
C THR C 81 6.81 8.10 -15.59
N ALA C 82 6.31 6.90 -15.86
CA ALA C 82 7.02 5.68 -15.47
C ALA C 82 6.68 4.53 -16.41
N MET C 1 18.06 3.55 18.00
CA MET C 1 17.35 2.24 17.87
C MET C 1 16.06 2.24 18.68
N ALA C 2 15.19 3.21 18.41
CA ALA C 2 13.92 3.31 19.12
C ALA C 2 12.94 2.23 18.66
N ARG C 3 11.81 2.12 19.35
CA ARG C 3 10.81 1.13 19.02
C ARG C 3 10.43 1.19 17.53
N ARG C 4 9.40 1.97 17.18
CA ARG C 4 9.01 2.08 15.78
C ARG C 4 7.89 3.09 15.57
N LYS C 5 7.61 3.39 14.30
CA LYS C 5 6.54 4.33 13.95
C LYS C 5 6.39 4.45 12.45
N ARG C 6 7.51 4.65 11.76
CA ARG C 6 7.52 4.82 10.31
C ARG C 6 8.94 4.56 9.79
N ARG C 7 9.53 5.55 9.10
CA ARG C 7 10.89 5.45 8.54
C ARG C 7 11.13 4.13 7.82
N ASN C 8 10.07 3.35 7.73
CA ASN C 8 10.10 2.05 7.09
C ASN C 8 9.86 2.20 5.60
N PHE C 9 8.60 2.27 5.19
CA PHE C 9 8.25 2.42 3.78
C PHE C 9 8.29 3.89 3.40
N ASN C 10 9.16 4.23 2.47
CA ASN C 10 9.30 5.61 2.03
C ASN C 10 8.09 6.03 1.19
N LYS C 11 8.03 7.32 0.83
CA LYS C 11 6.94 7.84 0.03
C LYS C 11 6.76 7.05 -1.26
N GLN C 12 7.85 6.45 -1.73
CA GLN C 12 7.80 5.65 -2.95
C GLN C 12 6.99 4.38 -2.71
N ALA C 13 7.32 3.70 -1.61
CA ALA C 13 6.63 2.48 -1.25
C ALA C 13 5.15 2.73 -0.95
N THR C 14 4.90 3.75 -0.14
CA THR C 14 3.54 4.09 0.23
C THR C 14 2.64 4.28 -0.99
N GLU C 15 3.04 5.20 -1.88
CA GLU C 15 2.27 5.47 -3.09
C GLU C 15 2.02 4.18 -3.88
N ILE C 16 3.05 3.35 -3.94
CA ILE C 16 2.98 2.09 -4.66
C ILE C 16 2.02 1.10 -3.99
N LEU C 17 2.24 0.85 -2.71
CA LEU C 17 1.42 -0.10 -1.98
C LEU C 17 -0.04 0.34 -1.88
N ASN C 18 -0.29 1.60 -1.49
CA ASN C 18 -1.68 2.07 -1.38
C ASN C 18 -2.39 2.00 -2.73
N GLU C 19 -1.78 2.60 -3.76
CA GLU C 19 -2.37 2.58 -5.10
C GLU C 19 -2.82 1.19 -5.49
N TYR C 20 -2.05 0.17 -5.08
CA TYR C 20 -2.39 -1.20 -5.38
C TYR C 20 -3.40 -1.72 -4.36
N PHE C 21 -3.23 -1.30 -3.10
CA PHE C 21 -4.13 -1.70 -2.02
C PHE C 21 -5.59 -1.46 -2.43
N TYR C 22 -5.86 -0.27 -2.94
CA TYR C 22 -7.21 0.10 -3.37
C TYR C 22 -7.76 -0.83 -4.46
N SER C 23 -7.04 -1.91 -4.76
CA SER C 23 -7.48 -2.86 -5.76
C SER C 23 -7.79 -4.21 -5.12
N HIS C 24 -7.20 -4.46 -3.95
CA HIS C 24 -7.42 -5.71 -3.23
C HIS C 24 -8.01 -5.45 -1.84
N LEU C 25 -8.84 -4.42 -1.74
CA LEU C 25 -9.49 -4.09 -0.47
C LEU C 25 -10.09 -5.33 0.20
N SER C 26 -11.05 -5.94 -0.49
CA SER C 26 -11.73 -7.12 0.05
C SER C 26 -10.77 -8.27 0.34
N ASN C 27 -9.54 -8.17 -0.19
CA ASN C 27 -8.54 -9.20 0.01
C ASN C 27 -7.15 -8.56 0.18
N PRO C 28 -6.92 -7.92 1.33
CA PRO C 28 -5.65 -7.23 1.62
C PRO C 28 -4.46 -8.17 1.76
N TYR C 29 -4.12 -8.84 0.67
CA TYR C 29 -2.97 -9.75 0.64
C TYR C 29 -2.44 -9.86 -0.78
N PRO C 30 -1.37 -9.12 -1.11
CA PRO C 30 -0.77 -9.11 -2.45
C PRO C 30 -0.03 -10.39 -2.78
N SER C 31 -0.54 -11.07 -3.80
CA SER C 31 0.03 -12.34 -4.26
C SER C 31 1.55 -12.33 -4.18
N GLU C 32 2.13 -13.50 -4.14
CA GLU C 32 3.58 -13.64 -4.06
C GLU C 32 4.27 -12.71 -5.03
N GLU C 33 3.73 -12.62 -6.25
CA GLU C 33 4.34 -11.77 -7.26
C GLU C 33 4.00 -10.31 -7.00
N ALA C 34 2.91 -10.08 -6.29
CA ALA C 34 2.51 -8.73 -5.95
C ALA C 34 3.50 -8.12 -4.98
N LYS C 35 3.70 -8.81 -3.87
CA LYS C 35 4.66 -8.36 -2.87
C LYS C 35 6.06 -8.28 -3.46
N GLU C 36 6.26 -9.04 -4.55
CA GLU C 36 7.54 -9.01 -5.24
C GLU C 36 7.66 -7.72 -6.04
N GLU C 37 6.73 -7.52 -6.97
CA GLU C 37 6.71 -6.32 -7.79
C GLU C 37 6.62 -5.11 -6.87
N LEU C 38 5.72 -5.17 -5.89
CA LEU C 38 5.55 -4.09 -4.93
C LEU C 38 6.88 -3.79 -4.24
N ALA C 39 7.41 -4.79 -3.54
CA ALA C 39 8.67 -4.66 -2.82
C ALA C 39 9.81 -4.17 -3.72
N LYS C 40 9.74 -4.51 -5.01
CA LYS C 40 10.78 -4.09 -5.94
C LYS C 40 10.59 -2.62 -6.25
N LYS C 41 9.33 -2.30 -6.53
CA LYS C 41 8.92 -0.94 -6.83
C LYS C 41 9.12 -0.05 -5.61
N SER C 42 8.60 -0.51 -4.48
CA SER C 42 8.67 0.20 -3.22
C SER C 42 10.07 0.15 -2.61
N GLY C 43 10.60 -1.05 -2.48
CA GLY C 43 11.92 -1.22 -1.90
C GLY C 43 11.87 -1.82 -0.50
N ILE C 44 10.81 -2.58 -0.24
CA ILE C 44 10.63 -3.23 1.06
C ILE C 44 11.01 -4.71 0.98
N THR C 45 10.66 -5.47 2.01
CA THR C 45 10.99 -6.89 2.04
C THR C 45 9.72 -7.72 1.88
N VAL C 46 9.33 -7.93 0.61
CA VAL C 46 8.15 -8.73 0.25
C VAL C 46 7.16 -8.87 1.43
N SER C 47 7.45 -9.81 2.32
CA SER C 47 6.60 -10.05 3.50
C SER C 47 6.19 -8.75 4.18
N GLN C 48 6.98 -7.70 3.99
CA GLN C 48 6.67 -6.40 4.57
C GLN C 48 5.40 -5.86 3.92
N VAL C 49 5.28 -6.14 2.62
CA VAL C 49 4.13 -5.73 1.84
C VAL C 49 2.84 -6.30 2.44
N SER C 50 2.80 -7.63 2.56
CA SER C 50 1.64 -8.30 3.14
C SER C 50 1.36 -7.75 4.55
N ASN C 51 2.43 -7.28 5.18
CA ASN C 51 2.34 -6.70 6.52
C ASN C 51 1.70 -5.32 6.43
N TRP C 52 2.25 -4.50 5.54
CA TRP C 52 1.75 -3.15 5.29
C TRP C 52 0.28 -3.17 4.86
N PHE C 53 0.01 -3.96 3.82
CA PHE C 53 -1.34 -4.07 3.27
C PHE C 53 -2.36 -4.30 4.38
N GLY C 54 -2.13 -5.30 5.22
CA GLY C 54 -3.05 -5.56 6.31
C GLY C 54 -3.28 -4.32 7.16
N ASN C 55 -2.23 -3.51 7.27
CA ASN C 55 -2.28 -2.28 8.05
C ASN C 55 -3.01 -1.20 7.26
N LYS C 56 -2.79 -1.16 5.96
CA LYS C 56 -3.42 -0.16 5.09
C LYS C 56 -4.94 -0.24 5.15
N ARG C 57 -5.48 -1.45 5.36
CA ARG C 57 -6.92 -1.61 5.44
C ARG C 57 -7.41 -1.07 6.77
N ILE C 58 -6.61 -1.29 7.81
CA ILE C 58 -6.98 -0.83 9.14
C ILE C 58 -7.26 0.67 9.10
N ARG C 59 -6.28 1.45 8.65
CA ARG C 59 -6.44 2.90 8.53
C ARG C 59 -7.74 3.24 7.80
N TYR C 60 -8.04 2.47 6.76
CA TYR C 60 -9.26 2.67 5.97
C TYR C 60 -10.49 2.74 6.88
N LYS C 61 -10.73 1.65 7.61
CA LYS C 61 -11.85 1.52 8.54
C LYS C 61 -12.02 2.72 9.49
N LYS C 62 -10.98 3.53 9.62
CA LYS C 62 -11.03 4.69 10.50
C LYS C 62 -11.84 5.80 9.87
N ASN C 63 -11.69 5.96 8.57
CA ASN C 63 -12.38 7.01 7.86
C ASN C 63 -12.91 6.56 6.51
N ILE C 64 -13.51 5.37 6.47
CA ILE C 64 -14.09 4.78 5.25
C ILE C 64 -14.28 5.76 4.08
N GLY C 65 -15.26 6.68 4.23
CA GLY C 65 -15.57 7.64 3.18
C GLY C 65 -14.36 8.43 2.71
N LYS C 66 -13.38 8.55 3.58
CA LYS C 66 -12.16 9.27 3.26
C LYS C 66 -11.34 8.47 2.26
N PHE C 67 -11.31 7.15 2.45
CA PHE C 67 -10.56 6.27 1.57
C PHE C 67 -11.33 5.99 0.28
N GLN C 68 -12.66 5.98 0.35
CA GLN C 68 -13.47 5.74 -0.84
C GLN C 68 -13.03 6.67 -1.95
N GLU C 69 -13.22 7.97 -1.73
CA GLU C 69 -12.82 8.97 -2.72
C GLU C 69 -11.38 8.78 -3.14
N GLU C 70 -10.50 8.53 -2.16
CA GLU C 70 -9.10 8.29 -2.45
C GLU C 70 -8.97 7.12 -3.40
N ALA C 71 -9.62 6.03 -3.04
CA ALA C 71 -9.61 4.81 -3.84
C ALA C 71 -9.80 5.15 -5.32
N ASN C 72 -10.69 6.09 -5.60
CA ASN C 72 -10.94 6.50 -6.99
C ASN C 72 -9.78 7.33 -7.51
N ILE C 73 -9.19 8.13 -6.62
CA ILE C 73 -8.05 8.97 -6.99
C ILE C 73 -6.83 8.14 -7.34
N TYR C 74 -6.51 7.18 -6.47
CA TYR C 74 -5.36 6.31 -6.69
C TYR C 74 -5.67 5.24 -7.74
N ALA C 75 -6.96 4.93 -7.87
CA ALA C 75 -7.39 3.92 -8.84
C ALA C 75 -6.94 4.28 -10.25
N ALA C 76 -7.33 5.46 -10.71
CA ALA C 76 -6.98 5.92 -12.05
C ALA C 76 -5.48 5.86 -12.29
N LYS C 77 -4.70 6.38 -11.34
CA LYS C 77 -3.24 6.39 -11.47
C LYS C 77 -2.67 4.96 -11.38
N THR C 78 -1.83 4.70 -10.36
CA THR C 78 -1.22 3.38 -10.16
C THR C 78 -0.43 2.94 -11.39
N ALA C 79 0.62 2.17 -11.17
CA ALA C 79 1.47 1.68 -12.26
C ALA C 79 2.34 2.81 -12.82
N VAL C 80 2.33 3.96 -12.16
CA VAL C 80 3.13 5.10 -12.61
C VAL C 80 4.54 5.04 -12.04
N THR C 81 5.38 4.21 -12.65
CA THR C 81 6.77 4.05 -12.21
C THR C 81 7.69 3.79 -13.39
N ALA C 82 8.35 4.83 -13.87
CA ALA C 82 9.27 4.71 -15.00
C ALA C 82 10.35 5.78 -14.94
N MET C 1 18.01 4.56 17.26
CA MET C 1 17.04 3.95 16.30
C MET C 1 15.61 4.07 16.83
N ALA C 2 15.42 3.70 18.10
CA ALA C 2 14.09 3.76 18.72
C ALA C 2 13.23 2.58 18.32
N ARG C 3 12.10 2.41 19.01
CA ARG C 3 11.19 1.31 18.73
C ARG C 3 10.79 1.25 17.25
N ARG C 4 9.65 1.84 16.88
CA ARG C 4 9.20 1.80 15.49
C ARG C 4 8.13 2.85 15.19
N LYS C 5 8.03 3.25 13.94
CA LYS C 5 7.05 4.22 13.53
C LYS C 5 7.11 4.45 12.03
N ARG C 6 8.24 4.98 11.58
CA ARG C 6 8.41 5.34 10.17
C ARG C 6 9.88 5.39 9.79
N ARG C 7 10.17 4.87 8.60
CA ARG C 7 11.52 4.82 8.04
C ARG C 7 11.59 3.71 7.01
N ASN C 8 10.76 2.69 7.20
CA ASN C 8 10.70 1.55 6.31
C ASN C 8 10.16 1.96 4.93
N PHE C 9 8.87 1.75 4.65
CA PHE C 9 8.28 2.11 3.37
C PHE C 9 8.50 3.57 3.06
N ASN C 10 9.48 3.84 2.23
CA ASN C 10 9.79 5.19 1.83
C ASN C 10 8.62 5.78 1.02
N LYS C 11 8.68 7.08 0.74
CA LYS C 11 7.63 7.76 -0.02
C LYS C 11 7.33 7.02 -1.33
N GLN C 12 8.29 6.23 -1.80
CA GLN C 12 8.12 5.47 -3.02
C GLN C 12 7.26 4.24 -2.78
N ALA C 13 7.55 3.54 -1.69
CA ALA C 13 6.80 2.33 -1.34
C ALA C 13 5.34 2.63 -1.05
N THR C 14 5.09 3.70 -0.30
CA THR C 14 3.73 4.08 0.07
C THR C 14 2.85 4.30 -1.16
N GLU C 15 3.30 5.18 -2.06
CA GLU C 15 2.54 5.48 -3.28
C GLU C 15 2.19 4.20 -4.03
N ILE C 16 3.15 3.29 -4.06
CA ILE C 16 3.00 2.02 -4.75
C ILE C 16 2.02 1.07 -4.07
N LEU C 17 2.26 0.79 -2.80
CA LEU C 17 1.41 -0.13 -2.05
C LEU C 17 -0.05 0.33 -1.97
N ASN C 18 -0.29 1.61 -1.64
CA ASN C 18 -1.66 2.10 -1.55
C ASN C 18 -2.39 1.98 -2.89
N GLU C 19 -1.78 2.51 -3.94
CA GLU C 19 -2.38 2.44 -5.28
C GLU C 19 -2.90 1.04 -5.58
N TYR C 20 -2.14 0.04 -5.17
CA TYR C 20 -2.53 -1.35 -5.37
C TYR C 20 -3.59 -1.76 -4.36
N PHE C 21 -3.40 -1.31 -3.12
CA PHE C 21 -4.33 -1.61 -2.04
C PHE C 21 -5.76 -1.28 -2.44
N TYR C 22 -5.98 -0.07 -2.92
CA TYR C 22 -7.31 0.39 -3.34
C TYR C 22 -7.91 -0.49 -4.44
N SER C 23 -7.23 -1.58 -4.78
CA SER C 23 -7.71 -2.49 -5.81
C SER C 23 -8.17 -3.80 -5.18
N HIS C 24 -7.64 -4.11 -4.00
CA HIS C 24 -7.99 -5.33 -3.28
C HIS C 24 -8.46 -5.02 -1.86
N LEU C 25 -9.21 -3.93 -1.70
CA LEU C 25 -9.73 -3.53 -0.40
C LEU C 25 -10.33 -4.71 0.36
N SER C 26 -11.39 -5.28 -0.18
CA SER C 26 -12.08 -6.40 0.48
C SER C 26 -11.17 -7.59 0.71
N ASN C 27 -9.99 -7.59 0.08
CA ASN C 27 -9.04 -8.69 0.24
C ASN C 27 -7.63 -8.22 -0.12
N PRO C 28 -7.02 -7.39 0.73
CA PRO C 28 -5.67 -6.86 0.49
C PRO C 28 -4.60 -7.93 0.68
N TYR C 29 -4.41 -8.75 -0.35
CA TYR C 29 -3.43 -9.81 -0.30
C TYR C 29 -2.51 -9.75 -1.52
N PRO C 30 -1.41 -8.99 -1.43
CA PRO C 30 -0.45 -8.87 -2.54
C PRO C 30 0.23 -10.20 -2.82
N SER C 31 -0.39 -10.98 -3.69
CA SER C 31 0.11 -12.30 -4.06
C SER C 31 1.63 -12.34 -4.09
N GLU C 32 2.17 -13.54 -4.14
CA GLU C 32 3.61 -13.74 -4.18
C GLU C 32 4.24 -12.76 -5.17
N GLU C 33 3.64 -12.64 -6.34
CA GLU C 33 4.17 -11.76 -7.37
C GLU C 33 3.91 -10.31 -7.00
N ALA C 34 2.82 -10.08 -6.29
CA ALA C 34 2.46 -8.74 -5.86
C ALA C 34 3.48 -8.22 -4.86
N LYS C 35 3.64 -8.96 -3.76
CA LYS C 35 4.61 -8.57 -2.74
C LYS C 35 6.00 -8.54 -3.35
N GLU C 36 6.17 -9.28 -4.44
CA GLU C 36 7.44 -9.30 -5.15
C GLU C 36 7.59 -8.01 -5.96
N GLU C 37 6.66 -7.78 -6.88
CA GLU C 37 6.69 -6.58 -7.70
C GLU C 37 6.60 -5.36 -6.80
N LEU C 38 5.65 -5.40 -5.86
CA LEU C 38 5.46 -4.32 -4.91
C LEU C 38 6.77 -4.01 -4.20
N ALA C 39 7.30 -5.00 -3.48
CA ALA C 39 8.54 -4.83 -2.74
C ALA C 39 9.69 -4.39 -3.65
N LYS C 40 9.64 -4.79 -4.92
CA LYS C 40 10.67 -4.41 -5.87
C LYS C 40 10.48 -2.96 -6.28
N LYS C 41 9.24 -2.65 -6.59
CA LYS C 41 8.83 -1.33 -7.00
C LYS C 41 8.95 -0.33 -5.85
N SER C 42 8.49 -0.75 -4.68
CA SER C 42 8.49 0.07 -3.49
C SER C 42 9.88 0.23 -2.89
N GLY C 43 10.54 -0.88 -2.63
CA GLY C 43 11.86 -0.85 -2.03
C GLY C 43 11.87 -1.54 -0.69
N ILE C 44 10.82 -2.33 -0.43
CA ILE C 44 10.70 -3.09 0.80
C ILE C 44 11.00 -4.55 0.53
N THR C 45 10.64 -5.41 1.47
CA THR C 45 10.86 -6.84 1.29
C THR C 45 9.51 -7.53 1.29
N VAL C 46 9.32 -8.49 0.40
CA VAL C 46 8.05 -9.22 0.28
C VAL C 46 7.23 -9.15 1.57
N SER C 47 7.63 -9.95 2.56
CA SER C 47 6.93 -10.02 3.84
C SER C 47 6.56 -8.62 4.37
N GLN C 48 7.35 -7.61 4.01
CA GLN C 48 7.07 -6.26 4.45
C GLN C 48 5.79 -5.75 3.81
N VAL C 49 5.58 -6.13 2.55
CA VAL C 49 4.39 -5.72 1.82
C VAL C 49 3.12 -6.22 2.52
N SER C 50 3.05 -7.53 2.75
CA SER C 50 1.88 -8.12 3.44
C SER C 50 1.66 -7.45 4.79
N ASN C 51 2.73 -6.85 5.32
CA ASN C 51 2.67 -6.15 6.58
C ASN C 51 1.93 -4.82 6.41
N TRP C 52 2.37 -4.07 5.40
CA TRP C 52 1.78 -2.76 5.08
C TRP C 52 0.28 -2.86 4.80
N PHE C 53 -0.05 -3.59 3.74
CA PHE C 53 -1.43 -3.76 3.31
C PHE C 53 -2.37 -4.12 4.45
N GLY C 54 -2.07 -5.20 5.16
CA GLY C 54 -2.90 -5.61 6.27
C GLY C 54 -3.31 -4.44 7.16
N ASN C 55 -2.34 -3.61 7.51
CA ASN C 55 -2.59 -2.45 8.35
C ASN C 55 -3.31 -1.36 7.56
N LYS C 56 -3.05 -1.29 6.26
CA LYS C 56 -3.65 -0.28 5.40
C LYS C 56 -5.17 -0.38 5.38
N ARG C 57 -5.70 -1.60 5.28
CA ARG C 57 -7.15 -1.77 5.27
C ARG C 57 -7.71 -1.35 6.62
N ILE C 58 -7.00 -1.69 7.68
CA ILE C 58 -7.47 -1.37 9.02
C ILE C 58 -7.77 0.12 9.11
N ARG C 59 -6.79 0.94 8.77
CA ARG C 59 -6.96 2.40 8.79
C ARG C 59 -8.21 2.82 8.01
N TYR C 60 -8.55 2.06 6.98
CA TYR C 60 -9.73 2.33 6.17
C TYR C 60 -10.97 2.51 7.05
N LYS C 61 -11.31 1.44 7.75
CA LYS C 61 -12.45 1.40 8.68
C LYS C 61 -12.48 2.59 9.65
N LYS C 62 -11.35 3.22 9.85
CA LYS C 62 -11.26 4.36 10.76
C LYS C 62 -11.82 5.61 10.10
N ASN C 63 -11.51 5.77 8.83
CA ASN C 63 -11.94 6.95 8.09
C ASN C 63 -12.53 6.61 6.72
N ILE C 64 -13.33 5.54 6.67
CA ILE C 64 -14.00 5.08 5.44
C ILE C 64 -13.99 6.09 4.28
N GLY C 65 -14.79 7.15 4.43
CA GLY C 65 -14.93 8.17 3.38
C GLY C 65 -13.62 8.81 2.96
N LYS C 66 -12.64 8.80 3.84
CA LYS C 66 -11.34 9.38 3.54
C LYS C 66 -10.61 8.54 2.50
N PHE C 67 -10.71 7.22 2.67
CA PHE C 67 -10.07 6.28 1.77
C PHE C 67 -10.81 6.13 0.45
N GLN C 68 -12.14 6.25 0.50
CA GLN C 68 -12.95 6.14 -0.71
C GLN C 68 -12.44 7.10 -1.77
N GLU C 69 -12.53 8.40 -1.49
CA GLU C 69 -12.07 9.42 -2.43
C GLU C 69 -10.65 9.14 -2.89
N GLU C 70 -9.79 8.77 -1.94
CA GLU C 70 -8.40 8.45 -2.27
C GLU C 70 -8.40 7.29 -3.25
N ALA C 71 -9.13 6.24 -2.90
CA ALA C 71 -9.24 5.07 -3.74
C ALA C 71 -9.44 5.46 -5.20
N ASN C 72 -10.30 6.46 -5.43
CA ASN C 72 -10.57 6.93 -6.78
C ASN C 72 -9.37 7.72 -7.31
N ILE C 73 -8.72 8.46 -6.42
CA ILE C 73 -7.55 9.25 -6.77
C ILE C 73 -6.42 8.36 -7.26
N TYR C 74 -5.96 7.49 -6.37
CA TYR C 74 -4.86 6.58 -6.66
C TYR C 74 -5.23 5.56 -7.73
N ALA C 75 -6.50 5.20 -7.78
CA ALA C 75 -6.97 4.23 -8.77
C ALA C 75 -6.67 4.69 -10.19
N ALA C 76 -7.16 5.87 -10.55
CA ALA C 76 -6.96 6.42 -11.89
C ALA C 76 -5.49 6.45 -12.27
N LYS C 77 -4.64 6.95 -11.37
CA LYS C 77 -3.22 7.05 -11.63
C LYS C 77 -2.56 5.66 -11.69
N THR C 78 -1.70 5.33 -10.72
CA THR C 78 -1.00 4.05 -10.68
C THR C 78 -0.12 3.87 -11.92
N ALA C 79 1.07 3.32 -11.70
CA ALA C 79 2.02 3.09 -12.79
C ALA C 79 2.59 4.41 -13.32
N VAL C 80 2.35 5.50 -12.58
CA VAL C 80 2.84 6.82 -12.98
C VAL C 80 4.26 7.05 -12.48
N THR C 81 4.65 6.32 -11.44
CA THR C 81 5.98 6.46 -10.87
C THR C 81 6.95 5.45 -11.48
N ALA C 82 6.42 4.31 -11.92
CA ALA C 82 7.23 3.27 -12.52
C ALA C 82 7.37 3.49 -14.03
N MET C 1 18.55 2.99 19.09
CA MET C 1 17.71 2.18 18.19
C MET C 1 16.25 2.19 18.63
N ALA C 2 15.47 3.13 18.11
CA ALA C 2 14.06 3.24 18.45
C ALA C 2 13.26 2.12 17.81
N ARG C 3 12.13 1.80 18.42
CA ARG C 3 11.26 0.72 17.92
C ARG C 3 10.95 0.90 16.43
N ARG C 4 9.96 1.73 16.11
CA ARG C 4 9.56 1.95 14.72
C ARG C 4 8.47 3.01 14.63
N LYS C 5 8.07 3.37 13.41
CA LYS C 5 7.01 4.36 13.23
C LYS C 5 6.64 4.62 11.77
N ARG C 6 7.65 4.75 10.92
CA ARG C 6 7.44 5.06 9.50
C ARG C 6 8.70 4.80 8.68
N ARG C 7 9.84 5.16 9.26
CA ARG C 7 11.16 5.02 8.62
C ARG C 7 11.20 3.83 7.65
N ASN C 8 10.47 2.78 7.97
CA ASN C 8 10.41 1.60 7.14
C ASN C 8 9.95 1.95 5.72
N PHE C 9 8.66 1.82 5.40
CA PHE C 9 8.14 2.13 4.07
C PHE C 9 8.22 3.62 3.77
N ASN C 10 9.14 3.98 2.91
CA ASN C 10 9.32 5.36 2.51
C ASN C 10 8.06 5.88 1.80
N LYS C 11 7.98 7.20 1.61
CA LYS C 11 6.83 7.80 0.92
C LYS C 11 6.66 7.20 -0.47
N GLN C 12 7.76 6.66 -1.00
CA GLN C 12 7.73 6.02 -2.31
C GLN C 12 6.95 4.72 -2.22
N ALA C 13 7.29 3.92 -1.22
CA ALA C 13 6.64 2.63 -1.00
C ALA C 13 5.15 2.80 -0.72
N THR C 14 4.82 3.86 0.00
CA THR C 14 3.43 4.14 0.35
C THR C 14 2.56 4.36 -0.89
N GLU C 15 2.96 5.29 -1.75
CA GLU C 15 2.20 5.58 -2.97
C GLU C 15 2.01 4.32 -3.80
N ILE C 16 3.10 3.57 -3.93
CA ILE C 16 3.11 2.33 -4.70
C ILE C 16 2.13 1.32 -4.15
N LEU C 17 2.33 0.91 -2.91
CA LEU C 17 1.46 -0.06 -2.28
C LEU C 17 0.02 0.44 -2.28
N ASN C 18 -0.18 1.70 -1.89
CA ASN C 18 -1.52 2.30 -1.87
C ASN C 18 -2.27 2.02 -3.17
N GLU C 19 -1.76 2.57 -4.26
CA GLU C 19 -2.36 2.40 -5.58
C GLU C 19 -2.88 0.97 -5.79
N TYR C 20 -2.08 0.00 -5.36
CA TYR C 20 -2.45 -1.40 -5.49
C TYR C 20 -3.44 -1.82 -4.41
N PHE C 21 -3.28 -1.25 -3.21
CA PHE C 21 -4.16 -1.56 -2.10
C PHE C 21 -5.63 -1.36 -2.46
N TYR C 22 -5.96 -0.19 -3.00
CA TYR C 22 -7.35 0.13 -3.38
C TYR C 22 -7.86 -0.79 -4.49
N SER C 23 -7.12 -1.85 -4.80
CA SER C 23 -7.53 -2.80 -5.83
C SER C 23 -7.91 -4.13 -5.17
N HIS C 24 -7.38 -4.36 -3.97
CA HIS C 24 -7.66 -5.58 -3.23
C HIS C 24 -8.16 -5.26 -1.83
N LEU C 25 -8.93 -4.19 -1.69
CA LEU C 25 -9.48 -3.79 -0.39
C LEU C 25 -10.08 -4.98 0.37
N SER C 26 -11.10 -5.60 -0.21
CA SER C 26 -11.78 -6.71 0.44
C SER C 26 -10.81 -7.87 0.75
N ASN C 27 -9.63 -7.82 0.16
CA ASN C 27 -8.60 -8.83 0.37
C ASN C 27 -7.24 -8.13 0.38
N PRO C 28 -6.96 -7.37 1.45
CA PRO C 28 -5.72 -6.60 1.59
C PRO C 28 -4.49 -7.47 1.80
N TYR C 29 -4.14 -8.23 0.77
CA TYR C 29 -2.96 -9.07 0.81
C TYR C 29 -2.44 -9.28 -0.60
N PRO C 30 -1.18 -8.89 -0.85
CA PRO C 30 -0.54 -9.01 -2.17
C PRO C 30 -0.57 -10.44 -2.71
N SER C 31 0.40 -10.78 -3.54
CA SER C 31 0.55 -12.10 -4.11
C SER C 31 2.04 -12.32 -4.27
N GLU C 32 2.48 -13.53 -4.58
CA GLU C 32 3.91 -13.77 -4.73
C GLU C 32 4.53 -12.73 -5.65
N GLU C 33 3.97 -12.56 -6.84
CA GLU C 33 4.49 -11.59 -7.78
C GLU C 33 4.20 -10.17 -7.30
N ALA C 34 3.11 -9.99 -6.57
CA ALA C 34 2.75 -8.67 -6.05
C ALA C 34 3.77 -8.20 -5.02
N LYS C 35 3.98 -9.00 -3.97
CA LYS C 35 4.95 -8.63 -2.94
C LYS C 35 6.33 -8.48 -3.57
N GLU C 36 6.54 -9.15 -4.69
CA GLU C 36 7.79 -9.06 -5.42
C GLU C 36 7.86 -7.74 -6.17
N GLU C 37 6.92 -7.53 -7.08
CA GLU C 37 6.88 -6.29 -7.86
C GLU C 37 6.79 -5.09 -6.93
N LEU C 38 5.86 -5.16 -5.98
CA LEU C 38 5.68 -4.07 -5.01
C LEU C 38 6.99 -3.77 -4.29
N ALA C 39 7.51 -4.77 -3.60
CA ALA C 39 8.74 -4.65 -2.84
C ALA C 39 9.90 -4.13 -3.69
N LYS C 40 9.87 -4.40 -4.99
CA LYS C 40 10.91 -3.94 -5.89
C LYS C 40 10.72 -2.47 -6.17
N LYS C 41 9.47 -2.14 -6.45
CA LYS C 41 9.05 -0.79 -6.74
C LYS C 41 9.16 0.13 -5.53
N SER C 42 8.66 -0.34 -4.40
CA SER C 42 8.66 0.42 -3.17
C SER C 42 10.05 0.48 -2.54
N GLY C 43 10.66 -0.68 -2.35
CA GLY C 43 11.97 -0.76 -1.73
C GLY C 43 11.90 -1.49 -0.41
N ILE C 44 10.84 -2.27 -0.24
CA ILE C 44 10.61 -3.06 0.96
C ILE C 44 10.90 -4.52 0.66
N THR C 45 10.47 -5.40 1.55
CA THR C 45 10.66 -6.82 1.35
C THR C 45 9.29 -7.49 1.33
N VAL C 46 9.12 -8.44 0.42
CA VAL C 46 7.85 -9.16 0.27
C VAL C 46 7.01 -9.14 1.56
N SER C 47 7.42 -9.93 2.54
CA SER C 47 6.71 -10.03 3.82
C SER C 47 6.28 -8.67 4.38
N GLN C 48 7.03 -7.61 4.09
CA GLN C 48 6.67 -6.29 4.58
C GLN C 48 5.38 -5.82 3.93
N VAL C 49 5.25 -6.09 2.63
CA VAL C 49 4.06 -5.70 1.90
C VAL C 49 2.80 -6.26 2.57
N SER C 50 2.77 -7.56 2.80
CA SER C 50 1.62 -8.20 3.46
C SER C 50 1.34 -7.53 4.80
N ASN C 51 2.40 -6.98 5.39
CA ASN C 51 2.28 -6.28 6.66
C ASN C 51 1.61 -4.93 6.42
N TRP C 52 2.15 -4.19 5.47
CA TRP C 52 1.63 -2.87 5.10
C TRP C 52 0.16 -2.93 4.67
N PHE C 53 -0.11 -3.75 3.65
CA PHE C 53 -1.46 -3.91 3.12
C PHE C 53 -2.50 -4.14 4.22
N GLY C 54 -2.28 -5.15 5.05
CA GLY C 54 -3.21 -5.45 6.12
C GLY C 54 -3.53 -4.22 6.97
N ASN C 55 -2.53 -3.39 7.22
CA ASN C 55 -2.71 -2.19 8.02
C ASN C 55 -3.58 -1.16 7.32
N LYS C 56 -3.44 -1.07 6.00
CA LYS C 56 -4.22 -0.11 5.22
C LYS C 56 -5.72 -0.32 5.35
N ARG C 57 -6.15 -1.59 5.33
CA ARG C 57 -7.58 -1.89 5.47
C ARG C 57 -8.08 -1.37 6.80
N ILE C 58 -7.29 -1.59 7.84
CA ILE C 58 -7.67 -1.19 9.19
C ILE C 58 -8.04 0.29 9.21
N ARG C 59 -7.08 1.15 8.90
CA ARG C 59 -7.31 2.58 8.88
C ARG C 59 -8.51 2.95 8.00
N TYR C 60 -8.76 2.14 6.98
CA TYR C 60 -9.90 2.36 6.08
C TYR C 60 -11.18 2.51 6.90
N LYS C 61 -11.52 1.43 7.61
CA LYS C 61 -12.69 1.36 8.48
C LYS C 61 -12.85 2.54 9.44
N LYS C 62 -11.76 3.26 9.66
CA LYS C 62 -11.78 4.41 10.56
C LYS C 62 -12.43 5.60 9.89
N ASN C 63 -12.13 5.77 8.60
CA ASN C 63 -12.67 6.90 7.86
C ASN C 63 -13.18 6.50 6.47
N ILE C 64 -13.87 5.36 6.41
CA ILE C 64 -14.46 4.83 5.16
C ILE C 64 -14.50 5.84 3.99
N GLY C 65 -15.40 6.84 4.11
CA GLY C 65 -15.58 7.84 3.06
C GLY C 65 -14.30 8.56 2.67
N LYS C 66 -13.35 8.63 3.58
CA LYS C 66 -12.08 9.28 3.32
C LYS C 66 -11.27 8.44 2.34
N PHE C 67 -11.31 7.13 2.54
CA PHE C 67 -10.58 6.19 1.70
C PHE C 67 -11.24 6.03 0.34
N GLN C 68 -12.58 6.08 0.31
CA GLN C 68 -13.30 5.95 -0.95
C GLN C 68 -12.73 6.91 -1.98
N GLU C 69 -12.82 8.20 -1.68
CA GLU C 69 -12.30 9.23 -2.58
C GLU C 69 -10.86 8.90 -3.00
N GLU C 70 -10.04 8.50 -2.02
CA GLU C 70 -8.66 8.12 -2.32
C GLU C 70 -8.67 7.03 -3.36
N ALA C 71 -9.47 6.00 -3.10
CA ALA C 71 -9.60 4.86 -3.99
C ALA C 71 -9.73 5.34 -5.44
N ASN C 72 -10.57 6.35 -5.66
CA ASN C 72 -10.77 6.90 -7.00
C ASN C 72 -9.53 7.67 -7.46
N ILE C 73 -8.82 8.26 -6.50
CA ILE C 73 -7.61 9.01 -6.78
C ILE C 73 -6.48 8.09 -7.20
N TYR C 74 -6.08 7.22 -6.29
CA TYR C 74 -5.00 6.27 -6.54
C TYR C 74 -5.37 5.26 -7.62
N ALA C 75 -6.65 5.19 -7.95
CA ALA C 75 -7.12 4.26 -8.98
C ALA C 75 -6.76 4.77 -10.37
N ALA C 76 -7.27 5.96 -10.70
CA ALA C 76 -7.03 6.56 -12.00
C ALA C 76 -5.53 6.66 -12.30
N LYS C 77 -4.71 6.71 -11.25
CA LYS C 77 -3.27 6.80 -11.42
C LYS C 77 -2.59 5.45 -11.26
N THR C 78 -3.25 4.40 -11.75
CA THR C 78 -2.69 3.04 -11.67
C THR C 78 -1.85 2.74 -12.90
N ALA C 79 -0.84 1.88 -12.71
CA ALA C 79 0.04 1.49 -13.81
C ALA C 79 0.92 2.65 -14.26
N VAL C 80 1.03 3.68 -13.41
CA VAL C 80 1.84 4.85 -13.72
C VAL C 80 3.30 4.62 -13.32
N THR C 81 3.50 3.90 -12.23
CA THR C 81 4.85 3.61 -11.75
C THR C 81 5.59 4.91 -11.41
N ALA C 82 5.40 5.40 -10.20
CA ALA C 82 6.05 6.62 -9.75
C ALA C 82 5.66 7.80 -10.63
N MET C 1 5.73 -4.00 22.42
CA MET C 1 6.53 -2.77 22.19
C MET C 1 6.03 -1.99 20.99
N ALA C 2 6.67 -0.86 20.72
CA ALA C 2 6.30 0.01 19.61
C ALA C 2 7.39 1.03 19.34
N ARG C 3 8.63 0.65 19.64
CA ARG C 3 9.79 1.53 19.47
C ARG C 3 10.06 1.95 18.01
N ARG C 4 9.02 2.28 17.25
CA ARG C 4 9.18 2.74 15.86
C ARG C 4 7.83 3.08 15.25
N LYS C 5 7.82 3.39 13.96
CA LYS C 5 6.57 3.66 13.26
C LYS C 5 6.76 3.98 11.78
N ARG C 6 7.75 4.81 11.43
CA ARG C 6 7.95 5.19 10.02
C ARG C 6 9.41 5.46 9.70
N ARG C 7 9.80 5.04 8.51
CA ARG C 7 11.16 5.16 7.98
C ARG C 7 11.41 4.02 7.01
N ASN C 8 10.69 2.92 7.26
CA ASN C 8 10.77 1.71 6.46
C ASN C 8 10.34 1.98 5.01
N PHE C 9 9.06 1.78 4.69
CA PHE C 9 8.56 2.00 3.32
C PHE C 9 8.77 3.45 2.92
N ASN C 10 9.69 3.68 2.00
CA ASN C 10 9.98 5.02 1.53
C ASN C 10 8.80 5.55 0.69
N LYS C 11 8.85 6.84 0.34
CA LYS C 11 7.78 7.45 -0.44
C LYS C 11 7.51 6.69 -1.74
N GLN C 12 8.53 5.96 -2.21
CA GLN C 12 8.39 5.18 -3.43
C GLN C 12 7.51 3.96 -3.18
N ALA C 13 7.80 3.24 -2.10
CA ALA C 13 7.04 2.06 -1.74
C ALA C 13 5.58 2.39 -1.46
N THR C 14 5.35 3.47 -0.72
CA THR C 14 4.00 3.88 -0.37
C THR C 14 3.12 4.05 -1.61
N GLU C 15 3.55 4.90 -2.54
CA GLU C 15 2.78 5.14 -3.76
C GLU C 15 2.45 3.82 -4.47
N ILE C 16 3.44 2.95 -4.51
CA ILE C 16 3.31 1.65 -5.16
C ILE C 16 2.32 0.73 -4.44
N LEU C 17 2.56 0.48 -3.16
CA LEU C 17 1.70 -0.40 -2.38
C LEU C 17 0.27 0.08 -2.32
N ASN C 18 0.05 1.36 -2.01
CA ASN C 18 -1.31 1.88 -1.91
C ASN C 18 -2.05 1.74 -3.24
N GLU C 19 -1.44 2.25 -4.31
CA GLU C 19 -2.05 2.15 -5.64
C GLU C 19 -2.62 0.77 -5.89
N TYR C 20 -1.90 -0.26 -5.44
CA TYR C 20 -2.33 -1.64 -5.59
C TYR C 20 -3.38 -2.01 -4.54
N PHE C 21 -3.18 -1.51 -3.32
CA PHE C 21 -4.10 -1.78 -2.22
C PHE C 21 -5.53 -1.43 -2.58
N TYR C 22 -5.76 -0.21 -3.08
CA TYR C 22 -7.11 0.22 -3.45
C TYR C 22 -7.73 -0.67 -4.54
N SER C 23 -7.08 -1.76 -4.88
CA SER C 23 -7.59 -2.68 -5.89
C SER C 23 -8.15 -3.94 -5.24
N HIS C 24 -7.69 -4.21 -4.01
CA HIS C 24 -8.14 -5.38 -3.27
C HIS C 24 -8.59 -5.00 -1.85
N LEU C 25 -9.19 -3.82 -1.71
CA LEU C 25 -9.65 -3.36 -0.39
C LEU C 25 -10.28 -4.49 0.42
N SER C 26 -11.37 -5.05 -0.07
CA SER C 26 -12.08 -6.11 0.65
C SER C 26 -11.18 -7.32 0.93
N ASN C 27 -9.99 -7.34 0.33
CA ASN C 27 -9.04 -8.43 0.53
C ASN C 27 -7.63 -7.97 0.15
N PRO C 28 -7.07 -7.01 0.89
CA PRO C 28 -5.74 -6.46 0.62
C PRO C 28 -4.64 -7.43 0.98
N TYR C 29 -4.57 -8.52 0.24
CA TYR C 29 -3.55 -9.53 0.46
C TYR C 29 -2.78 -9.77 -0.83
N PRO C 30 -1.55 -9.23 -0.93
CA PRO C 30 -0.72 -9.41 -2.14
C PRO C 30 -0.67 -10.87 -2.60
N SER C 31 0.40 -11.26 -3.23
CA SER C 31 0.58 -12.62 -3.70
C SER C 31 2.07 -12.84 -3.87
N GLU C 32 2.50 -14.06 -4.10
CA GLU C 32 3.91 -14.33 -4.28
C GLU C 32 4.52 -13.33 -5.25
N GLU C 33 3.91 -13.20 -6.42
CA GLU C 33 4.39 -12.27 -7.42
C GLU C 33 4.15 -10.84 -6.97
N ALA C 34 3.05 -10.60 -6.25
CA ALA C 34 2.72 -9.27 -5.77
C ALA C 34 3.78 -8.78 -4.80
N LYS C 35 4.01 -9.53 -3.71
CA LYS C 35 5.04 -9.13 -2.75
C LYS C 35 6.39 -9.02 -3.44
N GLU C 36 6.52 -9.73 -4.55
CA GLU C 36 7.75 -9.68 -5.34
C GLU C 36 7.80 -8.38 -6.13
N GLU C 37 6.80 -8.17 -6.99
CA GLU C 37 6.74 -6.95 -7.78
C GLU C 37 6.69 -5.73 -6.88
N LEU C 38 5.80 -5.76 -5.89
CA LEU C 38 5.66 -4.65 -4.95
C LEU C 38 7.00 -4.36 -4.28
N ALA C 39 7.53 -5.35 -3.58
CA ALA C 39 8.79 -5.20 -2.87
C ALA C 39 9.93 -4.79 -3.80
N LYS C 40 9.88 -5.22 -5.05
CA LYS C 40 10.92 -4.88 -6.02
C LYS C 40 10.73 -3.44 -6.46
N LYS C 41 9.48 -3.14 -6.78
CA LYS C 41 9.06 -1.82 -7.22
C LYS C 41 9.19 -0.80 -6.10
N SER C 42 8.73 -1.19 -4.92
CA SER C 42 8.73 -0.34 -3.74
C SER C 42 10.13 -0.17 -3.16
N GLY C 43 10.80 -1.28 -2.91
CA GLY C 43 12.11 -1.25 -2.32
C GLY C 43 12.12 -1.89 -0.95
N ILE C 44 11.06 -2.65 -0.67
CA ILE C 44 10.91 -3.35 0.60
C ILE C 44 11.14 -4.84 0.39
N THR C 45 10.73 -5.65 1.34
CA THR C 45 10.86 -7.09 1.24
C THR C 45 9.48 -7.71 1.27
N VAL C 46 9.26 -8.75 0.46
CA VAL C 46 7.96 -9.42 0.40
C VAL C 46 7.17 -9.24 1.70
N SER C 47 7.55 -9.99 2.72
CA SER C 47 6.88 -9.93 4.03
C SER C 47 6.54 -8.50 4.46
N GLN C 48 7.34 -7.53 4.04
CA GLN C 48 7.10 -6.14 4.39
C GLN C 48 5.80 -5.66 3.76
N VAL C 49 5.54 -6.15 2.55
CA VAL C 49 4.33 -5.79 1.81
C VAL C 49 3.08 -6.29 2.54
N SER C 50 3.00 -7.61 2.75
CA SER C 50 1.85 -8.20 3.45
C SER C 50 1.64 -7.49 4.79
N ASN C 51 2.71 -6.91 5.31
CA ASN C 51 2.66 -6.16 6.54
C ASN C 51 1.97 -4.83 6.29
N TRP C 52 2.44 -4.13 5.26
CA TRP C 52 1.87 -2.84 4.87
C TRP C 52 0.38 -2.94 4.54
N PHE C 53 0.06 -3.78 3.56
CA PHE C 53 -1.32 -3.97 3.10
C PHE C 53 -2.30 -4.18 4.24
N GLY C 54 -2.08 -5.24 5.02
CA GLY C 54 -2.97 -5.53 6.14
C GLY C 54 -3.33 -4.30 6.96
N ASN C 55 -2.31 -3.51 7.28
CA ASN C 55 -2.50 -2.30 8.08
C ASN C 55 -3.16 -1.19 7.26
N LYS C 56 -2.91 -1.16 5.96
CA LYS C 56 -3.48 -0.14 5.09
C LYS C 56 -5.00 -0.15 5.10
N ARG C 57 -5.59 -1.34 5.13
CA ARG C 57 -7.05 -1.45 5.16
C ARG C 57 -7.56 -1.00 6.53
N ILE C 58 -6.82 -1.37 7.57
CA ILE C 58 -7.22 -1.01 8.92
C ILE C 58 -7.43 0.49 9.00
N ARG C 59 -6.42 1.24 8.60
CA ARG C 59 -6.50 2.71 8.59
C ARG C 59 -7.69 3.18 7.78
N TYR C 60 -8.03 2.46 6.73
CA TYR C 60 -9.17 2.81 5.88
C TYR C 60 -10.42 3.00 6.73
N LYS C 61 -10.80 1.94 7.43
CA LYS C 61 -11.98 1.92 8.31
C LYS C 61 -12.01 3.06 9.33
N LYS C 62 -10.86 3.66 9.57
CA LYS C 62 -10.78 4.76 10.52
C LYS C 62 -11.45 5.99 9.93
N ASN C 63 -11.24 6.17 8.64
CA ASN C 63 -11.79 7.33 7.97
C ASN C 63 -12.38 7.01 6.59
N ILE C 64 -13.10 5.89 6.50
CA ILE C 64 -13.76 5.46 5.25
C ILE C 64 -13.83 6.55 4.16
N GLY C 65 -14.68 7.55 4.41
CA GLY C 65 -14.90 8.63 3.45
C GLY C 65 -13.62 9.33 3.02
N LYS C 66 -12.61 9.29 3.86
CA LYS C 66 -11.33 9.92 3.55
C LYS C 66 -10.59 9.11 2.49
N PHE C 67 -10.68 7.78 2.62
CA PHE C 67 -10.02 6.88 1.69
C PHE C 67 -10.75 6.82 0.35
N GLN C 68 -12.07 6.98 0.37
CA GLN C 68 -12.84 6.96 -0.86
C GLN C 68 -12.30 8.01 -1.82
N GLU C 69 -12.32 9.26 -1.40
CA GLU C 69 -11.82 10.37 -2.21
C GLU C 69 -10.39 10.07 -2.68
N GLU C 70 -9.53 9.67 -1.74
CA GLU C 70 -8.15 9.34 -2.07
C GLU C 70 -8.14 8.27 -3.15
N ALA C 71 -8.85 7.18 -2.88
CA ALA C 71 -8.93 6.06 -3.81
C ALA C 71 -9.16 6.59 -5.23
N ASN C 72 -10.02 7.59 -5.37
CA ASN C 72 -10.29 8.18 -6.68
C ASN C 72 -9.06 8.95 -7.17
N ILE C 73 -8.37 9.60 -6.24
CA ILE C 73 -7.17 10.36 -6.56
C ILE C 73 -6.05 9.41 -7.00
N TYR C 74 -5.92 8.30 -6.28
CA TYR C 74 -4.90 7.30 -6.58
C TYR C 74 -5.27 6.50 -7.84
N ALA C 75 -6.47 6.73 -8.34
CA ALA C 75 -6.95 6.03 -9.53
C ALA C 75 -6.51 6.76 -10.81
N ALA C 76 -6.88 8.02 -10.92
CA ALA C 76 -6.57 8.82 -12.10
C ALA C 76 -5.07 9.19 -12.18
N LYS C 77 -4.39 9.19 -11.04
CA LYS C 77 -2.98 9.55 -11.02
C LYS C 77 -2.13 8.46 -11.71
N THR C 78 -0.92 8.23 -11.20
CA THR C 78 0.00 7.23 -11.75
C THR C 78 0.67 7.73 -13.05
N ALA C 79 0.16 8.83 -13.59
CA ALA C 79 0.74 9.40 -14.81
C ALA C 79 1.95 10.28 -14.50
N VAL C 80 2.33 10.34 -13.22
CA VAL C 80 3.46 11.14 -12.79
C VAL C 80 4.77 10.38 -12.96
N THR C 81 5.65 10.90 -13.80
CA THR C 81 6.95 10.26 -14.04
C THR C 81 8.02 11.31 -14.31
N ALA C 82 9.10 11.25 -13.55
CA ALA C 82 10.21 12.18 -13.71
C ALA C 82 9.74 13.62 -13.47
N MET C 1 18.33 5.03 18.47
CA MET C 1 17.60 3.74 18.43
C MET C 1 16.17 3.90 18.93
N ALA C 2 15.23 3.24 18.26
CA ALA C 2 13.83 3.30 18.64
C ALA C 2 13.01 2.24 17.94
N ARG C 3 11.85 1.90 18.50
CA ARG C 3 10.98 0.88 17.92
C ARG C 3 10.68 1.14 16.45
N ARG C 4 9.67 1.97 16.16
CA ARG C 4 9.30 2.24 14.77
C ARG C 4 8.18 3.27 14.65
N LYS C 5 7.78 3.57 13.41
CA LYS C 5 6.70 4.51 13.16
C LYS C 5 6.37 4.64 11.67
N ARG C 6 7.40 4.85 10.86
CA ARG C 6 7.23 5.04 9.42
C ARG C 6 8.51 4.77 8.65
N ARG C 7 9.65 5.16 9.24
CA ARG C 7 10.97 5.00 8.61
C ARG C 7 11.03 3.77 7.71
N ASN C 8 10.27 2.75 8.06
CA ASN C 8 10.23 1.52 7.28
C ASN C 8 9.86 1.82 5.82
N PHE C 9 8.57 1.73 5.46
CA PHE C 9 8.15 2.01 4.09
C PHE C 9 8.28 3.49 3.76
N ASN C 10 9.25 3.81 2.93
CA ASN C 10 9.48 5.19 2.53
C ASN C 10 8.31 5.70 1.68
N LYS C 11 8.33 6.99 1.35
CA LYS C 11 7.27 7.60 0.54
C LYS C 11 7.10 6.89 -0.81
N GLN C 12 8.13 6.14 -1.21
CA GLN C 12 8.08 5.42 -2.48
C GLN C 12 7.16 4.21 -2.37
N ALA C 13 7.34 3.44 -1.31
CA ALA C 13 6.53 2.25 -1.09
C ALA C 13 5.07 2.59 -0.85
N THR C 14 4.83 3.62 -0.07
CA THR C 14 3.47 4.05 0.25
C THR C 14 2.66 4.33 -1.01
N GLU C 15 3.16 5.23 -1.86
CA GLU C 15 2.46 5.58 -3.10
C GLU C 15 2.17 4.33 -3.93
N ILE C 16 3.11 3.42 -3.94
CA ILE C 16 3.00 2.18 -4.69
C ILE C 16 2.01 1.20 -4.08
N LEU C 17 2.20 0.87 -2.81
CA LEU C 17 1.35 -0.09 -2.12
C LEU C 17 -0.11 0.37 -2.05
N ASN C 18 -0.36 1.64 -1.71
CA ASN C 18 -1.74 2.13 -1.61
C ASN C 18 -2.45 2.00 -2.96
N GLU C 19 -1.86 2.53 -4.01
CA GLU C 19 -2.46 2.47 -5.35
C GLU C 19 -2.95 1.05 -5.65
N TYR C 20 -2.13 0.05 -5.34
CA TYR C 20 -2.50 -1.33 -5.56
C TYR C 20 -3.57 -1.76 -4.56
N PHE C 21 -3.41 -1.32 -3.32
CA PHE C 21 -4.35 -1.62 -2.26
C PHE C 21 -5.78 -1.26 -2.67
N TYR C 22 -5.97 -0.04 -3.17
CA TYR C 22 -7.29 0.43 -3.60
C TYR C 22 -7.90 -0.42 -4.72
N SER C 23 -7.34 -1.60 -4.98
CA SER C 23 -7.88 -2.47 -6.03
C SER C 23 -8.41 -3.77 -5.44
N HIS C 24 -7.96 -4.11 -4.23
CA HIS C 24 -8.39 -5.31 -3.54
C HIS C 24 -8.84 -4.99 -2.12
N LEU C 25 -9.44 -3.82 -1.95
CA LEU C 25 -9.93 -3.39 -0.62
C LEU C 25 -10.56 -4.54 0.16
N SER C 26 -11.59 -5.15 -0.42
CA SER C 26 -12.30 -6.25 0.23
C SER C 26 -11.43 -7.49 0.44
N ASN C 27 -10.27 -7.52 -0.20
CA ASN C 27 -9.36 -8.66 -0.08
C ASN C 27 -7.96 -8.29 -0.59
N PRO C 28 -7.32 -7.28 0.03
CA PRO C 28 -5.99 -6.82 -0.37
C PRO C 28 -4.90 -7.81 0.02
N TYR C 29 -4.71 -8.81 -0.82
CA TYR C 29 -3.70 -9.82 -0.57
C TYR C 29 -2.72 -9.84 -1.74
N PRO C 30 -1.62 -9.07 -1.63
CA PRO C 30 -0.60 -8.99 -2.68
C PRO C 30 0.07 -10.33 -2.88
N SER C 31 -0.49 -11.11 -3.79
CA SER C 31 0.04 -12.44 -4.11
C SER C 31 1.55 -12.44 -4.15
N GLU C 32 2.12 -13.64 -4.20
CA GLU C 32 3.56 -13.81 -4.24
C GLU C 32 4.19 -12.83 -5.22
N GLU C 33 3.60 -12.73 -6.41
CA GLU C 33 4.12 -11.83 -7.42
C GLU C 33 3.87 -10.38 -7.02
N ALA C 34 2.75 -10.15 -6.36
CA ALA C 34 2.40 -8.80 -5.91
C ALA C 34 3.42 -8.30 -4.90
N LYS C 35 3.58 -9.03 -3.80
CA LYS C 35 4.54 -8.64 -2.78
C LYS C 35 5.95 -8.60 -3.36
N GLU C 36 6.15 -9.33 -4.46
CA GLU C 36 7.43 -9.33 -5.14
C GLU C 36 7.57 -8.03 -5.93
N GLU C 37 6.65 -7.80 -6.86
CA GLU C 37 6.66 -6.58 -7.66
C GLU C 37 6.59 -5.37 -6.75
N LEU C 38 5.63 -5.38 -5.83
CA LEU C 38 5.47 -4.29 -4.88
C LEU C 38 6.78 -4.01 -4.17
N ALA C 39 7.28 -5.01 -3.45
CA ALA C 39 8.53 -4.91 -2.71
C ALA C 39 9.70 -4.46 -3.59
N LYS C 40 9.67 -4.82 -4.87
CA LYS C 40 10.73 -4.43 -5.80
C LYS C 40 10.55 -2.97 -6.17
N LYS C 41 9.31 -2.64 -6.46
CA LYS C 41 8.91 -1.30 -6.85
C LYS C 41 9.04 -0.32 -5.69
N SER C 42 8.54 -0.72 -4.54
CA SER C 42 8.55 0.09 -3.35
C SER C 42 9.94 0.19 -2.71
N GLY C 43 10.54 -0.96 -2.46
CA GLY C 43 11.85 -0.99 -1.83
C GLY C 43 11.78 -1.68 -0.47
N ILE C 44 10.73 -2.47 -0.29
CA ILE C 44 10.50 -3.22 0.94
C ILE C 44 10.78 -4.69 0.70
N THR C 45 10.34 -5.54 1.61
CA THR C 45 10.51 -6.97 1.44
C THR C 45 9.12 -7.61 1.43
N VAL C 46 8.95 -8.60 0.56
CA VAL C 46 7.67 -9.30 0.44
C VAL C 46 6.83 -9.23 1.72
N SER C 47 7.23 -10.01 2.72
CA SER C 47 6.53 -10.07 4.00
C SER C 47 6.11 -8.70 4.52
N GLN C 48 6.86 -7.65 4.21
CA GLN C 48 6.51 -6.32 4.67
C GLN C 48 5.21 -5.86 4.00
N VAL C 49 5.08 -6.15 2.71
CA VAL C 49 3.89 -5.78 1.98
C VAL C 49 2.63 -6.31 2.68
N SER C 50 2.61 -7.62 2.94
CA SER C 50 1.46 -8.23 3.62
C SER C 50 1.21 -7.52 4.96
N ASN C 51 2.27 -6.98 5.54
CA ASN C 51 2.17 -6.26 6.79
C ASN C 51 1.52 -4.90 6.56
N TRP C 52 2.06 -4.17 5.60
CA TRP C 52 1.58 -2.85 5.22
C TRP C 52 0.10 -2.89 4.82
N PHE C 53 -0.20 -3.71 3.82
CA PHE C 53 -1.56 -3.86 3.32
C PHE C 53 -2.55 -4.07 4.45
N GLY C 54 -2.30 -5.08 5.29
CA GLY C 54 -3.18 -5.35 6.41
C GLY C 54 -3.48 -4.12 7.24
N ASN C 55 -2.48 -3.26 7.44
CA ASN C 55 -2.65 -2.05 8.23
C ASN C 55 -3.54 -1.04 7.52
N LYS C 56 -3.37 -0.90 6.21
CA LYS C 56 -4.15 0.06 5.42
C LYS C 56 -5.66 -0.13 5.64
N ARG C 57 -6.10 -1.37 5.72
CA ARG C 57 -7.52 -1.63 5.94
C ARG C 57 -7.91 -1.15 7.34
N ILE C 58 -7.01 -1.36 8.28
CA ILE C 58 -7.26 -0.96 9.65
C ILE C 58 -7.60 0.52 9.68
N ARG C 59 -6.64 1.35 9.29
CA ARG C 59 -6.87 2.80 9.24
C ARG C 59 -8.17 3.13 8.51
N TYR C 60 -8.51 2.30 7.53
CA TYR C 60 -9.73 2.44 6.75
C TYR C 60 -10.95 2.53 7.68
N LYS C 61 -11.18 1.45 8.42
CA LYS C 61 -12.29 1.34 9.37
C LYS C 61 -12.44 2.57 10.26
N LYS C 62 -11.38 3.34 10.39
CA LYS C 62 -11.42 4.54 11.22
C LYS C 62 -11.92 5.73 10.42
N ASN C 63 -11.54 5.78 9.15
CA ASN C 63 -11.88 6.92 8.31
C ASN C 63 -12.39 6.53 6.93
N ILE C 64 -13.04 5.37 6.82
CA ILE C 64 -13.59 4.87 5.55
C ILE C 64 -13.66 5.90 4.41
N GLY C 65 -14.53 6.88 4.56
CA GLY C 65 -14.72 7.91 3.54
C GLY C 65 -13.44 8.59 3.08
N LYS C 66 -12.41 8.54 3.92
CA LYS C 66 -11.15 9.17 3.60
C LYS C 66 -10.44 8.41 2.48
N PHE C 67 -10.52 7.08 2.51
CA PHE C 67 -9.88 6.26 1.47
C PHE C 67 -10.67 6.26 0.17
N GLN C 68 -11.97 6.52 0.24
CA GLN C 68 -12.79 6.54 -0.96
C GLN C 68 -12.32 7.63 -1.90
N GLU C 69 -12.46 8.88 -1.47
CA GLU C 69 -12.03 10.01 -2.28
C GLU C 69 -10.59 9.81 -2.76
N GLU C 70 -9.72 9.45 -1.81
CA GLU C 70 -8.33 9.19 -2.12
C GLU C 70 -8.24 8.07 -3.14
N ALA C 71 -8.91 6.97 -2.83
CA ALA C 71 -8.92 5.80 -3.70
C ALA C 71 -9.14 6.24 -5.15
N ASN C 72 -10.04 7.19 -5.35
CA ASN C 72 -10.31 7.70 -6.69
C ASN C 72 -9.11 8.50 -7.19
N ILE C 73 -8.50 9.25 -6.27
CA ILE C 73 -7.33 10.06 -6.59
C ILE C 73 -6.16 9.19 -7.01
N TYR C 74 -5.91 8.14 -6.24
CA TYR C 74 -4.81 7.21 -6.54
C TYR C 74 -5.14 6.33 -7.74
N ALA C 75 -6.37 6.41 -8.21
CA ALA C 75 -6.80 5.62 -9.37
C ALA C 75 -6.37 6.27 -10.68
N ALA C 76 -6.83 7.50 -10.89
CA ALA C 76 -6.51 8.24 -12.10
C ALA C 76 -5.01 8.41 -12.29
N LYS C 77 -4.24 8.34 -11.20
CA LYS C 77 -2.80 8.50 -11.28
C LYS C 77 -2.09 7.18 -11.55
N THR C 78 -2.52 6.48 -12.59
CA THR C 78 -1.91 5.21 -12.96
C THR C 78 -0.75 5.42 -13.93
N ALA C 79 0.26 4.55 -13.83
CA ALA C 79 1.44 4.66 -14.70
C ALA C 79 2.25 5.91 -14.39
N VAL C 80 2.07 6.47 -13.21
CA VAL C 80 2.79 7.66 -12.81
C VAL C 80 4.16 7.31 -12.22
N THR C 81 4.18 6.32 -11.33
CA THR C 81 5.43 5.87 -10.69
C THR C 81 6.23 7.05 -10.17
N ALA C 82 5.54 8.05 -9.64
CA ALA C 82 6.20 9.23 -9.09
C ALA C 82 7.02 9.94 -10.16
N MET C 1 10.79 -4.19 20.38
CA MET C 1 9.97 -3.54 21.44
C MET C 1 8.85 -2.71 20.83
N ALA C 2 8.14 -1.96 21.66
CA ALA C 2 7.03 -1.15 21.19
C ALA C 2 7.54 0.02 20.36
N ARG C 3 8.69 0.54 20.74
CA ARG C 3 9.29 1.68 20.07
C ARG C 3 9.36 1.46 18.55
N ARG C 4 8.27 1.79 17.87
CA ARG C 4 8.20 1.63 16.41
C ARG C 4 7.16 2.55 15.80
N LYS C 5 7.32 2.87 14.52
CA LYS C 5 6.37 3.69 13.84
C LYS C 5 6.71 3.87 12.35
N ARG C 6 7.73 4.67 12.03
CA ARG C 6 8.05 4.93 10.63
C ARG C 6 9.52 5.17 10.39
N ARG C 7 9.91 4.96 9.12
CA ARG C 7 11.27 5.11 8.62
C ARG C 7 11.52 4.03 7.59
N ASN C 8 10.75 2.95 7.73
CA ASN C 8 10.82 1.80 6.86
C ASN C 8 10.42 2.13 5.41
N PHE C 9 9.15 1.92 5.06
CA PHE C 9 8.67 2.19 3.70
C PHE C 9 8.84 3.66 3.33
N ASN C 10 9.78 3.92 2.44
CA ASN C 10 10.04 5.28 2.00
C ASN C 10 8.87 5.81 1.17
N LYS C 11 8.93 7.08 0.77
CA LYS C 11 7.85 7.68 -0.02
C LYS C 11 7.62 6.96 -1.34
N GLN C 12 8.57 6.12 -1.74
CA GLN C 12 8.44 5.37 -2.98
C GLN C 12 7.52 4.18 -2.79
N ALA C 13 7.76 3.44 -1.72
CA ALA C 13 6.95 2.26 -1.40
C ALA C 13 5.51 2.64 -1.11
N THR C 14 5.33 3.72 -0.35
CA THR C 14 3.99 4.16 0.02
C THR C 14 3.11 4.39 -1.21
N GLU C 15 3.58 5.23 -2.14
CA GLU C 15 2.82 5.52 -3.36
C GLU C 15 2.46 4.24 -4.10
N ILE C 16 3.40 3.31 -4.11
CA ILE C 16 3.23 2.03 -4.79
C ILE C 16 2.23 1.11 -4.08
N LEU C 17 2.48 0.86 -2.80
CA LEU C 17 1.62 -0.03 -2.04
C LEU C 17 0.18 0.48 -1.94
N ASN C 18 0.00 1.78 -1.64
CA ASN C 18 -1.35 2.33 -1.54
C ASN C 18 -2.09 2.22 -2.87
N GLU C 19 -1.48 2.70 -3.95
CA GLU C 19 -2.10 2.65 -5.27
C GLU C 19 -2.65 1.25 -5.56
N TYR C 20 -1.92 0.23 -5.14
CA TYR C 20 -2.35 -1.14 -5.35
C TYR C 20 -3.39 -1.51 -4.30
N PHE C 21 -3.17 -1.04 -3.07
CA PHE C 21 -4.10 -1.28 -1.97
C PHE C 21 -5.52 -0.92 -2.37
N TYR C 22 -5.69 0.27 -2.92
CA TYR C 22 -6.99 0.76 -3.36
C TYR C 22 -7.62 -0.12 -4.45
N SER C 23 -7.01 -1.27 -4.71
CA SER C 23 -7.52 -2.19 -5.72
C SER C 23 -8.04 -3.47 -5.05
N HIS C 24 -7.51 -3.77 -3.87
CA HIS C 24 -7.93 -4.95 -3.11
C HIS C 24 -8.44 -4.57 -1.72
N LEU C 25 -9.10 -3.42 -1.64
CA LEU C 25 -9.65 -2.96 -0.37
C LEU C 25 -10.38 -4.07 0.38
N SER C 26 -11.44 -4.60 -0.23
CA SER C 26 -12.24 -5.65 0.38
C SER C 26 -11.41 -6.90 0.70
N ASN C 27 -10.25 -7.03 0.06
CA ASN C 27 -9.37 -8.18 0.29
C ASN C 27 -7.93 -7.84 -0.03
N PRO C 28 -7.31 -6.95 0.76
CA PRO C 28 -5.92 -6.52 0.56
C PRO C 28 -4.93 -7.64 0.83
N TYR C 29 -4.66 -8.42 -0.20
CA TYR C 29 -3.73 -9.54 -0.07
C TYR C 29 -2.74 -9.55 -1.23
N PRO C 30 -1.63 -8.80 -1.11
CA PRO C 30 -0.60 -8.77 -2.15
C PRO C 30 0.04 -10.13 -2.30
N SER C 31 -0.58 -10.96 -3.12
CA SER C 31 -0.13 -12.32 -3.37
C SER C 31 1.40 -12.37 -3.48
N GLU C 32 1.92 -13.58 -3.49
CA GLU C 32 3.36 -13.79 -3.59
C GLU C 32 3.94 -12.89 -4.66
N GLU C 33 3.29 -12.86 -5.82
CA GLU C 33 3.76 -12.04 -6.92
C GLU C 33 3.55 -10.56 -6.62
N ALA C 34 2.48 -10.25 -5.88
CA ALA C 34 2.19 -8.87 -5.53
C ALA C 34 3.24 -8.32 -4.58
N LYS C 35 3.41 -8.99 -3.45
CA LYS C 35 4.41 -8.58 -2.47
C LYS C 35 5.80 -8.60 -3.10
N GLU C 36 5.94 -9.41 -4.14
CA GLU C 36 7.20 -9.51 -4.87
C GLU C 36 7.34 -8.27 -5.74
N GLU C 37 6.40 -8.07 -6.65
CA GLU C 37 6.42 -6.89 -7.52
C GLU C 37 6.42 -5.64 -6.67
N LEU C 38 5.51 -5.59 -5.70
CA LEU C 38 5.42 -4.45 -4.78
C LEU C 38 6.78 -4.18 -4.14
N ALA C 39 7.27 -5.17 -3.41
CA ALA C 39 8.56 -5.05 -2.73
C ALA C 39 9.68 -4.67 -3.68
N LYS C 40 9.58 -5.10 -4.94
CA LYS C 40 10.59 -4.78 -5.94
C LYS C 40 10.41 -3.34 -6.39
N LYS C 41 9.16 -3.00 -6.62
CA LYS C 41 8.76 -1.68 -7.04
C LYS C 41 8.99 -0.64 -5.94
N SER C 42 8.56 -0.99 -4.74
CA SER C 42 8.66 -0.12 -3.58
C SER C 42 10.10 -0.01 -3.08
N GLY C 43 10.70 -1.16 -2.83
CA GLY C 43 12.05 -1.20 -2.30
C GLY C 43 12.07 -1.80 -0.91
N ILE C 44 11.03 -2.58 -0.62
CA ILE C 44 10.88 -3.25 0.66
C ILE C 44 11.08 -4.75 0.47
N THR C 45 10.62 -5.55 1.42
CA THR C 45 10.71 -6.99 1.30
C THR C 45 9.32 -7.57 1.37
N VAL C 46 9.08 -8.61 0.60
CA VAL C 46 7.78 -9.27 0.58
C VAL C 46 7.01 -9.07 1.89
N SER C 47 7.43 -9.80 2.92
CA SER C 47 6.78 -9.73 4.24
C SER C 47 6.43 -8.31 4.68
N GLN C 48 7.21 -7.30 4.27
CA GLN C 48 6.91 -5.94 4.65
C GLN C 48 5.62 -5.48 3.98
N VAL C 49 5.41 -5.94 2.76
CA VAL C 49 4.22 -5.58 2.01
C VAL C 49 2.97 -6.09 2.74
N SER C 50 2.90 -7.40 2.97
CA SER C 50 1.77 -7.99 3.68
C SER C 50 1.57 -7.30 5.02
N ASN C 51 2.67 -6.75 5.55
CA ASN C 51 2.64 -6.03 6.80
C ASN C 51 1.98 -4.67 6.58
N TRP C 52 2.47 -3.95 5.57
CA TRP C 52 1.95 -2.64 5.21
C TRP C 52 0.45 -2.73 4.91
N PHE C 53 0.11 -3.53 3.91
CA PHE C 53 -1.28 -3.71 3.49
C PHE C 53 -2.16 -3.99 4.70
N GLY C 54 -1.81 -5.02 5.46
CA GLY C 54 -2.58 -5.39 6.64
C GLY C 54 -3.19 -4.19 7.35
N ASN C 55 -2.34 -3.33 7.91
CA ASN C 55 -2.80 -2.14 8.61
C ASN C 55 -3.36 -1.09 7.67
N LYS C 56 -3.02 -1.20 6.38
CA LYS C 56 -3.52 -0.24 5.38
C LYS C 56 -5.04 -0.21 5.35
N ARG C 57 -5.66 -1.39 5.41
CA ARG C 57 -7.12 -1.46 5.42
C ARG C 57 -7.64 -1.06 6.78
N ILE C 58 -6.94 -1.52 7.82
CA ILE C 58 -7.34 -1.19 9.19
C ILE C 58 -7.42 0.33 9.27
N ARG C 59 -6.34 0.99 8.87
CA ARG C 59 -6.27 2.44 8.85
C ARG C 59 -7.48 2.99 8.08
N TYR C 60 -7.78 2.38 6.94
CA TYR C 60 -8.91 2.77 6.11
C TYR C 60 -10.20 2.92 6.94
N LYS C 61 -10.56 1.85 7.63
CA LYS C 61 -11.75 1.79 8.49
C LYS C 61 -11.83 2.93 9.52
N LYS C 62 -10.71 3.56 9.76
CA LYS C 62 -10.68 4.66 10.71
C LYS C 62 -11.44 5.84 10.12
N ASN C 63 -11.30 6.01 8.82
CA ASN C 63 -11.96 7.11 8.13
C ASN C 63 -12.52 6.71 6.76
N ILE C 64 -13.21 5.57 6.72
CA ILE C 64 -13.85 5.04 5.51
C ILE C 64 -13.95 6.03 4.33
N GLY C 65 -14.83 7.03 4.48
CA GLY C 65 -15.05 8.01 3.42
C GLY C 65 -13.81 8.76 2.99
N LYS C 66 -12.85 8.87 3.89
CA LYS C 66 -11.62 9.57 3.61
C LYS C 66 -10.83 8.82 2.54
N PHE C 67 -10.83 7.50 2.64
CA PHE C 67 -10.09 6.66 1.69
C PHE C 67 -10.83 6.48 0.38
N GLN C 68 -12.15 6.68 0.38
CA GLN C 68 -12.91 6.55 -0.85
C GLN C 68 -12.41 7.56 -1.86
N GLU C 69 -12.47 8.83 -1.50
CA GLU C 69 -11.98 9.89 -2.38
C GLU C 69 -10.56 9.58 -2.83
N GLU C 70 -9.70 9.25 -1.86
CA GLU C 70 -8.32 8.90 -2.17
C GLU C 70 -8.31 7.73 -3.13
N ALA C 71 -9.05 6.69 -2.76
CA ALA C 71 -9.15 5.49 -3.57
C ALA C 71 -9.34 5.84 -5.04
N ASN C 72 -10.17 6.86 -5.30
CA ASN C 72 -10.40 7.30 -6.67
C ASN C 72 -9.19 8.04 -7.21
N ILE C 73 -8.52 8.79 -6.34
CA ILE C 73 -7.33 9.54 -6.72
C ILE C 73 -6.20 8.61 -7.14
N TYR C 74 -5.84 7.69 -6.26
CA TYR C 74 -4.77 6.73 -6.54
C TYR C 74 -5.17 5.78 -7.67
N ALA C 75 -6.47 5.60 -7.85
CA ALA C 75 -6.98 4.72 -8.88
C ALA C 75 -6.65 5.25 -10.28
N ALA C 76 -7.13 6.46 -10.57
CA ALA C 76 -6.90 7.09 -11.87
C ALA C 76 -5.41 7.13 -12.24
N LYS C 77 -4.55 7.06 -11.23
CA LYS C 77 -3.10 7.10 -11.48
C LYS C 77 -2.52 5.69 -11.58
N THR C 78 -1.30 5.60 -12.11
CA THR C 78 -0.60 4.33 -12.28
C THR C 78 -1.44 3.29 -13.01
N ALA C 79 -0.88 2.75 -14.09
CA ALA C 79 -1.59 1.74 -14.89
C ALA C 79 -2.76 2.34 -15.67
N VAL C 80 -2.85 3.67 -15.67
CA VAL C 80 -3.94 4.34 -16.37
C VAL C 80 -3.58 4.57 -17.85
N THR C 81 -2.36 5.03 -18.09
CA THR C 81 -1.89 5.30 -19.45
C THR C 81 -1.11 4.10 -19.99
N ALA C 82 -1.84 3.12 -20.53
CA ALA C 82 -1.23 1.93 -21.09
C ALA C 82 -0.85 2.13 -22.56
N MET C 1 17.98 4.05 16.01
CA MET C 1 17.11 2.89 15.65
C MET C 1 16.18 2.52 16.80
N ALA C 2 15.05 3.20 16.87
CA ALA C 2 14.06 2.96 17.92
C ALA C 2 13.31 1.65 17.69
N ARG C 3 12.31 1.38 18.53
CA ARG C 3 11.53 0.15 18.42
C ARG C 3 10.94 -0.03 17.02
N ARG C 4 9.97 0.82 16.64
CA ARG C 4 9.36 0.70 15.32
C ARG C 4 8.33 1.80 15.09
N LYS C 5 8.21 2.29 13.86
CA LYS C 5 7.22 3.30 13.58
C LYS C 5 7.22 3.70 12.09
N ARG C 6 8.30 4.32 11.61
CA ARG C 6 8.35 4.74 10.21
C ARG C 6 9.77 5.17 9.81
N ARG C 7 9.97 5.21 8.49
CA ARG C 7 11.24 5.57 7.85
C ARG C 7 11.50 4.58 6.72
N ASN C 8 10.97 3.38 6.90
CA ASN C 8 11.12 2.31 5.93
C ASN C 8 10.61 2.71 4.55
N PHE C 9 9.30 2.58 4.31
CA PHE C 9 8.73 2.90 3.01
C PHE C 9 8.74 4.40 2.73
N ASN C 10 9.62 4.83 1.84
CA ASN C 10 9.72 6.22 1.48
C ASN C 10 8.50 6.65 0.66
N LYS C 11 8.46 7.92 0.23
CA LYS C 11 7.33 8.42 -0.55
C LYS C 11 7.12 7.65 -1.85
N GLN C 12 8.13 6.89 -2.26
CA GLN C 12 8.01 6.10 -3.49
C GLN C 12 7.19 4.84 -3.25
N ALA C 13 7.51 4.14 -2.18
CA ALA C 13 6.82 2.91 -1.83
C ALA C 13 5.36 3.17 -1.48
N THR C 14 5.11 4.26 -0.77
CA THR C 14 3.75 4.60 -0.37
C THR C 14 2.83 4.77 -1.58
N GLU C 15 3.21 5.63 -2.51
CA GLU C 15 2.41 5.88 -3.71
C GLU C 15 2.10 4.57 -4.43
N ILE C 16 3.09 3.68 -4.44
CA ILE C 16 2.99 2.40 -5.11
C ILE C 16 2.07 1.41 -4.38
N LEU C 17 2.37 1.17 -3.11
CA LEU C 17 1.60 0.22 -2.31
C LEU C 17 0.12 0.63 -2.17
N ASN C 18 -0.16 1.90 -1.91
CA ASN C 18 -1.55 2.33 -1.76
C ASN C 18 -2.34 2.09 -3.03
N GLU C 19 -1.83 2.56 -4.16
CA GLU C 19 -2.49 2.38 -5.44
C GLU C 19 -2.95 0.94 -5.64
N TYR C 20 -2.14 -0.01 -5.15
CA TYR C 20 -2.48 -1.42 -5.27
C TYR C 20 -3.48 -1.84 -4.19
N PHE C 21 -3.23 -1.39 -2.97
CA PHE C 21 -4.10 -1.71 -1.84
C PHE C 21 -5.56 -1.43 -2.18
N TYR C 22 -5.83 -0.28 -2.78
CA TYR C 22 -7.20 0.11 -3.15
C TYR C 22 -7.84 -0.90 -4.13
N SER C 23 -7.22 -2.06 -4.30
CA SER C 23 -7.74 -3.09 -5.18
C SER C 23 -8.09 -4.35 -4.39
N HIS C 24 -7.50 -4.48 -3.19
CA HIS C 24 -7.74 -5.63 -2.32
C HIS C 24 -8.25 -5.16 -0.96
N LEU C 25 -9.02 -4.08 -0.95
CA LEU C 25 -9.57 -3.52 0.29
C LEU C 25 -10.14 -4.60 1.21
N SER C 26 -11.23 -5.23 0.78
CA SER C 26 -11.89 -6.24 1.60
C SER C 26 -11.11 -7.57 1.64
N ASN C 27 -9.86 -7.54 1.21
CA ASN C 27 -9.02 -8.73 1.20
C ASN C 27 -7.59 -8.35 0.81
N PRO C 28 -6.96 -7.42 1.55
CA PRO C 28 -5.61 -6.93 1.25
C PRO C 28 -4.48 -7.89 1.62
N TYR C 29 -4.00 -8.59 0.60
CA TYR C 29 -2.86 -9.49 0.74
C TYR C 29 -2.16 -9.63 -0.61
N PRO C 30 -1.06 -8.89 -0.81
CA PRO C 30 -0.28 -8.93 -2.06
C PRO C 30 0.37 -10.26 -2.28
N SER C 31 -0.19 -11.03 -3.19
CA SER C 31 0.31 -12.35 -3.53
C SER C 31 1.83 -12.34 -3.61
N GLU C 32 2.42 -13.52 -3.54
CA GLU C 32 3.87 -13.66 -3.59
C GLU C 32 4.47 -12.76 -4.65
N GLU C 33 3.86 -12.73 -5.83
CA GLU C 33 4.36 -11.91 -6.91
C GLU C 33 4.13 -10.44 -6.62
N ALA C 34 3.05 -10.15 -5.90
CA ALA C 34 2.71 -8.79 -5.55
C ALA C 34 3.80 -8.19 -4.66
N LYS C 35 4.07 -8.83 -3.52
CA LYS C 35 5.11 -8.32 -2.62
C LYS C 35 6.45 -8.24 -3.34
N GLU C 36 6.58 -9.03 -4.40
CA GLU C 36 7.78 -9.02 -5.21
C GLU C 36 7.79 -7.77 -6.08
N GLU C 37 6.78 -7.64 -6.92
CA GLU C 37 6.66 -6.48 -7.80
C GLU C 37 6.62 -5.21 -6.95
N LEU C 38 5.75 -5.19 -5.95
CA LEU C 38 5.64 -4.03 -5.06
C LEU C 38 7.01 -3.66 -4.49
N ALA C 39 7.59 -4.59 -3.73
CA ALA C 39 8.88 -4.38 -3.11
C ALA C 39 9.94 -3.93 -4.12
N LYS C 40 9.81 -4.40 -5.36
CA LYS C 40 10.76 -4.03 -6.40
C LYS C 40 10.47 -2.62 -6.87
N LYS C 41 9.18 -2.37 -7.04
CA LYS C 41 8.68 -1.07 -7.49
C LYS C 41 8.88 -0.01 -6.42
N SER C 42 8.50 -0.33 -5.20
CA SER C 42 8.58 0.58 -4.07
C SER C 42 10.02 0.75 -3.59
N GLY C 43 10.69 -0.37 -3.34
CA GLY C 43 12.06 -0.33 -2.85
C GLY C 43 12.14 -0.89 -1.44
N ILE C 44 11.16 -1.72 -1.09
CA ILE C 44 11.08 -2.35 0.21
C ILE C 44 11.38 -3.84 0.08
N THR C 45 11.01 -4.61 1.08
CA THR C 45 11.20 -6.05 1.04
C THR C 45 9.84 -6.71 1.18
N VAL C 46 9.64 -7.79 0.45
CA VAL C 46 8.38 -8.52 0.48
C VAL C 46 7.63 -8.32 1.81
N SER C 47 8.11 -8.98 2.85
CA SER C 47 7.50 -8.91 4.18
C SER C 47 7.06 -7.49 4.58
N GLN C 48 7.76 -6.46 4.11
CA GLN C 48 7.38 -5.09 4.44
C GLN C 48 6.04 -4.75 3.81
N VAL C 49 5.81 -5.27 2.61
CA VAL C 49 4.56 -5.03 1.91
C VAL C 49 3.37 -5.57 2.71
N SER C 50 3.41 -6.86 3.03
CA SER C 50 2.33 -7.48 3.82
C SER C 50 2.14 -6.72 5.13
N ASN C 51 3.21 -6.11 5.60
CA ASN C 51 3.18 -5.32 6.82
C ASN C 51 2.47 -4.00 6.54
N TRP C 52 2.94 -3.32 5.49
CA TRP C 52 2.37 -2.06 5.07
C TRP C 52 0.88 -2.20 4.78
N PHE C 53 0.56 -3.09 3.84
CA PHE C 53 -0.83 -3.35 3.46
C PHE C 53 -1.69 -3.58 4.70
N GLY C 54 -1.28 -4.52 5.53
CA GLY C 54 -2.02 -4.84 6.74
C GLY C 54 -2.70 -3.63 7.39
N ASN C 55 -1.91 -2.65 7.81
CA ASN C 55 -2.44 -1.46 8.46
C ASN C 55 -3.26 -0.57 7.50
N LYS C 56 -3.10 -0.77 6.19
CA LYS C 56 -3.84 0.01 5.21
C LYS C 56 -5.36 -0.15 5.38
N ARG C 57 -5.80 -1.40 5.43
CA ARG C 57 -7.23 -1.68 5.62
C ARG C 57 -7.66 -1.22 7.00
N ILE C 58 -6.83 -1.48 7.99
CA ILE C 58 -7.16 -1.10 9.35
C ILE C 58 -7.47 0.39 9.39
N ARG C 59 -6.53 1.21 8.92
CA ARG C 59 -6.73 2.66 8.88
C ARG C 59 -8.00 3.00 8.10
N TYR C 60 -8.30 2.20 7.08
CA TYR C 60 -9.50 2.42 6.26
C TYR C 60 -10.73 2.60 7.17
N LYS C 61 -10.97 1.59 7.99
CA LYS C 61 -12.10 1.58 8.93
C LYS C 61 -12.17 2.82 9.82
N LYS C 62 -11.04 3.49 9.97
CA LYS C 62 -10.99 4.68 10.80
C LYS C 62 -11.72 5.82 10.09
N ASN C 63 -11.52 5.89 8.79
CA ASN C 63 -12.13 6.95 7.99
C ASN C 63 -12.72 6.44 6.68
N ILE C 64 -13.42 5.30 6.74
CA ILE C 64 -14.08 4.68 5.58
C ILE C 64 -14.19 5.57 4.33
N GLY C 65 -15.08 6.56 4.41
CA GLY C 65 -15.33 7.46 3.27
C GLY C 65 -14.11 8.20 2.77
N LYS C 66 -13.13 8.37 3.64
CA LYS C 66 -11.90 9.06 3.27
C LYS C 66 -11.15 8.25 2.24
N PHE C 67 -11.13 6.94 2.42
CA PHE C 67 -10.43 6.04 1.50
C PHE C 67 -11.25 5.77 0.25
N GLN C 68 -12.58 5.91 0.34
CA GLN C 68 -13.43 5.69 -0.82
C GLN C 68 -12.96 6.57 -1.97
N GLU C 69 -13.08 7.88 -1.77
CA GLU C 69 -12.66 8.85 -2.79
C GLU C 69 -11.23 8.57 -3.23
N GLU C 70 -10.34 8.35 -2.25
CA GLU C 70 -8.95 8.04 -2.54
C GLU C 70 -8.89 6.84 -3.47
N ALA C 71 -9.55 5.76 -3.04
CA ALA C 71 -9.61 4.53 -3.81
C ALA C 71 -9.88 4.82 -5.28
N ASN C 72 -10.81 5.74 -5.54
CA ASN C 72 -11.15 6.11 -6.91
C ASN C 72 -10.04 6.95 -7.52
N ILE C 73 -9.40 7.75 -6.68
CA ILE C 73 -8.31 8.62 -7.13
C ILE C 73 -7.11 7.79 -7.60
N TYR C 74 -6.55 7.03 -6.67
CA TYR C 74 -5.40 6.19 -6.95
C TYR C 74 -5.74 5.07 -7.91
N ALA C 75 -7.00 4.66 -7.93
CA ALA C 75 -7.45 3.59 -8.81
C ALA C 75 -7.14 3.91 -10.27
N ALA C 76 -7.65 5.05 -10.73
CA ALA C 76 -7.45 5.49 -12.12
C ALA C 76 -5.99 5.50 -12.51
N LYS C 77 -5.15 6.10 -11.68
CA LYS C 77 -3.71 6.19 -11.95
C LYS C 77 -3.04 4.80 -11.87
N THR C 78 -2.34 4.53 -10.77
CA THR C 78 -1.65 3.26 -10.59
C THR C 78 -0.61 3.04 -11.69
N ALA C 79 0.44 2.29 -11.36
CA ALA C 79 1.50 2.00 -12.33
C ALA C 79 2.32 3.26 -12.65
N VAL C 80 2.12 4.32 -11.88
CA VAL C 80 2.84 5.57 -12.08
C VAL C 80 4.18 5.56 -11.36
N THR C 81 5.21 6.10 -12.01
CA THR C 81 6.54 6.15 -11.43
C THR C 81 6.76 7.48 -10.71
N ALA C 82 6.25 8.56 -11.29
CA ALA C 82 6.40 9.89 -10.70
C ALA C 82 7.87 10.26 -10.55
#